data_8V6P
#
_entry.id   8V6P
#
_cell.length_a   151.635
_cell.length_b   211.340
_cell.length_c   60.956
_cell.angle_alpha   90.000
_cell.angle_beta   90.000
_cell.angle_gamma   90.000
#
_symmetry.space_group_name_H-M   'P 21 21 2'
#
loop_
_entity.id
_entity.type
_entity.pdbx_description
1 polymer Tryptophanase
2 non-polymer 'POTASSIUM ION'
3 non-polymer (E)-N-({3-hydroxy-2-methyl-5-[(phosphonooxy)methyl]pyridin-4-yl}methylidene)-3-(1H-pyrrolo[2,3-b]pyridin-3-yl)-L-alanine
4 non-polymer 'DIMETHYL SULFOXIDE'
5 non-polymer '(2E)-2-{[(Z)-{3-hydroxy-2-methyl-5-[(phosphonooxy)methyl]pyridin-4(1H)-ylidene}methyl]imino}-3-(1H-pyrrolo[2,3-b]pyridin-3-yl)propanoic acid'
6 water water
#
_entity_poly.entity_id   1
_entity_poly.type   'polypeptide(L)'
_entity_poly.pdbx_seq_one_letter_code
;MAKRIVEPFRIKMVEKIRVPSREEREAALKEAGYNPFLLPSSAVYIDLLTDSGTNAMSDHQWAAMITGDEAYAGSRNYYD
LKDKAKELFNYDYIIPAHQGRGAENILFPVLLKYKQKEGKAKNPVFISNFHFDTTAAHVELNGCKAINIVTEKAFDSETY
DDWKGDFDIKKLKENIAQHGADNIVAIVSTVTCNSAGGQPVSMSNLKEVYEIAKQHGIFVVMDSARFCENAYFIKARDPK
YKNATIKEVIFDMYKYADALTMSAKKDPLLNIGGLVAIRDNEEIFTLARQRCVPMEGFVTYGGLAGRDMAAMVQGLEEGT
EEEYLHYRIGQVKYLGDRLREAGIPIQYPTGGHAVFVDCKKLVPQIPGDQFPAQAVINALYLESGVRAVEIGSFLLGRDP
ATGEQKHADMEFMRLTIARRVYTNDHMDYIADALIGLKEKFATLKGLEFEYEPPVLRHFTARLKPIE
;
_entity_poly.pdbx_strand_id   A,B,C,D
#
# COMPACT_ATOMS: atom_id res chain seq x y z
N ALA A 2 -28.61 24.18 -7.99
CA ALA A 2 -27.65 23.18 -7.52
C ALA A 2 -26.23 23.57 -7.91
N LYS A 3 -25.32 23.54 -6.95
CA LYS A 3 -23.93 23.94 -7.18
C LYS A 3 -23.00 22.76 -6.91
N ARG A 4 -22.16 22.44 -7.89
CA ARG A 4 -21.17 21.38 -7.76
CA ARG A 4 -21.16 21.38 -7.76
C ARG A 4 -19.91 21.97 -7.13
N ILE A 5 -19.48 21.38 -6.01
CA ILE A 5 -18.27 21.81 -5.33
C ILE A 5 -17.16 20.82 -5.64
N VAL A 6 -16.01 21.33 -6.09
CA VAL A 6 -14.93 20.46 -6.56
C VAL A 6 -14.25 19.74 -5.39
N GLU A 7 -13.79 18.51 -5.66
CA GLU A 7 -13.09 17.73 -4.66
C GLU A 7 -11.79 18.41 -4.24
N PRO A 8 -11.51 18.54 -2.94
CA PRO A 8 -10.22 19.06 -2.49
C PRO A 8 -9.16 17.97 -2.39
N PHE A 9 -9.26 16.98 -3.27
CA PHE A 9 -8.30 15.89 -3.36
C PHE A 9 -8.34 15.36 -4.78
N ARG A 10 -7.43 14.45 -5.07
CA ARG A 10 -7.51 13.70 -6.31
C ARG A 10 -7.49 12.22 -5.96
N ILE A 11 -7.84 11.42 -6.94
CA ILE A 11 -8.02 10.00 -6.71
C ILE A 11 -6.66 9.32 -6.72
N LYS A 12 -6.42 8.42 -5.77
CA LYS A 12 -5.20 7.62 -5.77
C LYS A 12 -5.43 6.13 -6.01
N MET A 13 -6.60 5.59 -5.64
CA MET A 13 -6.88 4.17 -5.82
CA MET A 13 -6.87 4.17 -5.86
C MET A 13 -8.37 4.03 -6.08
N VAL A 14 -8.74 3.13 -7.00
CA VAL A 14 -10.13 2.97 -7.37
C VAL A 14 -10.58 1.54 -7.15
N GLU A 15 -11.90 1.39 -7.05
CA GLU A 15 -12.57 0.12 -6.84
C GLU A 15 -13.73 0.05 -7.81
N LYS A 16 -13.81 -1.04 -8.58
CA LYS A 16 -14.80 -1.12 -9.64
C LYS A 16 -16.22 -1.25 -9.06
N ILE A 17 -17.19 -0.63 -9.75
CA ILE A 17 -18.61 -0.87 -9.49
C ILE A 17 -19.31 -1.20 -10.81
N ARG A 18 -20.48 -1.83 -10.71
CA ARG A 18 -21.20 -2.25 -11.89
C ARG A 18 -22.70 -2.27 -11.61
N VAL A 19 -23.48 -2.02 -12.66
CA VAL A 19 -24.94 -2.02 -12.59
C VAL A 19 -25.41 -3.45 -12.85
N PRO A 20 -26.02 -4.12 -11.86
CA PRO A 20 -26.63 -5.42 -12.16
C PRO A 20 -27.91 -5.25 -12.96
N SER A 21 -28.21 -6.28 -13.78
CA SER A 21 -29.37 -6.22 -14.65
C SER A 21 -30.66 -6.10 -13.85
N ARG A 22 -31.73 -5.67 -14.53
CA ARG A 22 -33.00 -5.50 -13.84
C ARG A 22 -33.49 -6.82 -13.28
N GLU A 23 -33.24 -7.92 -13.99
CA GLU A 23 -33.67 -9.23 -13.50
C GLU A 23 -32.80 -9.72 -12.36
N GLU A 24 -31.53 -9.32 -12.33
CA GLU A 24 -30.70 -9.56 -11.14
C GLU A 24 -31.32 -8.90 -9.92
N ARG A 25 -31.71 -7.63 -10.05
CA ARG A 25 -32.25 -6.88 -8.93
C ARG A 25 -33.60 -7.42 -8.48
N GLU A 26 -34.44 -7.83 -9.44
CA GLU A 26 -35.74 -8.42 -9.09
C GLU A 26 -35.55 -9.70 -8.29
N ALA A 27 -34.68 -10.59 -8.75
CA ALA A 27 -34.40 -11.81 -8.00
C ALA A 27 -33.76 -11.50 -6.66
N ALA A 28 -32.77 -10.60 -6.65
CA ALA A 28 -32.04 -10.31 -5.42
C ALA A 28 -32.96 -9.77 -4.33
N LEU A 29 -33.76 -8.75 -4.66
CA LEU A 29 -34.69 -8.20 -3.68
C LEU A 29 -35.63 -9.28 -3.17
N LYS A 30 -36.08 -10.17 -4.06
CA LYS A 30 -36.98 -11.25 -3.66
C LYS A 30 -36.29 -12.20 -2.68
N GLU A 31 -35.13 -12.73 -3.08
CA GLU A 31 -34.34 -13.60 -2.21
C GLU A 31 -34.03 -12.94 -0.87
N ALA A 32 -33.83 -11.60 -0.86
CA ALA A 32 -33.56 -10.84 0.35
C ALA A 32 -34.81 -10.50 1.17
N GLY A 33 -35.96 -11.07 0.83
CA GLY A 33 -37.17 -10.80 1.58
C GLY A 33 -37.59 -9.34 1.56
N TYR A 34 -37.40 -8.67 0.42
CA TYR A 34 -37.80 -7.28 0.24
C TYR A 34 -37.18 -6.36 1.28
N ASN A 35 -36.03 -6.77 1.81
CA ASN A 35 -35.23 -5.98 2.75
C ASN A 35 -33.84 -5.82 2.15
N PRO A 36 -33.51 -4.67 1.58
CA PRO A 36 -32.17 -4.47 1.00
C PRO A 36 -31.02 -4.70 1.96
N PHE A 37 -31.25 -4.65 3.28
CA PHE A 37 -30.20 -5.04 4.23
C PHE A 37 -29.70 -6.46 4.00
N LEU A 38 -30.53 -7.30 3.39
CA LEU A 38 -30.19 -8.70 3.17
C LEU A 38 -29.65 -8.97 1.77
N LEU A 39 -29.42 -7.91 0.96
CA LEU A 39 -28.80 -8.07 -0.34
C LEU A 39 -27.30 -8.26 -0.20
N PRO A 40 -26.70 -9.12 -1.02
CA PRO A 40 -25.25 -9.09 -1.17
C PRO A 40 -24.83 -7.81 -1.88
N SER A 41 -23.61 -7.36 -1.59
CA SER A 41 -23.12 -6.16 -2.24
C SER A 41 -22.97 -6.35 -3.75
N SER A 42 -22.78 -7.60 -4.20
CA SER A 42 -22.67 -7.85 -5.63
C SER A 42 -23.93 -7.42 -6.38
N ALA A 43 -25.08 -7.40 -5.71
CA ALA A 43 -26.34 -7.02 -6.32
C ALA A 43 -26.60 -5.52 -6.28
N VAL A 44 -25.65 -4.74 -5.79
CA VAL A 44 -25.83 -3.31 -5.52
C VAL A 44 -24.90 -2.50 -6.41
N TYR A 45 -25.42 -1.42 -6.99
CA TYR A 45 -24.64 -0.50 -7.82
C TYR A 45 -23.98 0.57 -6.97
N ILE A 46 -24.68 1.65 -6.68
CA ILE A 46 -24.24 2.67 -5.74
C ILE A 46 -24.86 2.35 -4.39
N ASP A 47 -24.05 2.25 -3.35
CA ASP A 47 -24.54 1.85 -2.04
C ASP A 47 -24.71 3.07 -1.15
N LEU A 48 -25.97 3.42 -0.88
CA LEU A 48 -26.35 4.52 0.00
C LEU A 48 -27.03 4.01 1.27
N LEU A 49 -26.72 2.77 1.66
CA LEU A 49 -27.29 2.20 2.87
C LEU A 49 -26.80 2.95 4.12
N THR A 50 -25.52 3.33 4.15
CA THR A 50 -24.91 3.93 5.33
C THR A 50 -23.74 4.81 4.92
N ASP A 51 -23.35 5.72 5.81
CA ASP A 51 -22.08 6.43 5.71
C ASP A 51 -21.08 5.92 6.74
N SER A 52 -21.30 4.70 7.23
CA SER A 52 -20.53 4.12 8.33
C SER A 52 -19.59 3.05 7.80
N GLY A 53 -18.29 3.31 7.93
CA GLY A 53 -17.32 2.29 7.61
C GLY A 53 -17.06 2.08 6.13
N THR A 54 -17.72 2.84 5.26
CA THR A 54 -17.50 2.71 3.82
C THR A 54 -16.68 3.85 3.25
N ASN A 55 -16.07 4.66 4.11
CA ASN A 55 -15.34 5.84 3.68
C ASN A 55 -14.05 5.45 2.96
N ALA A 56 -13.63 6.32 2.06
CA ALA A 56 -12.33 6.19 1.41
C ALA A 56 -11.28 6.89 2.27
N MET A 57 -10.29 6.13 2.71
CA MET A 57 -9.19 6.68 3.47
C MET A 57 -8.16 7.35 2.56
N SER A 58 -7.29 8.15 3.16
CA SER A 58 -6.23 8.83 2.45
C SER A 58 -4.94 8.02 2.46
N ASP A 59 -4.06 8.33 1.52
CA ASP A 59 -2.75 7.67 1.51
C ASP A 59 -2.06 7.79 2.86
N HIS A 60 -2.22 8.94 3.54
N HIS A 60 -2.20 8.95 3.52
CA HIS A 60 -1.62 9.10 4.86
CA HIS A 60 -1.64 9.13 4.85
C HIS A 60 -2.22 8.14 5.88
C HIS A 60 -2.21 8.12 5.84
N GLN A 61 -3.52 7.87 5.77
CA GLN A 61 -4.14 6.90 6.68
C GLN A 61 -3.64 5.49 6.40
N TRP A 62 -3.48 5.13 5.13
CA TRP A 62 -2.96 3.80 4.82
C TRP A 62 -1.51 3.64 5.25
N ALA A 63 -0.70 4.69 5.08
CA ALA A 63 0.68 4.62 5.55
C ALA A 63 0.77 4.53 7.07
N ALA A 64 -0.17 5.16 7.79
CA ALA A 64 -0.22 5.02 9.24
C ALA A 64 -0.57 3.60 9.63
N MET A 65 -1.46 2.96 8.88
CA MET A 65 -1.78 1.56 9.16
C MET A 65 -0.54 0.70 9.04
N ILE A 66 0.27 0.95 8.01
CA ILE A 66 1.41 0.09 7.70
C ILE A 66 2.41 0.07 8.84
N THR A 67 2.58 1.21 9.52
CA THR A 67 3.51 1.29 10.65
C THR A 67 2.82 1.12 12.00
N GLY A 68 1.56 0.68 12.01
CA GLY A 68 0.82 0.57 13.27
C GLY A 68 1.40 -0.49 14.19
N ASP A 69 1.39 -0.20 15.48
CA ASP A 69 1.98 -1.06 16.50
C ASP A 69 0.91 -2.05 16.99
N GLU A 70 1.12 -3.32 16.70
CA GLU A 70 0.11 -4.33 17.01
C GLU A 70 0.24 -4.90 18.42
N ALA A 71 1.03 -4.26 19.28
CA ALA A 71 1.26 -4.78 20.62
C ALA A 71 -0.04 -4.94 21.41
N TYR A 72 -0.17 -6.08 22.09
CA TYR A 72 -1.37 -6.37 22.86
C TYR A 72 -1.57 -5.34 23.97
N ALA A 73 -0.48 -4.91 24.61
CA ALA A 73 -0.55 -3.99 25.73
C ALA A 73 0.41 -2.82 25.48
N GLY A 74 -0.13 -1.60 25.53
CA GLY A 74 0.71 -0.42 25.43
C GLY A 74 1.12 -0.04 24.03
N SER A 75 0.24 -0.22 23.06
CA SER A 75 0.57 0.14 21.69
C SER A 75 0.93 1.62 21.59
N ARG A 76 1.94 1.93 20.78
CA ARG A 76 2.31 3.31 20.55
C ARG A 76 1.12 4.14 20.05
N ASN A 77 0.23 3.51 19.29
CA ASN A 77 -0.90 4.23 18.70
C ASN A 77 -1.98 4.53 19.75
N TYR A 78 -2.07 3.72 20.81
CA TYR A 78 -2.98 4.06 21.90
C TYR A 78 -2.59 5.39 22.51
N TYR A 79 -1.30 5.63 22.69
CA TYR A 79 -0.87 6.89 23.32
C TYR A 79 -1.04 8.08 22.37
N ASP A 80 -0.89 7.88 21.06
CA ASP A 80 -1.17 8.95 20.12
C ASP A 80 -2.66 9.27 20.09
N LEU A 81 -3.50 8.24 20.17
CA LEU A 81 -4.94 8.47 20.17
C LEU A 81 -5.38 9.18 21.44
N LYS A 82 -4.73 8.87 22.57
CA LYS A 82 -5.01 9.56 23.81
C LYS A 82 -4.64 11.04 23.71
N ASP A 83 -3.45 11.34 23.20
CA ASP A 83 -3.05 12.73 23.05
C ASP A 83 -3.97 13.47 22.08
N LYS A 84 -4.39 12.81 21.01
CA LYS A 84 -5.25 13.46 20.03
C LYS A 84 -6.61 13.80 20.64
N ALA A 85 -7.17 12.89 21.43
CA ALA A 85 -8.42 13.18 22.10
C ALA A 85 -8.26 14.32 23.10
N LYS A 86 -7.13 14.38 23.81
CA LYS A 86 -6.86 15.55 24.65
C LYS A 86 -6.71 16.82 23.80
N GLU A 87 -6.12 16.70 22.61
CA GLU A 87 -5.92 17.87 21.76
C GLU A 87 -7.25 18.41 21.24
N LEU A 88 -8.16 17.54 20.83
CA LEU A 88 -9.39 17.98 20.18
C LEU A 88 -10.50 18.29 21.18
N PHE A 89 -10.67 17.44 22.20
CA PHE A 89 -11.79 17.55 23.11
C PHE A 89 -11.40 18.05 24.50
N ASN A 90 -10.11 18.10 24.82
CA ASN A 90 -9.62 18.42 26.16
C ASN A 90 -10.05 17.35 27.18
N TYR A 91 -10.30 16.13 26.73
CA TYR A 91 -10.71 15.03 27.61
C TYR A 91 -9.47 14.20 27.97
N ASP A 92 -9.34 13.89 29.27
CA ASP A 92 -8.12 13.32 29.83
C ASP A 92 -8.05 11.80 29.81
N TYR A 93 -9.16 11.10 29.53
CA TYR A 93 -9.17 9.65 29.55
C TYR A 93 -9.79 9.11 28.27
N ILE A 94 -9.18 8.06 27.71
CA ILE A 94 -9.73 7.37 26.54
C ILE A 94 -9.78 5.87 26.78
N ILE A 95 -10.77 5.24 26.16
CA ILE A 95 -10.85 3.79 26.00
C ILE A 95 -11.22 3.56 24.55
N PRO A 96 -10.35 2.95 23.75
CA PRO A 96 -10.76 2.57 22.38
C PRO A 96 -11.84 1.49 22.42
N ALA A 97 -12.63 1.44 21.36
CA ALA A 97 -13.67 0.44 21.19
C ALA A 97 -13.70 0.03 19.73
N HIS A 98 -14.30 -1.12 19.43
CA HIS A 98 -14.20 -1.57 18.04
C HIS A 98 -15.12 -0.79 17.11
N GLN A 99 -16.22 -0.24 17.61
CA GLN A 99 -17.06 0.70 16.86
C GLN A 99 -18.01 1.36 17.85
N GLY A 100 -18.98 2.11 17.33
CA GLY A 100 -19.78 2.98 18.19
C GLY A 100 -20.65 2.24 19.19
N ARG A 101 -21.26 1.14 18.79
CA ARG A 101 -22.11 0.41 19.73
C ARG A 101 -21.29 -0.43 20.70
N GLY A 102 -20.00 -0.65 20.42
CA GLY A 102 -19.11 -1.17 21.45
C GLY A 102 -18.81 -0.13 22.51
N ALA A 103 -18.60 1.12 22.09
CA ALA A 103 -18.44 2.22 23.05
C ALA A 103 -19.68 2.39 23.92
N GLU A 104 -20.87 2.28 23.33
CA GLU A 104 -22.11 2.37 24.13
C GLU A 104 -22.24 1.19 25.08
N ASN A 105 -21.82 0.00 24.65
CA ASN A 105 -21.87 -1.15 25.54
C ASN A 105 -20.88 -1.00 26.70
N ILE A 106 -19.77 -0.28 26.48
CA ILE A 106 -18.83 -0.01 27.56
C ILE A 106 -19.41 1.01 28.52
N LEU A 107 -19.94 2.12 28.00
CA LEU A 107 -20.25 3.28 28.85
C LEU A 107 -21.63 3.22 29.48
N PHE A 108 -22.68 2.90 28.72
CA PHE A 108 -24.05 3.04 29.23
C PHE A 108 -24.34 2.15 30.42
N PRO A 109 -24.03 0.84 30.40
CA PRO A 109 -24.23 0.05 31.63
C PRO A 109 -23.45 0.58 32.82
N VAL A 110 -22.27 1.15 32.59
CA VAL A 110 -21.47 1.69 33.68
C VAL A 110 -22.15 2.93 34.27
N LEU A 111 -22.71 3.79 33.41
CA LEU A 111 -23.46 4.95 33.89
C LEU A 111 -24.70 4.54 34.67
N LEU A 112 -25.38 3.48 34.25
CA LEU A 112 -26.55 3.02 35.00
C LEU A 112 -26.16 2.56 36.40
N LYS A 113 -25.14 1.70 36.50
CA LYS A 113 -24.72 1.23 37.83
C LYS A 113 -24.18 2.38 38.67
N TYR A 114 -23.50 3.34 38.04
CA TYR A 114 -23.02 4.50 38.78
C TYR A 114 -24.19 5.31 39.34
N LYS A 115 -25.22 5.54 38.52
CA LYS A 115 -26.38 6.28 38.98
C LYS A 115 -27.15 5.54 40.07
N GLN A 116 -27.08 4.21 40.09
CA GLN A 116 -27.84 3.44 41.06
C GLN A 116 -27.18 3.38 42.43
N LYS A 117 -26.06 4.07 42.63
CA LYS A 117 -25.52 4.23 43.98
C LYS A 117 -26.53 5.00 44.83
N GLU A 118 -26.54 4.70 46.13
CA GLU A 118 -27.49 5.26 47.09
C GLU A 118 -28.93 4.89 46.74
N GLY A 119 -29.14 3.81 45.98
CA GLY A 119 -30.48 3.36 45.66
C GLY A 119 -31.29 4.33 44.83
N LYS A 120 -30.64 5.13 44.00
CA LYS A 120 -31.33 6.00 43.07
C LYS A 120 -31.64 5.24 41.77
N ALA A 121 -32.29 5.93 40.84
CA ALA A 121 -32.53 5.42 39.48
C ALA A 121 -33.30 4.10 39.53
N LYS A 122 -34.35 4.06 40.34
CA LYS A 122 -35.19 2.86 40.37
C LYS A 122 -36.07 2.76 39.14
N ASN A 123 -36.38 3.88 38.49
CA ASN A 123 -37.13 3.89 37.23
C ASN A 123 -36.32 4.66 36.20
N PRO A 124 -35.17 4.12 35.80
CA PRO A 124 -34.16 4.94 35.13
C PRO A 124 -34.51 5.22 33.68
N VAL A 125 -34.03 6.37 33.19
CA VAL A 125 -34.25 6.79 31.81
C VAL A 125 -33.00 7.49 31.27
N PHE A 126 -32.87 7.47 29.94
CA PHE A 126 -31.94 8.31 29.21
C PHE A 126 -32.73 9.34 28.42
N ILE A 127 -32.15 10.51 28.23
CA ILE A 127 -32.81 11.60 27.53
C ILE A 127 -31.87 12.08 26.43
N SER A 128 -32.40 12.22 25.22
CA SER A 128 -31.60 12.64 24.08
C SER A 128 -32.47 13.47 23.16
N ASN A 129 -31.81 14.28 22.34
CA ASN A 129 -32.53 14.91 21.23
C ASN A 129 -33.16 13.83 20.35
N PHE A 130 -32.38 12.80 20.00
CA PHE A 130 -32.93 11.60 19.38
C PHE A 130 -31.92 10.47 19.51
N HIS A 131 -32.29 9.43 20.27
CA HIS A 131 -31.48 8.21 20.34
C HIS A 131 -31.49 7.51 18.99
N PHE A 132 -30.32 7.33 18.39
CA PHE A 132 -30.30 6.48 17.21
C PHE A 132 -30.52 5.03 17.64
N ASP A 133 -30.58 4.13 16.65
CA ASP A 133 -31.16 2.81 16.91
C ASP A 133 -30.31 1.98 17.87
N THR A 134 -29.00 1.86 17.61
CA THR A 134 -28.14 1.10 18.52
C THR A 134 -28.08 1.73 19.90
N THR A 135 -28.11 3.06 19.96
CA THR A 135 -28.07 3.77 21.24
C THR A 135 -29.33 3.48 22.06
N ALA A 136 -30.50 3.60 21.44
CA ALA A 136 -31.75 3.31 22.14
C ALA A 136 -31.84 1.84 22.52
N ALA A 137 -31.26 0.95 21.71
CA ALA A 137 -31.29 -0.48 22.04
C ALA A 137 -30.45 -0.78 23.28
N HIS A 138 -29.30 -0.12 23.43
CA HIS A 138 -28.48 -0.36 24.61
C HIS A 138 -29.11 0.27 25.86
N VAL A 139 -29.79 1.40 25.71
CA VAL A 139 -30.57 1.96 26.82
C VAL A 139 -31.62 0.95 27.28
N GLU A 140 -32.42 0.43 26.35
CA GLU A 140 -33.53 -0.45 26.69
C GLU A 140 -33.06 -1.86 27.09
N LEU A 141 -31.98 -2.35 26.48
CA LEU A 141 -31.42 -3.64 26.90
C LEU A 141 -30.95 -3.61 28.35
N ASN A 142 -30.63 -2.42 28.88
CA ASN A 142 -30.24 -2.27 30.27
C ASN A 142 -31.41 -1.89 31.18
N GLY A 143 -32.64 -2.06 30.71
CA GLY A 143 -33.81 -1.83 31.54
C GLY A 143 -34.18 -0.39 31.76
N CYS A 144 -33.88 0.48 30.79
CA CYS A 144 -34.22 1.90 30.89
C CYS A 144 -35.11 2.32 29.73
N LYS A 145 -35.75 3.46 29.90
CA LYS A 145 -36.53 4.07 28.83
C LYS A 145 -35.65 5.05 28.07
N ALA A 146 -35.75 5.01 26.74
CA ALA A 146 -35.08 5.98 25.87
C ALA A 146 -36.08 7.05 25.46
N ILE A 147 -35.88 8.27 25.94
CA ILE A 147 -36.78 9.40 25.69
C ILE A 147 -36.14 10.35 24.70
N ASN A 148 -36.87 10.68 23.63
CA ASN A 148 -36.38 11.54 22.56
C ASN A 148 -37.16 12.86 22.58
N ILE A 149 -36.43 13.98 22.59
CA ILE A 149 -37.09 15.28 22.74
C ILE A 149 -36.54 16.31 21.75
N VAL A 150 -36.45 15.93 20.48
CA VAL A 150 -35.94 16.85 19.47
C VAL A 150 -36.95 17.97 19.22
N THR A 151 -36.45 19.14 18.84
CA THR A 151 -37.32 20.27 18.51
C THR A 151 -38.36 19.87 17.48
N GLU A 152 -39.57 20.41 17.62
CA GLU A 152 -40.63 20.06 16.68
C GLU A 152 -40.45 20.72 15.32
N LYS A 153 -39.54 21.68 15.19
CA LYS A 153 -39.23 22.19 13.87
C LYS A 153 -38.61 21.11 12.98
N ALA A 154 -38.06 20.05 13.57
CA ALA A 154 -37.57 18.92 12.78
C ALA A 154 -38.70 18.19 12.06
N PHE A 155 -39.95 18.43 12.46
CA PHE A 155 -41.08 17.70 11.92
C PHE A 155 -41.69 18.36 10.68
N ASP A 156 -41.41 19.63 10.44
CA ASP A 156 -41.84 20.28 9.20
C ASP A 156 -40.68 20.20 8.23
N SER A 157 -40.75 19.23 7.32
CA SER A 157 -39.64 18.95 6.42
C SER A 157 -39.30 20.15 5.56
N GLU A 158 -40.31 20.78 4.97
CA GLU A 158 -40.04 21.78 3.95
C GLU A 158 -39.71 23.16 4.49
N THR A 159 -39.95 23.42 5.78
CA THR A 159 -39.73 24.74 6.35
C THR A 159 -38.31 24.84 6.91
N TYR A 160 -37.56 25.82 6.41
CA TYR A 160 -36.15 25.96 6.80
C TYR A 160 -36.01 26.31 8.28
N ASP A 161 -35.04 25.68 8.93
CA ASP A 161 -34.58 26.13 10.24
C ASP A 161 -33.11 25.75 10.39
N ASP A 162 -32.37 26.61 11.07
CA ASP A 162 -30.92 26.44 11.12
C ASP A 162 -30.51 25.20 11.91
N TRP A 163 -31.27 24.84 12.97
CA TRP A 163 -30.85 23.82 13.92
C TRP A 163 -31.99 22.84 14.16
N LYS A 164 -32.19 21.92 13.22
CA LYS A 164 -33.28 20.96 13.36
C LYS A 164 -32.92 19.76 14.22
N GLY A 165 -31.69 19.70 14.73
CA GLY A 165 -31.32 18.68 15.68
C GLY A 165 -31.36 19.13 17.12
N ASP A 166 -31.78 20.38 17.37
CA ASP A 166 -31.76 20.95 18.70
C ASP A 166 -32.59 20.10 19.67
N PHE A 167 -32.14 20.06 20.92
CA PHE A 167 -33.03 19.63 21.99
C PHE A 167 -34.23 20.55 22.04
N ASP A 168 -35.36 20.03 22.48
CA ASP A 168 -36.46 20.87 22.93
C ASP A 168 -36.22 21.15 24.41
N ILE A 169 -35.73 22.35 24.73
CA ILE A 169 -35.38 22.69 26.11
C ILE A 169 -36.60 22.59 27.02
N LYS A 170 -37.77 23.02 26.53
CA LYS A 170 -39.00 22.94 27.32
C LYS A 170 -39.30 21.50 27.71
N LYS A 171 -39.23 20.57 26.74
CA LYS A 171 -39.48 19.17 27.04
CA LYS A 171 -39.50 19.17 27.06
C LYS A 171 -38.45 18.61 27.99
N LEU A 172 -37.19 19.04 27.86
CA LEU A 172 -36.15 18.58 28.79
C LEU A 172 -36.50 18.94 30.22
N LYS A 173 -36.98 20.16 30.44
CA LYS A 173 -37.36 20.56 31.79
C LYS A 173 -38.58 19.78 32.27
N GLU A 174 -39.54 19.51 31.37
CA GLU A 174 -40.69 18.71 31.75
C GLU A 174 -40.30 17.29 32.14
N ASN A 175 -39.36 16.69 31.38
CA ASN A 175 -38.97 15.31 31.66
C ASN A 175 -38.17 15.22 32.96
N ILE A 176 -37.35 16.22 33.26
CA ILE A 176 -36.68 16.28 34.55
C ILE A 176 -37.70 16.44 35.68
N ALA A 177 -38.75 17.24 35.43
CA ALA A 177 -39.81 17.40 36.41
C ALA A 177 -40.59 16.10 36.59
N GLN A 178 -40.90 15.42 35.48
CA GLN A 178 -41.76 14.23 35.56
C GLN A 178 -41.01 13.04 36.14
N HIS A 179 -39.79 12.79 35.67
CA HIS A 179 -39.03 11.62 36.10
C HIS A 179 -38.18 11.89 37.34
N GLY A 180 -37.72 13.12 37.54
CA GLY A 180 -36.80 13.40 38.62
C GLY A 180 -35.35 13.18 38.21
N ALA A 181 -34.45 14.05 38.68
CA ALA A 181 -33.05 13.95 38.30
C ALA A 181 -32.43 12.63 38.74
N ASP A 182 -32.97 11.99 39.78
CA ASP A 182 -32.43 10.73 40.27
C ASP A 182 -32.76 9.56 39.37
N ASN A 183 -33.74 9.69 38.47
CA ASN A 183 -34.02 8.65 37.48
C ASN A 183 -33.31 8.88 36.15
N ILE A 184 -32.75 10.06 35.92
CA ILE A 184 -32.14 10.37 34.64
C ILE A 184 -30.68 9.92 34.70
N VAL A 185 -30.39 8.75 34.12
CA VAL A 185 -29.05 8.18 34.17
C VAL A 185 -28.05 9.08 33.47
N ALA A 186 -28.43 9.61 32.30
CA ALA A 186 -27.59 10.49 31.53
C ALA A 186 -28.45 11.17 30.46
N ILE A 187 -27.93 12.28 29.95
CA ILE A 187 -28.45 12.91 28.75
C ILE A 187 -27.46 12.62 27.62
N VAL A 188 -28.00 12.29 26.44
CA VAL A 188 -27.20 11.98 25.26
C VAL A 188 -27.43 13.08 24.25
N SER A 189 -26.39 13.85 23.94
CA SER A 189 -26.44 14.86 22.88
C SER A 189 -25.89 14.24 21.61
N THR A 190 -26.76 14.01 20.64
CA THR A 190 -26.38 13.38 19.37
C THR A 190 -26.06 14.49 18.37
N VAL A 191 -24.79 14.57 17.96
CA VAL A 191 -24.30 15.59 17.05
C VAL A 191 -23.64 14.89 15.85
N THR A 192 -24.14 15.15 14.65
CA THR A 192 -25.42 15.79 14.34
C THR A 192 -26.54 14.86 14.79
N CYS A 193 -27.77 15.35 14.75
CA CYS A 193 -28.91 14.50 15.10
C CYS A 193 -29.24 13.59 13.92
N ASN A 194 -28.82 12.33 13.99
CA ASN A 194 -28.98 11.42 12.87
C ASN A 194 -30.45 11.24 12.49
N SER A 195 -31.29 10.91 13.48
CA SER A 195 -32.68 10.57 13.18
C SER A 195 -33.51 11.76 12.72
N ALA A 196 -33.11 12.99 13.03
CA ALA A 196 -33.80 14.16 12.52
C ALA A 196 -33.36 14.53 11.11
N GLY A 197 -32.38 13.83 10.55
CA GLY A 197 -31.94 14.12 9.20
C GLY A 197 -30.51 14.61 9.10
N GLY A 198 -29.67 14.18 10.02
CA GLY A 198 -28.30 14.68 10.06
C GLY A 198 -28.24 16.17 10.28
N GLN A 199 -29.17 16.71 11.08
CA GLN A 199 -29.42 18.11 11.34
C GLN A 199 -28.62 18.58 12.55
N PRO A 200 -27.99 19.75 12.46
CA PRO A 200 -27.05 20.17 13.50
C PRO A 200 -27.76 20.60 14.79
N VAL A 201 -27.03 20.43 15.89
CA VAL A 201 -27.38 21.02 17.16
C VAL A 201 -26.55 22.28 17.31
N SER A 202 -27.19 23.38 17.68
CA SER A 202 -26.46 24.64 17.85
C SER A 202 -25.62 24.63 19.13
N MET A 203 -24.65 25.54 19.18
CA MET A 203 -23.77 25.61 20.33
C MET A 203 -24.50 26.11 21.57
N SER A 204 -25.36 27.13 21.42
CA SER A 204 -26.11 27.61 22.58
C SER A 204 -27.09 26.55 23.07
N ASN A 205 -27.61 25.72 22.18
CA ASN A 205 -28.47 24.61 22.58
C ASN A 205 -27.68 23.59 23.40
N LEU A 206 -26.52 23.18 22.89
CA LEU A 206 -25.61 22.31 23.63
C LEU A 206 -25.24 22.90 24.98
N LYS A 207 -24.90 24.19 24.98
CA LYS A 207 -24.57 24.88 26.23
C LYS A 207 -25.74 24.86 27.20
N GLU A 208 -26.95 25.15 26.69
CA GLU A 208 -28.12 25.26 27.55
C GLU A 208 -28.49 23.92 28.18
N VAL A 209 -28.44 22.85 27.38
CA VAL A 209 -28.72 21.51 27.91
C VAL A 209 -27.68 21.14 28.97
N TYR A 210 -26.42 21.55 28.77
CA TYR A 210 -25.40 21.20 29.74
C TYR A 210 -25.57 21.98 31.04
N GLU A 211 -26.00 23.24 30.94
CA GLU A 211 -26.26 24.03 32.14
C GLU A 211 -27.31 23.34 33.01
N ILE A 212 -28.42 22.93 32.39
CA ILE A 212 -29.52 22.33 33.14
C ILE A 212 -29.08 21.02 33.76
N ALA A 213 -28.32 20.22 32.99
CA ALA A 213 -27.83 18.94 33.49
C ALA A 213 -26.95 19.13 34.73
N LYS A 214 -26.01 20.08 34.68
CA LYS A 214 -25.16 20.33 35.84
C LYS A 214 -25.95 20.88 37.01
N GLN A 215 -27.02 21.65 36.76
CA GLN A 215 -27.88 22.11 37.85
C GLN A 215 -28.44 20.94 38.64
N HIS A 216 -28.74 19.83 37.97
CA HIS A 216 -29.38 18.67 38.59
C HIS A 216 -28.44 17.50 38.82
N GLY A 217 -27.15 17.67 38.54
CA GLY A 217 -26.21 16.57 38.73
C GLY A 217 -26.37 15.44 37.73
N ILE A 218 -26.82 15.73 36.53
CA ILE A 218 -26.99 14.71 35.48
C ILE A 218 -25.73 14.63 34.65
N PHE A 219 -25.34 13.40 34.31
CA PHE A 219 -24.18 13.16 33.44
C PHE A 219 -24.61 13.38 31.99
N VAL A 220 -23.70 13.92 31.18
CA VAL A 220 -23.99 14.21 29.78
C VAL A 220 -23.00 13.47 28.89
N VAL A 221 -23.52 12.72 27.93
CA VAL A 221 -22.70 12.00 26.94
C VAL A 221 -22.95 12.62 25.57
N MET A 222 -21.87 12.94 24.86
CA MET A 222 -21.94 13.41 23.48
C MET A 222 -21.80 12.22 22.54
N ASP A 223 -22.92 11.76 21.96
CA ASP A 223 -22.85 10.80 20.86
C ASP A 223 -22.23 11.53 19.68
N SER A 224 -20.99 11.15 19.34
CA SER A 224 -20.10 12.02 18.58
C SER A 224 -19.73 11.45 17.21
N ALA A 225 -20.54 10.55 16.66
CA ALA A 225 -20.18 9.95 15.38
C ALA A 225 -20.02 11.01 14.29
N ARG A 226 -20.89 12.01 14.27
CA ARG A 226 -20.80 13.02 13.21
C ARG A 226 -20.55 14.41 13.77
N PHE A 227 -19.56 14.52 14.67
CA PHE A 227 -19.31 15.79 15.35
C PHE A 227 -18.66 16.82 14.43
N CYS A 228 -17.82 16.40 13.49
CA CYS A 228 -17.19 17.37 12.58
C CYS A 228 -18.20 18.00 11.65
N GLU A 229 -19.17 17.24 11.17
CA GLU A 229 -20.25 17.84 10.38
C GLU A 229 -21.04 18.84 11.21
N ASN A 230 -21.23 18.54 12.50
CA ASN A 230 -21.98 19.45 13.37
C ASN A 230 -21.19 20.74 13.61
N ALA A 231 -19.86 20.61 13.74
CA ALA A 231 -19.00 21.77 13.93
C ALA A 231 -19.00 22.68 12.71
N TYR A 232 -19.04 22.10 11.52
CA TYR A 232 -19.09 22.92 10.31
C TYR A 232 -20.37 23.74 10.26
N PHE A 233 -21.50 23.13 10.65
CA PHE A 233 -22.76 23.85 10.63
C PHE A 233 -22.80 24.96 11.65
N ILE A 234 -22.14 24.75 12.80
CA ILE A 234 -22.07 25.83 13.79
C ILE A 234 -21.24 26.98 13.23
N LYS A 235 -20.13 26.69 12.55
CA LYS A 235 -19.36 27.77 11.94
C LYS A 235 -20.15 28.43 10.81
N ALA A 236 -20.93 27.65 10.07
CA ALA A 236 -21.66 28.21 8.94
C ALA A 236 -22.88 29.02 9.35
N ARG A 237 -23.59 28.62 10.42
CA ARG A 237 -24.88 29.23 10.74
C ARG A 237 -24.89 30.07 12.01
N ASP A 238 -23.92 29.88 12.91
CA ASP A 238 -23.85 30.70 14.11
C ASP A 238 -22.89 31.86 13.85
N PRO A 239 -23.36 33.11 13.80
CA PRO A 239 -22.44 34.23 13.53
C PRO A 239 -21.32 34.34 14.56
N LYS A 240 -21.57 33.86 15.78
CA LYS A 240 -20.58 33.94 16.86
C LYS A 240 -19.32 33.14 16.55
N TYR A 241 -19.40 32.18 15.61
CA TYR A 241 -18.26 31.36 15.23
C TYR A 241 -17.87 31.53 13.77
N LYS A 242 -18.25 32.65 13.15
CA LYS A 242 -18.03 32.81 11.72
C LYS A 242 -16.54 32.77 11.36
N ASN A 243 -15.68 33.24 12.24
CA ASN A 243 -14.25 33.29 11.99
C ASN A 243 -13.47 32.25 12.77
N ALA A 244 -14.15 31.26 13.35
CA ALA A 244 -13.47 30.25 14.14
C ALA A 244 -12.99 29.13 13.24
N THR A 245 -11.86 28.53 13.63
CA THR A 245 -11.46 27.30 12.97
C THR A 245 -12.40 26.17 13.41
N ILE A 246 -12.46 25.12 12.60
CA ILE A 246 -13.31 23.98 12.92
C ILE A 246 -12.88 23.38 14.26
N LYS A 247 -11.57 23.24 14.48
CA LYS A 247 -11.11 22.68 15.75
C LYS A 247 -11.55 23.55 16.92
N GLU A 248 -11.56 24.86 16.73
CA GLU A 248 -11.99 25.76 17.81
C GLU A 248 -13.46 25.54 18.15
N VAL A 249 -14.30 25.30 17.14
CA VAL A 249 -15.70 24.99 17.40
C VAL A 249 -15.82 23.65 18.13
N ILE A 250 -15.03 22.66 17.70
CA ILE A 250 -15.08 21.34 18.33
C ILE A 250 -14.67 21.44 19.80
N PHE A 251 -13.58 22.14 20.08
CA PHE A 251 -13.15 22.33 21.46
C PHE A 251 -14.29 22.87 22.31
N ASP A 252 -15.05 23.83 21.77
CA ASP A 252 -16.14 24.43 22.52
C ASP A 252 -17.34 23.48 22.66
N MET A 253 -17.65 22.72 21.60
CA MET A 253 -18.74 21.74 21.71
C MET A 253 -18.55 20.85 22.93
N TYR A 254 -17.32 20.43 23.22
CA TYR A 254 -17.08 19.42 24.23
C TYR A 254 -16.85 19.97 25.62
N LYS A 255 -16.94 21.30 25.80
CA LYS A 255 -17.16 21.87 27.12
C LYS A 255 -18.54 21.55 27.67
N TYR A 256 -19.43 21.04 26.81
CA TYR A 256 -20.83 20.82 27.17
C TYR A 256 -21.16 19.34 27.23
N ALA A 257 -20.21 18.54 27.68
CA ALA A 257 -20.43 17.11 27.93
C ALA A 257 -19.34 16.63 28.87
N ASP A 258 -19.65 15.56 29.61
CA ASP A 258 -18.69 14.95 30.53
C ASP A 258 -17.94 13.79 29.91
N ALA A 259 -18.42 13.27 28.80
CA ALA A 259 -17.83 12.12 28.13
C ALA A 259 -18.44 12.06 26.74
N LEU A 260 -17.86 11.20 25.91
CA LEU A 260 -18.34 11.01 24.56
C LEU A 260 -18.26 9.54 24.20
N THR A 261 -19.18 9.12 23.35
CA THR A 261 -19.10 7.83 22.66
C THR A 261 -19.05 8.15 21.18
N MET A 262 -18.09 7.59 20.49
CA MET A 262 -17.88 7.93 19.09
C MET A 262 -17.82 6.66 18.28
N SER A 263 -18.59 6.63 17.19
CA SER A 263 -18.30 5.71 16.10
C SER A 263 -17.30 6.42 15.18
N ALA A 264 -16.06 5.96 15.21
CA ALA A 264 -15.04 6.53 14.34
C ALA A 264 -15.18 6.07 12.90
N LYS A 265 -16.20 5.25 12.60
CA LYS A 265 -16.54 4.86 11.24
C LYS A 265 -17.28 5.97 10.47
N LYS A 266 -17.60 7.08 11.13
CA LYS A 266 -18.23 8.22 10.46
C LYS A 266 -17.23 9.33 10.21
N ASP A 267 -17.29 10.42 10.98
CA ASP A 267 -16.48 11.59 10.65
C ASP A 267 -14.97 11.39 10.69
N PRO A 268 -14.39 10.51 11.53
CA PRO A 268 -12.96 10.21 11.41
C PRO A 268 -12.57 9.41 10.16
N LEU A 269 -13.48 9.10 9.24
CA LEU A 269 -13.13 8.63 7.89
C LEU A 269 -12.53 7.22 7.89
N LEU A 270 -13.05 6.34 8.74
CA LEU A 270 -12.53 5.00 8.92
C LEU A 270 -13.47 3.94 8.36
N ASN A 271 -12.95 2.71 8.29
CA ASN A 271 -13.72 1.54 7.94
C ASN A 271 -14.13 0.71 9.15
N ILE A 272 -13.51 0.96 10.31
CA ILE A 272 -13.84 0.29 11.57
C ILE A 272 -13.26 1.18 12.66
N GLY A 273 -13.80 1.06 13.87
CA GLY A 273 -13.26 1.81 14.99
C GLY A 273 -14.30 2.61 15.77
N GLY A 274 -14.04 2.77 17.07
CA GLY A 274 -14.90 3.52 17.96
C GLY A 274 -14.06 4.00 19.12
N LEU A 275 -14.69 4.80 19.98
CA LEU A 275 -13.93 5.48 21.02
C LEU A 275 -14.85 5.96 22.13
N VAL A 276 -14.43 5.71 23.37
CA VAL A 276 -14.96 6.38 24.55
C VAL A 276 -13.89 7.35 25.03
N ALA A 277 -14.27 8.60 25.27
CA ALA A 277 -13.37 9.55 25.92
C ALA A 277 -14.13 10.17 27.08
N ILE A 278 -13.47 10.25 28.22
CA ILE A 278 -14.07 10.81 29.43
C ILE A 278 -13.26 12.03 29.82
N ARG A 279 -13.96 13.12 30.12
CA ARG A 279 -13.36 14.41 30.40
C ARG A 279 -12.42 14.35 31.62
N ASP A 280 -12.99 14.19 32.83
CA ASP A 280 -12.19 14.21 34.05
C ASP A 280 -12.63 13.26 35.14
N ASN A 281 -13.71 12.49 34.95
CA ASN A 281 -14.27 11.63 36.00
C ASN A 281 -13.55 10.29 35.96
N GLU A 282 -12.53 10.15 36.81
CA GLU A 282 -11.67 8.97 36.76
C GLU A 282 -12.38 7.71 37.25
N GLU A 283 -13.41 7.85 38.08
CA GLU A 283 -14.11 6.67 38.57
C GLU A 283 -14.95 6.04 37.47
N ILE A 284 -15.63 6.87 36.68
CA ILE A 284 -16.41 6.33 35.56
C ILE A 284 -15.47 5.72 34.53
N PHE A 285 -14.32 6.35 34.30
CA PHE A 285 -13.28 5.79 33.44
C PHE A 285 -12.83 4.42 33.93
N THR A 286 -12.50 4.31 35.23
CA THR A 286 -12.03 3.05 35.77
C THR A 286 -13.09 1.96 35.67
N LEU A 287 -14.35 2.30 35.92
CA LEU A 287 -15.42 1.32 35.80
C LEU A 287 -15.61 0.88 34.36
N ALA A 288 -15.52 1.83 33.41
CA ALA A 288 -15.65 1.47 32.00
C ALA A 288 -14.49 0.59 31.53
N ARG A 289 -13.28 0.86 32.02
CA ARG A 289 -12.16 -0.03 31.73
C ARG A 289 -12.44 -1.45 32.20
N GLN A 290 -13.08 -1.59 33.36
CA GLN A 290 -13.40 -2.91 33.87
C GLN A 290 -14.44 -3.61 33.00
N ARG A 291 -15.33 -2.87 32.35
CA ARG A 291 -16.25 -3.49 31.42
C ARG A 291 -15.64 -3.68 30.03
N CYS A 292 -14.71 -2.83 29.63
CA CYS A 292 -14.06 -3.00 28.33
C CYS A 292 -13.36 -4.35 28.23
N VAL A 293 -12.70 -4.80 29.31
CA VAL A 293 -11.85 -5.99 29.21
C VAL A 293 -12.61 -7.25 28.83
N PRO A 294 -13.74 -7.60 29.45
CA PRO A 294 -14.45 -8.81 29.00
C PRO A 294 -15.19 -8.62 27.69
N MET A 295 -15.64 -7.42 27.37
CA MET A 295 -16.51 -7.22 26.21
C MET A 295 -15.72 -6.91 24.94
N GLU A 296 -14.75 -6.02 25.04
CA GLU A 296 -14.07 -5.52 23.85
C GLU A 296 -12.63 -6.01 23.74
N GLY A 297 -11.84 -5.85 24.79
CA GLY A 297 -10.45 -6.24 24.75
C GLY A 297 -9.68 -5.48 25.81
N PHE A 298 -8.36 -5.63 25.77
CA PHE A 298 -7.54 -4.88 26.71
C PHE A 298 -7.73 -3.39 26.47
N VAL A 299 -7.50 -2.61 27.53
CA VAL A 299 -7.88 -1.19 27.52
C VAL A 299 -7.00 -0.32 26.63
N THR A 300 -5.91 -0.86 26.08
CA THR A 300 -5.09 -0.10 25.13
C THR A 300 -5.33 -0.49 23.67
N TYR A 301 -6.28 -1.38 23.40
CA TYR A 301 -6.70 -1.57 22.01
C TYR A 301 -8.20 -1.75 21.85
N GLY A 302 -8.91 -2.27 22.85
CA GLY A 302 -10.38 -2.24 22.82
C GLY A 302 -11.04 -2.94 21.65
N GLY A 303 -10.46 -4.04 21.17
CA GLY A 303 -11.05 -4.72 20.03
C GLY A 303 -10.66 -4.19 18.67
N LEU A 304 -9.65 -3.31 18.61
CA LEU A 304 -9.10 -2.84 17.35
C LEU A 304 -7.69 -3.37 17.14
N ALA A 305 -7.35 -3.62 15.89
CA ALA A 305 -5.96 -3.82 15.53
C ALA A 305 -5.20 -2.52 15.72
N GLY A 306 -3.88 -2.66 15.94
CA GLY A 306 -3.04 -1.48 16.12
C GLY A 306 -3.14 -0.52 14.95
N ARG A 307 -3.16 -1.06 13.72
CA ARG A 307 -3.25 -0.21 12.54
C ARG A 307 -4.53 0.62 12.53
N ASP A 308 -5.62 0.13 13.12
CA ASP A 308 -6.86 0.89 13.07
C ASP A 308 -6.85 2.05 14.06
N MET A 309 -6.17 1.88 15.19
CA MET A 309 -5.89 3.04 16.03
C MET A 309 -5.01 4.04 15.30
N ALA A 310 -4.02 3.55 14.53
CA ALA A 310 -3.17 4.46 13.76
C ALA A 310 -3.97 5.21 12.70
N ALA A 311 -4.85 4.52 11.98
CA ALA A 311 -5.69 5.21 11.01
C ALA A 311 -6.65 6.18 11.68
N MET A 312 -7.09 5.88 12.91
CA MET A 312 -8.02 6.77 13.61
C MET A 312 -7.34 8.06 14.02
N VAL A 313 -6.09 7.99 14.50
CA VAL A 313 -5.35 9.20 14.85
C VAL A 313 -5.30 10.14 13.66
N GLN A 314 -4.93 9.61 12.49
CA GLN A 314 -4.82 10.42 11.28
C GLN A 314 -6.21 10.81 10.75
N GLY A 315 -7.20 9.94 10.90
CA GLY A 315 -8.55 10.30 10.48
C GLY A 315 -9.17 11.40 11.31
N LEU A 316 -8.88 11.42 12.61
CA LEU A 316 -9.42 12.48 13.46
C LEU A 316 -8.95 13.86 13.02
N GLU A 317 -7.76 13.94 12.43
CA GLU A 317 -7.26 15.22 11.92
C GLU A 317 -7.91 15.57 10.59
N GLU A 318 -8.02 14.60 9.68
CA GLU A 318 -8.54 14.88 8.35
C GLU A 318 -10.01 15.25 8.40
N GLY A 319 -10.78 14.65 9.31
CA GLY A 319 -12.20 14.93 9.41
C GLY A 319 -12.53 16.34 9.86
N THR A 320 -11.59 17.04 10.47
CA THR A 320 -11.81 18.42 10.91
C THR A 320 -11.44 19.46 9.86
N GLU A 321 -10.92 19.07 8.69
CA GLU A 321 -10.43 20.05 7.73
C GLU A 321 -11.61 20.71 7.03
N GLU A 322 -11.68 22.05 7.08
CA GLU A 322 -12.86 22.74 6.61
C GLU A 322 -13.01 22.63 5.09
N GLU A 323 -11.90 22.67 4.36
CA GLU A 323 -11.97 22.49 2.91
C GLU A 323 -12.66 21.18 2.56
N TYR A 324 -12.28 20.09 3.23
CA TYR A 324 -12.94 18.81 3.01
C TYR A 324 -14.39 18.83 3.46
N LEU A 325 -14.69 19.40 4.63
CA LEU A 325 -16.07 19.44 5.13
C LEU A 325 -16.96 20.26 4.22
N HIS A 326 -16.45 21.38 3.70
CA HIS A 326 -17.21 22.19 2.76
C HIS A 326 -17.63 21.38 1.55
N TYR A 327 -16.70 20.58 0.98
CA TYR A 327 -17.03 19.75 -0.17
CA TYR A 327 -17.03 19.75 -0.16
C TYR A 327 -18.00 18.63 0.21
N ARG A 328 -17.70 17.89 1.29
CA ARG A 328 -18.50 16.75 1.68
C ARG A 328 -19.96 17.15 1.87
N ILE A 329 -20.19 18.13 2.74
CA ILE A 329 -21.53 18.65 2.99
C ILE A 329 -22.07 19.41 1.80
N GLY A 330 -21.19 19.92 0.94
CA GLY A 330 -21.64 20.51 -0.31
C GLY A 330 -22.15 19.50 -1.30
N GLN A 331 -21.58 18.28 -1.28
CA GLN A 331 -22.07 17.23 -2.16
C GLN A 331 -23.45 16.75 -1.74
N VAL A 332 -23.64 16.52 -0.43
CA VAL A 332 -24.96 16.20 0.09
C VAL A 332 -25.97 17.28 -0.34
N LYS A 333 -25.58 18.55 -0.23
CA LYS A 333 -26.47 19.65 -0.60
C LYS A 333 -26.78 19.66 -2.08
N TYR A 334 -25.81 19.26 -2.92
CA TYR A 334 -26.03 19.16 -4.35
C TYR A 334 -27.13 18.15 -4.68
N LEU A 335 -27.03 16.95 -4.10
CA LEU A 335 -28.06 15.94 -4.33
C LEU A 335 -29.43 16.42 -3.84
N GLY A 336 -29.49 17.03 -2.66
CA GLY A 336 -30.76 17.51 -2.17
C GLY A 336 -31.37 18.59 -3.05
N ASP A 337 -30.52 19.49 -3.55
CA ASP A 337 -31.02 20.54 -4.46
C ASP A 337 -31.48 19.97 -5.79
N ARG A 338 -30.82 18.93 -6.31
CA ARG A 338 -31.33 18.28 -7.52
C ARG A 338 -32.74 17.76 -7.31
N LEU A 339 -32.96 16.99 -6.23
CA LEU A 339 -34.27 16.41 -5.95
C LEU A 339 -35.30 17.49 -5.65
N ARG A 340 -34.92 18.47 -4.83
CA ARG A 340 -35.83 19.55 -4.47
C ARG A 340 -36.27 20.33 -5.71
N GLU A 341 -35.34 20.61 -6.62
CA GLU A 341 -35.70 21.33 -7.83
C GLU A 341 -36.71 20.58 -8.69
N ALA A 342 -36.76 19.25 -8.57
CA ALA A 342 -37.68 18.41 -9.33
C ALA A 342 -38.94 18.05 -8.57
N GLY A 343 -39.20 18.69 -7.44
CA GLY A 343 -40.43 18.46 -6.71
C GLY A 343 -40.41 17.34 -5.71
N ILE A 344 -39.26 16.75 -5.44
CA ILE A 344 -39.15 15.67 -4.45
C ILE A 344 -39.03 16.30 -3.06
N PRO A 345 -39.94 16.02 -2.14
CA PRO A 345 -39.84 16.61 -0.80
C PRO A 345 -38.71 16.01 0.01
N ILE A 346 -37.88 16.87 0.59
CA ILE A 346 -36.77 16.43 1.43
C ILE A 346 -36.82 17.20 2.75
N GLN A 347 -36.11 16.67 3.74
CA GLN A 347 -35.82 17.44 4.94
C GLN A 347 -34.91 18.60 4.55
N TYR A 348 -35.39 19.81 4.76
CA TYR A 348 -34.71 21.00 4.28
C TYR A 348 -34.38 21.92 5.44
N PRO A 349 -33.13 22.38 5.57
CA PRO A 349 -31.98 22.13 4.69
C PRO A 349 -31.40 20.74 4.87
N THR A 350 -30.63 20.27 3.89
CA THR A 350 -29.96 18.97 4.01
C THR A 350 -28.92 19.02 5.11
N GLY A 351 -28.72 17.87 5.76
CA GLY A 351 -27.75 17.73 6.82
C GLY A 351 -26.37 17.37 6.29
N GLY A 352 -25.54 16.83 7.19
CA GLY A 352 -24.16 16.60 6.86
C GLY A 352 -23.85 15.39 5.99
N HIS A 353 -24.58 14.29 6.17
CA HIS A 353 -24.14 13.00 5.68
C HIS A 353 -25.14 12.30 4.78
N ALA A 354 -26.31 12.87 4.56
CA ALA A 354 -27.36 12.19 3.82
C ALA A 354 -28.46 13.17 3.44
N VAL A 355 -29.14 12.88 2.35
CA VAL A 355 -30.40 13.50 2.00
C VAL A 355 -31.53 12.61 2.51
N PHE A 356 -32.46 13.19 3.27
CA PHE A 356 -33.60 12.48 3.84
C PHE A 356 -34.86 12.85 3.07
N VAL A 357 -35.40 11.89 2.33
CA VAL A 357 -36.56 12.14 1.48
C VAL A 357 -37.83 11.83 2.26
N ASP A 358 -38.71 12.84 2.37
CA ASP A 358 -39.97 12.73 3.12
C ASP A 358 -40.95 11.89 2.32
N CYS A 359 -41.07 10.62 2.67
CA CYS A 359 -41.99 9.72 2.01
C CYS A 359 -43.40 9.79 2.60
N LYS A 360 -43.59 10.48 3.72
CA LYS A 360 -44.94 10.75 4.20
C LYS A 360 -45.68 11.69 3.26
N LYS A 361 -44.94 12.52 2.51
CA LYS A 361 -45.52 13.35 1.46
C LYS A 361 -45.40 12.73 0.08
N LEU A 362 -44.41 11.85 -0.11
CA LEU A 362 -44.17 11.28 -1.43
C LEU A 362 -45.12 10.14 -1.75
N VAL A 363 -45.46 9.33 -0.74
CA VAL A 363 -46.41 8.24 -0.90
C VAL A 363 -47.46 8.37 0.20
N PRO A 364 -48.51 9.17 -0.02
CA PRO A 364 -49.53 9.36 1.03
C PRO A 364 -50.43 8.16 1.24
N GLN A 365 -50.58 7.29 0.23
CA GLN A 365 -51.52 6.18 0.31
C GLN A 365 -51.01 5.03 1.19
N ILE A 366 -49.79 5.10 1.68
CA ILE A 366 -49.20 4.05 2.52
C ILE A 366 -49.14 4.59 3.95
N PRO A 367 -49.84 3.97 4.91
CA PRO A 367 -49.74 4.41 6.30
C PRO A 367 -48.39 4.04 6.91
N GLY A 368 -48.03 4.78 7.96
CA GLY A 368 -46.68 4.70 8.50
C GLY A 368 -46.30 3.33 9.03
N ASP A 369 -47.26 2.59 9.57
CA ASP A 369 -46.98 1.24 10.04
C ASP A 369 -46.92 0.21 8.92
N GLN A 370 -47.18 0.61 7.67
CA GLN A 370 -46.88 -0.21 6.51
C GLN A 370 -45.57 0.20 5.83
N PHE A 371 -44.78 1.06 6.47
CA PHE A 371 -43.43 1.41 6.06
C PHE A 371 -43.41 2.06 4.69
N PRO A 372 -43.91 3.30 4.56
CA PRO A 372 -43.94 3.93 3.23
C PRO A 372 -42.56 4.17 2.62
N ALA A 373 -41.60 4.61 3.42
CA ALA A 373 -40.28 4.85 2.88
C ALA A 373 -39.64 3.56 2.35
N GLN A 374 -40.03 2.40 2.88
CA GLN A 374 -39.45 1.15 2.40
C GLN A 374 -39.99 0.78 1.03
N ALA A 375 -41.26 1.06 0.77
CA ALA A 375 -41.80 0.85 -0.56
C ALA A 375 -41.06 1.70 -1.59
N VAL A 376 -40.72 2.95 -1.23
CA VAL A 376 -39.97 3.82 -2.14
C VAL A 376 -38.55 3.31 -2.32
N ILE A 377 -37.90 2.88 -1.22
CA ILE A 377 -36.55 2.34 -1.31
C ILE A 377 -36.52 1.12 -2.21
N ASN A 378 -37.47 0.21 -2.02
CA ASN A 378 -37.51 -1.00 -2.82
C ASN A 378 -37.70 -0.70 -4.29
N ALA A 379 -38.56 0.29 -4.61
CA ALA A 379 -38.78 0.62 -6.01
C ALA A 379 -37.57 1.34 -6.61
N LEU A 380 -36.91 2.19 -5.81
CA LEU A 380 -35.70 2.85 -6.29
C LEU A 380 -34.60 1.84 -6.61
N TYR A 381 -34.47 0.78 -5.79
CA TYR A 381 -33.47 -0.25 -6.06
C TYR A 381 -33.81 -1.03 -7.32
N LEU A 382 -35.07 -1.47 -7.45
CA LEU A 382 -35.45 -2.27 -8.61
C LEU A 382 -35.23 -1.49 -9.90
N GLU A 383 -35.34 -0.17 -9.84
CA GLU A 383 -35.21 0.71 -11.00
C GLU A 383 -33.76 1.09 -11.31
N SER A 384 -32.86 1.08 -10.32
CA SER A 384 -31.53 1.69 -10.49
C SER A 384 -30.34 0.92 -9.92
N GLY A 385 -30.54 -0.09 -9.06
CA GLY A 385 -29.41 -0.69 -8.37
C GLY A 385 -28.85 0.12 -7.22
N VAL A 386 -29.44 1.27 -6.91
CA VAL A 386 -29.07 2.05 -5.74
C VAL A 386 -29.76 1.48 -4.52
N ARG A 387 -29.01 1.27 -3.44
CA ARG A 387 -29.55 0.75 -2.20
C ARG A 387 -29.59 1.86 -1.14
N ALA A 388 -30.80 2.26 -0.73
CA ALA A 388 -30.97 3.24 0.32
C ALA A 388 -31.52 2.56 1.56
N VAL A 389 -31.81 3.36 2.59
CA VAL A 389 -32.23 2.83 3.89
C VAL A 389 -33.35 3.68 4.47
N GLU A 390 -34.16 3.06 5.31
CA GLU A 390 -35.35 3.69 5.88
C GLU A 390 -35.05 4.21 7.28
N ILE A 391 -35.37 5.47 7.53
CA ILE A 391 -35.27 6.06 8.87
C ILE A 391 -36.67 6.50 9.29
N GLY A 392 -37.55 5.54 9.59
CA GLY A 392 -38.93 5.84 9.91
C GLY A 392 -39.50 4.83 10.89
N SER A 393 -40.75 4.42 10.67
CA SER A 393 -41.41 3.51 11.59
C SER A 393 -40.71 2.15 11.63
N PHE A 394 -40.21 1.68 10.49
CA PHE A 394 -39.48 0.41 10.43
C PHE A 394 -38.30 0.43 11.40
N LEU A 395 -37.45 1.45 11.31
CA LEU A 395 -36.27 1.56 12.16
C LEU A 395 -36.66 1.92 13.61
N LEU A 396 -37.68 2.75 13.79
CA LEU A 396 -38.03 3.19 15.13
C LEU A 396 -38.41 2.01 16.03
N GLY A 397 -39.07 1.01 15.47
CA GLY A 397 -39.32 -0.20 16.22
C GLY A 397 -40.56 -0.12 17.09
N ARG A 398 -40.54 -0.90 18.17
CA ARG A 398 -41.66 -1.01 19.09
C ARG A 398 -41.27 -0.49 20.47
N ASP A 399 -42.26 0.02 21.19
CA ASP A 399 -42.05 0.47 22.57
C ASP A 399 -41.73 -0.74 23.45
N PRO A 400 -40.65 -0.70 24.23
CA PRO A 400 -40.36 -1.82 25.14
C PRO A 400 -41.48 -2.14 26.11
N ALA A 401 -42.25 -1.14 26.55
CA ALA A 401 -43.26 -1.35 27.56
C ALA A 401 -44.55 -1.93 26.97
N THR A 402 -45.14 -1.24 25.98
CA THR A 402 -46.43 -1.63 25.43
C THR A 402 -46.34 -2.68 24.33
N GLY A 403 -45.18 -2.84 23.70
CA GLY A 403 -45.04 -3.80 22.62
C GLY A 403 -45.66 -3.37 21.30
N GLU A 404 -46.08 -2.11 21.19
CA GLU A 404 -46.68 -1.60 19.97
C GLU A 404 -45.72 -0.68 19.25
N GLN A 405 -46.04 -0.42 17.98
CA GLN A 405 -45.23 0.47 17.14
C GLN A 405 -44.99 1.80 17.83
N LYS A 406 -43.72 2.19 17.94
CA LYS A 406 -43.39 3.55 18.36
C LYS A 406 -43.85 4.53 17.31
N HIS A 407 -44.61 5.55 17.72
CA HIS A 407 -45.17 6.50 16.77
C HIS A 407 -44.06 7.30 16.10
N ALA A 408 -44.02 7.26 14.77
CA ALA A 408 -43.00 7.95 13.99
C ALA A 408 -43.56 9.26 13.46
N ASP A 409 -42.95 10.37 13.87
CA ASP A 409 -43.29 11.67 13.33
C ASP A 409 -42.60 11.96 12.01
N MET A 410 -41.66 11.11 11.59
CA MET A 410 -40.87 11.32 10.39
C MET A 410 -40.72 9.98 9.67
N GLU A 411 -41.08 9.94 8.39
CA GLU A 411 -40.93 8.75 7.55
C GLU A 411 -39.93 9.08 6.45
N PHE A 412 -38.65 8.91 6.74
CA PHE A 412 -37.59 9.31 5.82
C PHE A 412 -37.02 8.11 5.08
N MET A 413 -36.82 8.29 3.77
CA MET A 413 -35.85 7.49 3.03
C MET A 413 -34.51 8.21 3.07
N ARG A 414 -33.47 7.54 3.55
CA ARG A 414 -32.18 8.17 3.74
C ARG A 414 -31.24 7.77 2.61
N LEU A 415 -30.78 8.77 1.86
CA LEU A 415 -29.76 8.57 0.84
C LEU A 415 -28.41 8.89 1.49
N THR A 416 -27.78 7.88 2.10
CA THR A 416 -26.57 8.10 2.89
C THR A 416 -25.33 8.12 2.00
N ILE A 417 -24.50 9.14 2.17
CA ILE A 417 -23.34 9.35 1.29
C ILE A 417 -22.06 9.06 2.08
N ALA A 418 -21.39 7.96 1.75
CA ALA A 418 -20.04 7.72 2.27
C ALA A 418 -19.10 8.85 1.87
N ARG A 419 -18.09 9.10 2.71
CA ARG A 419 -17.19 10.24 2.51
C ARG A 419 -16.10 9.92 1.48
N ARG A 420 -15.96 10.82 0.50
CA ARG A 420 -14.87 10.80 -0.48
C ARG A 420 -14.91 9.57 -1.37
N VAL A 421 -16.08 8.98 -1.54
CA VAL A 421 -16.25 7.72 -2.26
C VAL A 421 -16.87 7.94 -3.63
N TYR A 422 -17.93 8.74 -3.70
CA TYR A 422 -18.74 8.92 -4.90
C TYR A 422 -18.58 10.34 -5.41
N THR A 423 -18.67 10.50 -6.73
CA THR A 423 -18.56 11.83 -7.31
C THR A 423 -19.94 12.47 -7.49
N ASN A 424 -19.93 13.72 -7.96
CA ASN A 424 -21.20 14.40 -8.20
C ASN A 424 -21.92 13.84 -9.40
N ASP A 425 -21.20 13.13 -10.29
CA ASP A 425 -21.87 12.39 -11.36
C ASP A 425 -22.63 11.20 -10.81
N HIS A 426 -22.09 10.54 -9.78
CA HIS A 426 -22.84 9.50 -9.08
C HIS A 426 -24.09 10.08 -8.46
N MET A 427 -24.00 11.28 -7.85
CA MET A 427 -25.19 11.95 -7.33
C MET A 427 -26.23 12.17 -8.43
N ASP A 428 -25.80 12.59 -9.62
CA ASP A 428 -26.75 12.82 -10.71
C ASP A 428 -27.47 11.54 -11.09
N TYR A 429 -26.77 10.41 -11.08
CA TYR A 429 -27.44 9.14 -11.35
C TYR A 429 -28.48 8.87 -10.28
N ILE A 430 -28.13 9.08 -9.01
CA ILE A 430 -29.07 8.87 -7.92
C ILE A 430 -30.27 9.79 -8.09
N ALA A 431 -30.02 11.07 -8.38
CA ALA A 431 -31.11 12.03 -8.54
C ALA A 431 -32.02 11.64 -9.70
N ASP A 432 -31.45 11.40 -10.89
CA ASP A 432 -32.28 11.10 -12.05
C ASP A 432 -33.08 9.81 -11.85
N ALA A 433 -32.52 8.84 -11.15
CA ALA A 433 -33.22 7.59 -10.90
C ALA A 433 -34.48 7.82 -10.06
N LEU A 434 -34.35 8.56 -8.97
CA LEU A 434 -35.51 8.84 -8.12
C LEU A 434 -36.50 9.75 -8.84
N ILE A 435 -36.02 10.73 -9.60
CA ILE A 435 -36.90 11.63 -10.33
C ILE A 435 -37.68 10.86 -11.39
N GLY A 436 -37.05 9.86 -12.01
CA GLY A 436 -37.74 9.05 -12.99
C GLY A 436 -38.91 8.26 -12.43
N LEU A 437 -39.02 8.16 -11.12
CA LEU A 437 -40.14 7.48 -10.47
C LEU A 437 -41.32 8.41 -10.20
N LYS A 438 -41.39 9.54 -10.92
CA LYS A 438 -42.40 10.55 -10.64
C LYS A 438 -43.82 10.00 -10.74
N GLU A 439 -44.07 9.12 -11.70
CA GLU A 439 -45.43 8.66 -11.97
C GLU A 439 -45.78 7.36 -11.25
N LYS A 440 -44.83 6.74 -10.55
CA LYS A 440 -45.11 5.48 -9.88
C LYS A 440 -45.32 5.62 -8.38
N PHE A 441 -45.07 6.79 -7.80
CA PHE A 441 -45.14 6.96 -6.35
C PHE A 441 -46.53 6.64 -5.82
N ALA A 442 -47.58 7.18 -6.45
CA ALA A 442 -48.93 6.93 -5.97
C ALA A 442 -49.34 5.47 -6.13
N THR A 443 -48.69 4.72 -7.02
CA THR A 443 -49.00 3.32 -7.24
C THR A 443 -48.44 2.39 -6.18
N LEU A 444 -47.44 2.83 -5.42
CA LEU A 444 -46.73 1.93 -4.53
C LEU A 444 -47.59 1.50 -3.34
N LYS A 445 -47.30 0.30 -2.83
CA LYS A 445 -47.99 -0.28 -1.68
C LYS A 445 -46.98 -0.68 -0.61
N GLY A 446 -47.42 -0.63 0.65
CA GLY A 446 -46.56 -0.90 1.78
C GLY A 446 -46.20 -2.37 1.91
N LEU A 447 -45.59 -2.69 3.05
CA LEU A 447 -45.00 -4.00 3.28
C LEU A 447 -45.48 -4.59 4.59
N GLU A 448 -45.42 -5.92 4.69
CA GLU A 448 -45.89 -6.67 5.85
C GLU A 448 -44.81 -7.64 6.31
N PHE A 449 -44.70 -7.83 7.62
CA PHE A 449 -43.65 -8.67 8.17
C PHE A 449 -43.87 -10.14 7.83
N GLU A 450 -42.76 -10.87 7.76
CA GLU A 450 -42.75 -12.33 7.83
C GLU A 450 -41.92 -12.84 9.00
N TYR A 451 -40.75 -12.26 9.22
CA TYR A 451 -39.92 -12.55 10.38
C TYR A 451 -39.53 -11.22 11.00
N GLU A 452 -39.90 -11.02 12.25
CA GLU A 452 -39.56 -9.77 12.93
C GLU A 452 -38.68 -10.04 14.14
N PRO A 453 -37.43 -9.57 14.15
CA PRO A 453 -36.64 -9.64 15.38
C PRO A 453 -37.24 -8.77 16.45
N PRO A 454 -37.16 -9.18 17.72
CA PRO A 454 -37.68 -8.31 18.79
C PRO A 454 -36.86 -7.06 19.04
N VAL A 455 -35.60 -7.02 18.58
CA VAL A 455 -34.68 -5.93 18.85
C VAL A 455 -33.98 -5.56 17.55
N LEU A 456 -33.91 -4.26 17.25
CA LEU A 456 -33.23 -3.75 16.06
C LEU A 456 -33.69 -4.52 14.82
N ARG A 457 -35.01 -4.46 14.59
CA ARG A 457 -35.66 -5.39 13.67
C ARG A 457 -35.34 -5.11 12.21
N HIS A 458 -35.08 -3.85 11.85
CA HIS A 458 -34.91 -3.49 10.44
C HIS A 458 -33.72 -4.18 9.80
N PHE A 459 -32.71 -4.58 10.60
CA PHE A 459 -31.49 -5.14 10.04
C PHE A 459 -31.74 -6.49 9.36
N THR A 460 -32.57 -7.34 9.95
CA THR A 460 -32.72 -8.71 9.47
C THR A 460 -34.18 -9.11 9.24
N ALA A 461 -35.13 -8.20 9.40
CA ALA A 461 -36.53 -8.54 9.18
C ALA A 461 -36.74 -8.95 7.73
N ARG A 462 -37.70 -9.84 7.51
CA ARG A 462 -38.09 -10.26 6.17
C ARG A 462 -39.53 -9.85 5.93
N LEU A 463 -39.77 -9.13 4.83
CA LEU A 463 -41.03 -8.49 4.54
C LEU A 463 -41.70 -9.10 3.32
N LYS A 464 -42.97 -8.73 3.11
CA LYS A 464 -43.73 -9.17 1.95
C LYS A 464 -44.64 -8.03 1.53
N PRO A 465 -44.74 -7.76 0.23
CA PRO A 465 -45.56 -6.63 -0.23
C PRO A 465 -47.03 -6.86 0.04
N ILE A 466 -47.80 -5.78 -0.11
CA ILE A 466 -49.24 -5.79 0.10
C ILE A 466 -49.95 -5.36 -1.17
N ALA B 2 18.85 -29.44 21.73
CA ALA B 2 17.81 -28.62 21.15
C ALA B 2 17.96 -28.59 19.63
N LYS B 3 16.83 -28.55 18.92
CA LYS B 3 16.80 -28.68 17.47
C LYS B 3 16.20 -27.43 16.85
N ARG B 4 16.92 -26.85 15.89
CA ARG B 4 16.45 -25.67 15.17
CA ARG B 4 16.46 -25.67 15.17
C ARG B 4 15.81 -26.09 13.86
N ILE B 5 14.58 -25.64 13.63
CA ILE B 5 13.83 -25.95 12.42
C ILE B 5 13.73 -24.69 11.56
N VAL B 6 14.05 -24.82 10.28
CA VAL B 6 14.16 -23.66 9.40
C VAL B 6 12.77 -23.15 9.02
N GLU B 7 12.68 -21.83 8.81
CA GLU B 7 11.43 -21.21 8.40
C GLU B 7 11.02 -21.72 7.01
N PRO B 8 9.75 -22.15 6.81
CA PRO B 8 9.25 -22.43 5.46
C PRO B 8 8.76 -21.18 4.74
N PHE B 9 9.48 -20.08 4.92
CA PHE B 9 9.13 -18.79 4.35
C PHE B 9 10.39 -17.93 4.47
N ARG B 10 10.38 -16.80 3.77
CA ARG B 10 11.40 -15.79 3.96
C ARG B 10 10.73 -14.47 4.31
N ILE B 11 11.55 -13.51 4.74
CA ILE B 11 11.07 -12.26 5.31
C ILE B 11 10.83 -11.27 4.18
N LYS B 12 9.64 -10.66 4.18
CA LYS B 12 9.30 -9.66 3.18
C LYS B 12 9.22 -8.26 3.75
N MET B 13 8.86 -8.10 5.02
N MET B 13 8.89 -8.10 5.03
CA MET B 13 8.85 -6.79 5.67
CA MET B 13 8.86 -6.80 5.66
C MET B 13 9.31 -6.94 7.11
C MET B 13 9.29 -6.92 7.11
N VAL B 14 10.01 -5.92 7.61
CA VAL B 14 10.54 -5.95 8.96
C VAL B 14 10.04 -4.75 9.75
N GLU B 15 10.17 -4.85 11.07
CA GLU B 15 9.81 -3.80 12.01
C GLU B 15 10.90 -3.76 13.05
N LYS B 16 11.50 -2.58 13.26
CA LYS B 16 12.61 -2.49 14.20
C LYS B 16 12.15 -2.74 15.63
N ILE B 17 13.03 -3.38 16.41
CA ILE B 17 12.89 -3.47 17.86
C ILE B 17 14.19 -2.98 18.49
N ARG B 18 14.12 -2.68 19.78
CA ARG B 18 15.29 -2.16 20.48
C ARG B 18 15.23 -2.63 21.93
N VAL B 19 16.36 -2.49 22.61
CA VAL B 19 16.51 -2.91 24.00
C VAL B 19 16.53 -1.66 24.87
N PRO B 20 15.51 -1.42 25.69
CA PRO B 20 15.58 -0.30 26.63
C PRO B 20 16.77 -0.47 27.56
N SER B 21 17.30 0.64 28.05
CA SER B 21 18.37 0.58 29.02
C SER B 21 17.84 0.06 30.35
N ARG B 22 18.74 -0.45 31.18
CA ARG B 22 18.35 -0.88 32.52
C ARG B 22 17.71 0.28 33.29
N GLU B 23 18.20 1.50 33.08
CA GLU B 23 17.60 2.66 33.72
C GLU B 23 16.13 2.81 33.33
N GLU B 24 15.83 2.64 32.04
CA GLU B 24 14.46 2.77 31.58
C GLU B 24 13.60 1.64 32.13
N ARG B 25 14.09 0.40 32.05
CA ARG B 25 13.31 -0.75 32.49
C ARG B 25 12.94 -0.64 33.97
N GLU B 26 13.91 -0.32 34.82
CA GLU B 26 13.63 -0.14 36.24
C GLU B 26 12.58 0.93 36.46
N ALA B 27 12.76 2.09 35.81
CA ALA B 27 11.79 3.18 35.92
C ALA B 27 10.44 2.77 35.34
N ALA B 28 10.44 2.15 34.16
CA ALA B 28 9.19 1.80 33.51
C ALA B 28 8.38 0.83 34.34
N LEU B 29 9.04 -0.08 35.06
CA LEU B 29 8.31 -1.07 35.84
C LEU B 29 7.65 -0.43 37.06
N LYS B 30 8.32 0.52 37.71
CA LYS B 30 7.70 1.22 38.83
C LYS B 30 6.53 2.07 38.36
N GLU B 31 6.71 2.81 37.25
CA GLU B 31 5.60 3.53 36.66
C GLU B 31 4.45 2.60 36.29
N ALA B 32 4.77 1.35 35.93
CA ALA B 32 3.76 0.38 35.55
C ALA B 32 3.15 -0.35 36.74
N GLY B 33 3.55 -0.01 37.96
CA GLY B 33 3.04 -0.69 39.14
C GLY B 33 3.50 -2.12 39.25
N TYR B 34 4.67 -2.44 38.73
CA TYR B 34 5.22 -3.79 38.76
C TYR B 34 4.26 -4.80 38.14
N ASN B 35 3.44 -4.33 37.21
CA ASN B 35 2.58 -5.17 36.38
C ASN B 35 2.99 -4.94 34.94
N PRO B 36 3.69 -5.88 34.30
CA PRO B 36 4.10 -5.67 32.90
C PRO B 36 2.95 -5.40 31.95
N PHE B 37 1.71 -5.78 32.29
CA PHE B 37 0.59 -5.44 31.43
C PHE B 37 0.42 -3.93 31.27
N LEU B 38 0.98 -3.14 32.19
CA LEU B 38 0.85 -1.68 32.13
C LEU B 38 2.09 -1.00 31.53
N LEU B 39 3.08 -1.76 31.10
CA LEU B 39 4.23 -1.18 30.43
C LEU B 39 3.86 -0.70 29.03
N PRO B 40 4.38 0.43 28.59
CA PRO B 40 4.24 0.80 27.18
C PRO B 40 5.07 -0.13 26.33
N SER B 41 4.59 -0.40 25.12
CA SER B 41 5.34 -1.29 24.24
C SER B 41 6.73 -0.76 23.95
N SER B 42 6.89 0.56 23.98
CA SER B 42 8.20 1.14 23.73
C SER B 42 9.23 0.73 24.78
N ALA B 43 8.80 0.31 25.95
CA ALA B 43 9.69 -0.13 27.02
C ALA B 43 9.99 -1.62 26.97
N VAL B 44 9.57 -2.32 25.92
CA VAL B 44 9.72 -3.77 25.81
C VAL B 44 10.60 -4.09 24.61
N TYR B 45 11.52 -5.04 24.81
CA TYR B 45 12.39 -5.50 23.72
C TYR B 45 11.69 -6.57 22.91
N ILE B 46 11.65 -7.80 23.41
CA ILE B 46 10.91 -8.90 22.82
C ILE B 46 9.63 -9.06 23.62
N ASP B 47 8.47 -9.05 22.96
CA ASP B 47 7.20 -9.10 23.66
C ASP B 47 6.66 -10.53 23.63
N LEU B 48 6.70 -11.19 24.80
CA LEU B 48 6.14 -12.53 24.96
C LEU B 48 4.85 -12.53 25.78
N LEU B 49 4.17 -11.38 25.82
CA LEU B 49 2.95 -11.27 26.62
C LEU B 49 1.85 -12.20 26.10
N THR B 50 1.75 -12.34 24.78
CA THR B 50 0.67 -13.10 24.19
C THR B 50 1.08 -13.54 22.78
N ASP B 51 0.36 -14.53 22.25
CA ASP B 51 0.40 -14.90 20.84
C ASP B 51 -0.84 -14.43 20.11
N SER B 52 -1.59 -13.50 20.71
CA SER B 52 -2.87 -13.06 20.22
C SER B 52 -2.71 -11.72 19.52
N GLY B 53 -3.01 -11.69 18.22
CA GLY B 53 -3.04 -10.43 17.48
C GLY B 53 -1.70 -9.83 17.12
N THR B 54 -0.58 -10.47 17.49
CA THR B 54 0.75 -9.95 17.23
C THR B 54 1.44 -10.69 16.09
N ASN B 55 0.70 -11.53 15.36
CA ASN B 55 1.31 -12.37 14.34
C ASN B 55 1.68 -11.57 13.11
N ALA B 56 2.69 -12.06 12.40
CA ALA B 56 3.06 -11.53 11.10
C ALA B 56 2.23 -12.21 10.01
N MET B 57 1.60 -11.42 9.17
CA MET B 57 0.79 -11.91 8.07
C MET B 57 1.65 -12.14 6.83
N SER B 58 1.13 -12.92 5.89
CA SER B 58 1.81 -13.13 4.61
C SER B 58 1.47 -12.01 3.62
N ASP B 59 2.21 -11.99 2.51
CA ASP B 59 1.90 -11.06 1.43
C ASP B 59 0.50 -11.32 0.87
N HIS B 60 0.10 -12.59 0.74
CA HIS B 60 -1.25 -12.91 0.27
C HIS B 60 -2.31 -12.41 1.21
N GLN B 61 -2.02 -12.38 2.52
CA GLN B 61 -2.98 -11.86 3.49
C GLN B 61 -3.12 -10.35 3.37
N TRP B 62 -2.00 -9.65 3.19
CA TRP B 62 -2.07 -8.21 2.95
C TRP B 62 -2.77 -7.90 1.64
N ALA B 63 -2.50 -8.69 0.60
CA ALA B 63 -3.16 -8.43 -0.67
C ALA B 63 -4.67 -8.62 -0.55
N ALA B 64 -5.12 -9.60 0.24
CA ALA B 64 -6.54 -9.80 0.50
C ALA B 64 -7.16 -8.59 1.19
N MET B 65 -6.42 -7.97 2.11
N MET B 65 -6.41 -7.95 2.09
CA MET B 65 -6.94 -6.78 2.79
CA MET B 65 -6.97 -6.79 2.78
C MET B 65 -7.19 -5.65 1.80
C MET B 65 -7.16 -5.60 1.83
N ILE B 66 -6.22 -5.39 0.90
CA ILE B 66 -6.31 -4.25 -0.01
C ILE B 66 -7.54 -4.33 -0.91
N THR B 67 -7.93 -5.54 -1.32
CA THR B 67 -9.15 -5.72 -2.09
C THR B 67 -10.36 -6.10 -1.22
N GLY B 68 -10.27 -5.92 0.10
CA GLY B 68 -11.40 -6.27 0.94
C GLY B 68 -12.60 -5.38 0.65
N ASP B 69 -13.79 -5.96 0.77
CA ASP B 69 -15.04 -5.27 0.45
C ASP B 69 -15.61 -4.70 1.75
N GLU B 70 -15.63 -3.37 1.87
CA GLU B 70 -16.01 -2.69 3.11
C GLU B 70 -17.52 -2.45 3.23
N ALA B 71 -18.32 -3.04 2.36
CA ALA B 71 -19.76 -2.83 2.37
C ALA B 71 -20.36 -3.12 3.73
N TYR B 72 -21.30 -2.27 4.14
CA TYR B 72 -21.93 -2.46 5.44
C TYR B 72 -22.72 -3.77 5.47
N ALA B 73 -23.41 -4.10 4.39
CA ALA B 73 -24.25 -5.29 4.35
C ALA B 73 -23.92 -6.09 3.11
N GLY B 74 -23.60 -7.37 3.30
CA GLY B 74 -23.40 -8.24 2.16
C GLY B 74 -22.01 -8.22 1.55
N SER B 75 -20.99 -7.87 2.34
CA SER B 75 -19.63 -7.85 1.82
C SER B 75 -19.27 -9.21 1.21
N ARG B 76 -18.59 -9.15 0.07
N ARG B 76 -18.58 -9.17 0.08
CA ARG B 76 -18.14 -10.37 -0.62
CA ARG B 76 -18.16 -10.39 -0.60
C ARG B 76 -17.29 -11.25 0.29
C ARG B 76 -17.26 -11.26 0.27
N ASN B 77 -16.53 -10.65 1.20
CA ASN B 77 -15.68 -11.42 2.10
C ASN B 77 -16.48 -12.17 3.17
N TYR B 78 -17.70 -11.72 3.49
CA TYR B 78 -18.54 -12.53 4.37
C TYR B 78 -18.88 -13.86 3.72
N TYR B 79 -19.29 -13.84 2.45
CA TYR B 79 -19.65 -15.08 1.78
C TYR B 79 -18.44 -16.00 1.60
N ASP B 80 -17.27 -15.42 1.32
CA ASP B 80 -16.02 -16.20 1.34
C ASP B 80 -15.78 -16.82 2.71
N LEU B 81 -15.98 -16.06 3.78
CA LEU B 81 -15.75 -16.62 5.12
C LEU B 81 -16.71 -17.76 5.40
N LYS B 82 -17.97 -17.63 4.93
CA LYS B 82 -18.97 -18.67 5.11
C LYS B 82 -18.56 -19.96 4.41
N ASP B 83 -18.17 -19.87 3.14
CA ASP B 83 -17.69 -21.05 2.41
C ASP B 83 -16.47 -21.66 3.08
N LYS B 84 -15.55 -20.82 3.57
CA LYS B 84 -14.35 -21.35 4.22
C LYS B 84 -14.70 -22.13 5.48
N ALA B 85 -15.69 -21.66 6.23
CA ALA B 85 -16.07 -22.38 7.45
C ALA B 85 -16.74 -23.70 7.12
N LYS B 86 -17.56 -23.71 6.06
CA LYS B 86 -18.15 -24.96 5.60
C LYS B 86 -17.07 -25.93 5.11
N GLU B 87 -16.02 -25.41 4.47
CA GLU B 87 -14.94 -26.28 3.99
C GLU B 87 -14.17 -26.91 5.14
N LEU B 88 -13.77 -26.11 6.13
CA LEU B 88 -12.88 -26.57 7.18
C LEU B 88 -13.60 -27.39 8.24
N PHE B 89 -14.79 -26.96 8.67
CA PHE B 89 -15.48 -27.55 9.80
C PHE B 89 -16.76 -28.28 9.43
N ASN B 90 -17.24 -28.14 8.19
CA ASN B 90 -18.54 -28.65 7.77
C ASN B 90 -19.69 -27.98 8.50
N TYR B 91 -19.51 -26.73 8.95
CA TYR B 91 -20.53 -26.01 9.71
C TYR B 91 -21.25 -25.03 8.78
N ASP B 92 -22.60 -25.00 8.85
CA ASP B 92 -23.39 -24.30 7.84
C ASP B 92 -23.66 -22.82 8.15
N TYR B 93 -23.38 -22.35 9.35
CA TYR B 93 -23.72 -20.98 9.72
C TYR B 93 -22.51 -20.29 10.34
N ILE B 94 -22.35 -19.00 10.05
CA ILE B 94 -21.26 -18.23 10.64
C ILE B 94 -21.79 -16.86 11.09
N ILE B 95 -21.17 -16.33 12.13
CA ILE B 95 -21.31 -14.94 12.52
C ILE B 95 -19.92 -14.44 12.83
N PRO B 96 -19.37 -13.49 12.06
CA PRO B 96 -18.09 -12.92 12.44
C PRO B 96 -18.24 -12.10 13.70
N ALA B 97 -17.16 -12.03 14.47
CA ALA B 97 -17.11 -11.20 15.67
C ALA B 97 -15.79 -10.43 15.63
N HIS B 98 -15.67 -9.40 16.47
CA HIS B 98 -14.45 -8.61 16.38
C HIS B 98 -13.26 -9.34 16.97
N GLN B 99 -13.46 -10.21 17.96
CA GLN B 99 -12.42 -11.12 18.44
C GLN B 99 -13.07 -12.21 19.29
N GLY B 100 -12.24 -13.05 19.91
CA GLY B 100 -12.75 -14.25 20.55
C GLY B 100 -13.77 -13.96 21.64
N ARG B 101 -13.50 -12.97 22.48
CA ARG B 101 -14.44 -12.66 23.56
C ARG B 101 -15.71 -11.96 23.08
N GLY B 102 -15.68 -11.38 21.88
CA GLY B 102 -16.92 -10.97 21.24
C GLY B 102 -17.75 -12.16 20.78
N ALA B 103 -17.09 -13.20 20.26
CA ALA B 103 -17.78 -14.44 19.92
C ALA B 103 -18.40 -15.11 21.15
N GLU B 104 -17.65 -15.17 22.26
CA GLU B 104 -18.22 -15.66 23.51
C GLU B 104 -19.41 -14.82 23.96
N ASN B 105 -19.31 -13.50 23.83
CA ASN B 105 -20.41 -12.65 24.26
C ASN B 105 -21.64 -12.84 23.37
N ILE B 106 -21.45 -13.15 22.09
CA ILE B 106 -22.60 -13.46 21.25
C ILE B 106 -23.26 -14.76 21.69
N LEU B 107 -22.48 -15.83 21.81
CA LEU B 107 -23.06 -17.17 21.86
C LEU B 107 -23.46 -17.62 23.26
N PHE B 108 -22.59 -17.45 24.27
CA PHE B 108 -22.88 -18.01 25.59
C PHE B 108 -24.16 -17.48 26.24
N PRO B 109 -24.49 -16.19 26.17
CA PRO B 109 -25.80 -15.77 26.69
C PRO B 109 -26.97 -16.37 25.92
N VAL B 110 -26.82 -16.58 24.62
CA VAL B 110 -27.87 -17.24 23.85
C VAL B 110 -28.09 -18.66 24.36
N LEU B 111 -27.00 -19.40 24.55
CA LEU B 111 -27.11 -20.78 25.01
C LEU B 111 -27.77 -20.86 26.38
N LEU B 112 -27.48 -19.90 27.27
CA LEU B 112 -28.12 -19.90 28.57
C LEU B 112 -29.63 -19.65 28.44
N LYS B 113 -30.02 -18.59 27.72
CA LYS B 113 -31.43 -18.26 27.60
C LYS B 113 -32.21 -19.33 26.87
N TYR B 114 -31.57 -20.00 25.91
CA TYR B 114 -32.20 -21.09 25.20
C TYR B 114 -32.57 -22.22 26.16
N LYS B 115 -31.64 -22.61 27.02
CA LYS B 115 -31.95 -23.65 28.00
C LYS B 115 -32.95 -23.14 29.04
N GLN B 116 -32.83 -21.86 29.43
CA GLN B 116 -33.75 -21.30 30.41
C GLN B 116 -35.17 -21.24 29.88
N LYS B 117 -35.33 -21.01 28.57
CA LYS B 117 -36.66 -20.86 27.99
CA LYS B 117 -36.65 -20.86 27.99
C LYS B 117 -37.48 -22.14 28.12
N GLU B 118 -36.82 -23.31 28.11
CA GLU B 118 -37.55 -24.56 28.26
C GLU B 118 -37.52 -25.09 29.69
N GLY B 119 -37.35 -24.22 30.66
CA GLY B 119 -37.49 -24.57 32.06
C GLY B 119 -36.27 -25.19 32.69
N LYS B 120 -35.13 -25.22 32.01
CA LYS B 120 -33.92 -25.81 32.55
C LYS B 120 -32.96 -24.72 32.96
N ALA B 121 -31.71 -25.10 33.25
CA ALA B 121 -30.65 -24.18 33.63
C ALA B 121 -31.05 -23.32 34.83
N LYS B 122 -31.77 -23.94 35.78
CA LYS B 122 -32.19 -23.20 36.97
C LYS B 122 -31.00 -22.84 37.85
N ASN B 123 -30.00 -23.72 37.93
CA ASN B 123 -28.75 -23.46 38.64
C ASN B 123 -27.62 -23.76 37.65
N PRO B 124 -27.37 -22.83 36.72
CA PRO B 124 -26.66 -23.19 35.49
C PRO B 124 -25.15 -23.27 35.65
N VAL B 125 -24.54 -24.26 34.96
CA VAL B 125 -23.08 -24.38 34.91
C VAL B 125 -22.61 -24.63 33.49
N PHE B 126 -21.35 -24.28 33.23
CA PHE B 126 -20.59 -24.65 32.06
C PHE B 126 -19.46 -25.57 32.49
N ILE B 127 -19.09 -26.52 31.63
CA ILE B 127 -18.00 -27.44 31.95
C ILE B 127 -16.99 -27.42 30.82
N SER B 128 -15.71 -27.29 31.16
CA SER B 128 -14.64 -27.27 30.18
C SER B 128 -13.48 -28.10 30.68
N ASN B 129 -12.68 -28.61 29.74
CA ASN B 129 -11.36 -29.10 30.13
C ASN B 129 -10.61 -28.01 30.89
N PHE B 130 -10.61 -26.78 30.35
CA PHE B 130 -10.27 -25.61 31.15
C PHE B 130 -10.80 -24.36 30.46
N HIS B 131 -11.73 -23.66 31.10
CA HIS B 131 -12.16 -22.36 30.59
C HIS B 131 -11.01 -21.38 30.67
N PHE B 132 -10.71 -20.69 29.57
CA PHE B 132 -9.75 -19.59 29.69
C PHE B 132 -10.45 -18.36 30.26
N ASP B 133 -9.67 -17.31 30.53
CA ASP B 133 -10.13 -16.28 31.46
C ASP B 133 -11.33 -15.50 30.93
N THR B 134 -11.28 -15.02 29.68
CA THR B 134 -12.46 -14.30 29.17
C THR B 134 -13.64 -15.24 28.99
N THR B 135 -13.39 -16.51 28.68
CA THR B 135 -14.46 -17.50 28.60
C THR B 135 -15.14 -17.68 29.95
N ALA B 136 -14.34 -17.90 30.99
CA ALA B 136 -14.92 -18.06 32.32
C ALA B 136 -15.60 -16.78 32.78
N ALA B 137 -15.04 -15.62 32.41
CA ALA B 137 -15.63 -14.34 32.78
C ALA B 137 -17.03 -14.17 32.21
N HIS B 138 -17.25 -14.63 30.97
CA HIS B 138 -18.59 -14.52 30.39
C HIS B 138 -19.57 -15.51 31.03
N VAL B 139 -19.08 -16.69 31.42
CA VAL B 139 -19.90 -17.64 32.16
C VAL B 139 -20.39 -17.00 33.46
N GLU B 140 -19.46 -16.41 34.23
CA GLU B 140 -19.80 -15.81 35.53
C GLU B 140 -20.66 -14.57 35.37
N LEU B 141 -20.35 -13.71 34.40
CA LEU B 141 -21.15 -12.50 34.18
CA LEU B 141 -21.15 -12.51 34.19
C LEU B 141 -22.61 -12.84 33.93
N ASN B 142 -22.88 -13.99 33.34
CA ASN B 142 -24.24 -14.42 33.06
C ASN B 142 -24.79 -15.35 34.14
N GLY B 143 -24.22 -15.30 35.34
CA GLY B 143 -24.80 -16.00 36.47
C GLY B 143 -24.54 -17.49 36.55
N CYS B 144 -23.53 -17.99 35.84
CA CYS B 144 -23.25 -19.43 35.82
C CYS B 144 -21.89 -19.71 36.44
N LYS B 145 -21.67 -20.98 36.75
CA LYS B 145 -20.41 -21.45 37.30
C LYS B 145 -19.58 -22.09 36.21
N ALA B 146 -18.30 -21.74 36.17
CA ALA B 146 -17.37 -22.31 35.19
C ALA B 146 -16.57 -23.41 35.89
N ILE B 147 -16.81 -24.65 35.47
CA ILE B 147 -16.21 -25.84 36.08
C ILE B 147 -15.12 -26.35 35.14
N ASN B 148 -13.91 -26.53 35.68
CA ASN B 148 -12.76 -26.99 34.92
C ASN B 148 -12.39 -28.41 35.35
N ILE B 149 -12.27 -29.32 34.39
CA ILE B 149 -11.99 -30.73 34.69
C ILE B 149 -10.86 -31.28 33.82
N VAL B 150 -9.73 -30.59 33.77
CA VAL B 150 -8.61 -31.08 32.98
C VAL B 150 -7.98 -32.30 33.65
N THR B 151 -7.40 -33.17 32.82
CA THR B 151 -6.75 -34.38 33.33
C THR B 151 -5.66 -34.03 34.35
N GLU B 152 -5.55 -34.86 35.39
CA GLU B 152 -4.54 -34.65 36.42
C GLU B 152 -3.12 -34.75 35.87
N LYS B 153 -2.95 -35.33 34.68
CA LYS B 153 -1.63 -35.36 34.06
C LYS B 153 -1.13 -33.97 33.74
N ALA B 154 -2.02 -32.99 33.58
CA ALA B 154 -1.61 -31.61 33.37
C ALA B 154 -0.86 -31.02 34.56
N PHE B 155 -1.05 -31.56 35.75
CA PHE B 155 -0.39 -31.04 36.94
C PHE B 155 0.93 -31.73 37.24
N ASP B 156 1.31 -32.71 36.42
CA ASP B 156 2.55 -33.46 36.56
C ASP B 156 3.50 -32.95 35.48
N SER B 157 4.05 -31.75 35.73
CA SER B 157 4.60 -30.93 34.65
C SER B 157 5.80 -31.60 33.98
N GLU B 158 6.73 -32.14 34.78
CA GLU B 158 7.96 -32.65 34.21
C GLU B 158 7.77 -33.98 33.49
N THR B 159 6.68 -34.68 33.76
CA THR B 159 6.46 -36.03 33.22
C THR B 159 5.78 -35.92 31.86
N TYR B 160 6.41 -36.49 30.84
CA TYR B 160 5.83 -36.44 29.50
C TYR B 160 4.48 -37.14 29.48
N ASP B 161 3.53 -36.51 28.78
CA ASP B 161 2.33 -37.21 28.35
C ASP B 161 1.88 -36.63 27.02
N ASP B 162 1.22 -37.47 26.21
CA ASP B 162 0.83 -37.06 24.87
C ASP B 162 -0.33 -36.06 24.88
N TRP B 163 -1.26 -36.15 25.85
CA TRP B 163 -2.52 -35.40 25.78
C TRP B 163 -2.83 -34.72 27.12
N LYS B 164 -2.01 -33.75 27.49
CA LYS B 164 -2.23 -33.06 28.77
C LYS B 164 -3.37 -32.04 28.73
N GLY B 165 -4.03 -31.86 27.59
CA GLY B 165 -5.22 -31.04 27.54
C GLY B 165 -6.53 -31.79 27.72
N ASP B 166 -6.49 -33.11 27.89
CA ASP B 166 -7.70 -33.94 27.87
C ASP B 166 -8.68 -33.59 28.98
N PHE B 167 -9.97 -33.77 28.68
CA PHE B 167 -10.99 -33.86 29.72
C PHE B 167 -10.73 -35.06 30.62
N ASP B 168 -10.99 -34.89 31.90
CA ASP B 168 -11.09 -36.02 32.83
C ASP B 168 -12.49 -36.60 32.69
N ILE B 169 -12.61 -37.77 32.07
CA ILE B 169 -13.93 -38.30 31.73
C ILE B 169 -14.71 -38.66 32.99
N LYS B 170 -14.04 -39.30 33.96
CA LYS B 170 -14.66 -39.60 35.25
C LYS B 170 -15.27 -38.34 35.87
N LYS B 171 -14.52 -37.24 35.85
CA LYS B 171 -15.00 -36.00 36.44
C LYS B 171 -16.15 -35.38 35.64
N LEU B 172 -16.16 -35.58 34.31
CA LEU B 172 -17.29 -35.11 33.52
C LEU B 172 -18.57 -35.82 33.95
N LYS B 173 -18.53 -37.14 34.03
CA LYS B 173 -19.71 -37.90 34.44
C LYS B 173 -20.15 -37.54 35.85
N GLU B 174 -19.19 -37.34 36.77
CA GLU B 174 -19.56 -37.00 38.13
C GLU B 174 -20.23 -35.63 38.20
N ASN B 175 -19.72 -34.65 37.44
CA ASN B 175 -20.37 -33.34 37.43
C ASN B 175 -21.76 -33.41 36.79
N ILE B 176 -21.91 -34.19 35.72
CA ILE B 176 -23.23 -34.36 35.12
C ILE B 176 -24.20 -34.96 36.13
N ALA B 177 -23.72 -35.89 36.96
CA ALA B 177 -24.59 -36.48 37.97
C ALA B 177 -24.86 -35.50 39.11
N GLN B 178 -23.86 -34.73 39.50
CA GLN B 178 -23.99 -33.84 40.65
C GLN B 178 -24.89 -32.64 40.35
N HIS B 179 -24.67 -31.99 39.20
CA HIS B 179 -25.47 -30.83 38.82
C HIS B 179 -26.71 -31.20 38.02
N GLY B 180 -26.71 -32.33 37.32
CA GLY B 180 -27.81 -32.65 36.43
C GLY B 180 -27.61 -32.10 35.04
N ALA B 181 -28.03 -32.87 34.03
CA ALA B 181 -27.92 -32.43 32.64
C ALA B 181 -28.67 -31.13 32.39
N ASP B 182 -29.84 -30.95 33.02
CA ASP B 182 -30.63 -29.75 32.81
C ASP B 182 -29.90 -28.48 33.18
N ASN B 183 -28.96 -28.57 34.14
CA ASN B 183 -28.22 -27.40 34.62
C ASN B 183 -26.93 -27.16 33.86
N ILE B 184 -26.54 -28.04 32.94
CA ILE B 184 -25.30 -27.88 32.20
C ILE B 184 -25.65 -27.17 30.89
N VAL B 185 -25.37 -25.86 30.85
CA VAL B 185 -25.70 -25.05 29.68
C VAL B 185 -24.95 -25.56 28.47
N ALA B 186 -23.65 -25.83 28.62
CA ALA B 186 -22.81 -26.28 27.54
C ALA B 186 -21.54 -26.90 28.10
N ILE B 187 -20.93 -27.76 27.29
CA ILE B 187 -19.55 -28.19 27.49
C ILE B 187 -18.67 -27.43 26.50
N VAL B 188 -17.57 -26.86 26.99
CA VAL B 188 -16.65 -26.08 26.18
C VAL B 188 -15.35 -26.88 26.04
N SER B 189 -15.07 -27.36 24.83
CA SER B 189 -13.82 -28.05 24.55
C SER B 189 -12.80 -27.03 24.05
N THR B 190 -11.80 -26.73 24.87
CA THR B 190 -10.74 -25.79 24.52
C THR B 190 -9.61 -26.55 23.84
N VAL B 191 -9.31 -26.20 22.58
CA VAL B 191 -8.29 -26.86 21.77
C VAL B 191 -7.37 -25.79 21.19
N THR B 192 -6.08 -25.86 21.50
CA THR B 192 -5.42 -26.64 22.54
C THR B 192 -5.94 -26.13 23.88
N CYS B 193 -5.63 -26.83 24.97
CA CYS B 193 -6.04 -26.33 26.27
C CYS B 193 -5.01 -25.30 26.73
N ASN B 194 -5.38 -24.02 26.60
CA ASN B 194 -4.44 -22.93 26.86
C ASN B 194 -3.97 -22.91 28.31
N SER B 195 -4.90 -23.10 29.26
CA SER B 195 -4.55 -22.98 30.68
C SER B 195 -3.69 -24.13 31.17
N ALA B 196 -3.81 -25.30 30.55
CA ALA B 196 -2.97 -26.44 30.92
C ALA B 196 -1.60 -26.39 30.26
N GLY B 197 -1.29 -25.32 29.52
CA GLY B 197 0.02 -25.17 28.91
C GLY B 197 0.03 -25.26 27.40
N GLY B 198 -1.09 -24.90 26.76
CA GLY B 198 -1.20 -25.09 25.33
C GLY B 198 -1.16 -26.55 24.91
N GLN B 199 -1.68 -27.44 25.75
CA GLN B 199 -1.52 -28.87 25.56
C GLN B 199 -2.72 -29.45 24.79
N PRO B 200 -2.49 -30.44 23.94
CA PRO B 200 -3.56 -30.92 23.06
C PRO B 200 -4.57 -31.82 23.73
N VAL B 201 -5.77 -31.81 23.14
CA VAL B 201 -6.84 -32.75 23.45
C VAL B 201 -6.82 -33.83 22.39
N SER B 202 -6.86 -35.09 22.80
CA SER B 202 -6.84 -36.16 21.82
C SER B 202 -8.18 -36.23 21.09
N MET B 203 -8.14 -36.80 19.88
CA MET B 203 -9.37 -37.02 19.13
C MET B 203 -10.32 -37.93 19.89
N SER B 204 -9.81 -39.05 20.42
CA SER B 204 -10.67 -39.98 21.14
C SER B 204 -11.24 -39.34 22.40
N ASN B 205 -10.51 -38.42 23.03
CA ASN B 205 -11.07 -37.68 24.17
C ASN B 205 -12.17 -36.73 23.71
N LEU B 206 -11.96 -36.01 22.60
CA LEU B 206 -13.00 -35.17 22.02
C LEU B 206 -14.25 -35.98 21.68
N LYS B 207 -14.06 -37.16 21.08
CA LYS B 207 -15.19 -37.98 20.66
C LYS B 207 -15.96 -38.51 21.86
N GLU B 208 -15.26 -38.94 22.92
CA GLU B 208 -15.96 -39.46 24.09
C GLU B 208 -16.74 -38.37 24.80
N VAL B 209 -16.13 -37.19 24.97
CA VAL B 209 -16.85 -36.05 25.56
C VAL B 209 -18.10 -35.71 24.76
N TYR B 210 -18.00 -35.72 23.43
CA TYR B 210 -19.15 -35.34 22.64
C TYR B 210 -20.23 -36.41 22.69
N GLU B 211 -19.85 -37.69 22.73
CA GLU B 211 -20.85 -38.75 22.82
C GLU B 211 -21.57 -38.73 24.17
N ILE B 212 -20.84 -38.47 25.26
CA ILE B 212 -21.49 -38.28 26.55
C ILE B 212 -22.44 -37.09 26.50
N ALA B 213 -22.03 -36.01 25.84
CA ALA B 213 -22.86 -34.81 25.78
C ALA B 213 -24.20 -35.10 25.12
N LYS B 214 -24.17 -35.78 23.96
CA LYS B 214 -25.40 -36.02 23.23
C LYS B 214 -26.32 -36.98 23.99
N GLN B 215 -25.74 -37.94 24.72
CA GLN B 215 -26.54 -38.81 25.57
C GLN B 215 -27.37 -38.00 26.56
N HIS B 216 -26.89 -36.83 26.97
CA HIS B 216 -27.56 -36.02 27.96
C HIS B 216 -28.19 -34.76 27.39
N GLY B 217 -28.15 -34.57 26.07
CA GLY B 217 -28.71 -33.38 25.44
C GLY B 217 -27.94 -32.10 25.68
N ILE B 218 -26.63 -32.18 25.94
CA ILE B 218 -25.82 -31.03 26.31
C ILE B 218 -25.15 -30.46 25.06
N PHE B 219 -25.29 -29.16 24.85
CA PHE B 219 -24.63 -28.47 23.75
C PHE B 219 -23.12 -28.39 23.98
N VAL B 220 -22.33 -28.65 22.93
CA VAL B 220 -20.88 -28.62 23.02
C VAL B 220 -20.34 -27.52 22.12
N VAL B 221 -19.53 -26.65 22.69
CA VAL B 221 -18.89 -25.55 21.97
C VAL B 221 -17.39 -25.78 21.97
N MET B 222 -16.81 -25.76 20.79
CA MET B 222 -15.36 -25.91 20.60
C MET B 222 -14.73 -24.53 20.68
N ASP B 223 -14.01 -24.24 21.75
CA ASP B 223 -13.20 -23.02 21.81
C ASP B 223 -11.96 -23.24 20.95
N SER B 224 -11.90 -22.56 19.81
CA SER B 224 -11.13 -22.99 18.67
C SER B 224 -9.92 -22.09 18.38
N ALA B 225 -9.51 -21.24 19.32
CA ALA B 225 -8.45 -20.28 19.03
C ALA B 225 -7.20 -20.97 18.49
N ARG B 226 -6.81 -22.09 19.09
CA ARG B 226 -5.60 -22.77 18.63
C ARG B 226 -5.94 -24.15 18.09
N PHE B 227 -6.94 -24.24 17.21
CA PHE B 227 -7.37 -25.54 16.74
C PHE B 227 -6.37 -26.17 15.79
N CYS B 228 -5.58 -25.36 15.07
CA CYS B 228 -4.58 -25.90 14.16
C CYS B 228 -3.41 -26.50 14.92
N GLU B 229 -2.99 -25.87 16.02
CA GLU B 229 -1.95 -26.46 16.84
C GLU B 229 -2.41 -27.78 17.46
N ASN B 230 -3.66 -27.83 17.91
CA ASN B 230 -4.21 -29.09 18.43
C ASN B 230 -4.20 -30.16 17.35
N ALA B 231 -4.63 -29.81 16.14
CA ALA B 231 -4.68 -30.74 15.02
C ALA B 231 -3.29 -31.26 14.64
N TYR B 232 -2.29 -30.39 14.64
CA TYR B 232 -0.92 -30.85 14.42
C TYR B 232 -0.52 -31.91 15.44
N PHE B 233 -0.91 -31.73 16.70
CA PHE B 233 -0.52 -32.69 17.72
C PHE B 233 -1.23 -34.03 17.56
N ILE B 234 -2.48 -34.01 17.10
CA ILE B 234 -3.21 -35.24 16.82
C ILE B 234 -2.51 -36.02 15.71
N LYS B 235 -2.16 -35.32 14.61
CA LYS B 235 -1.43 -35.98 13.53
C LYS B 235 -0.08 -36.51 14.01
N ALA B 236 0.58 -35.78 14.91
CA ALA B 236 1.91 -36.18 15.37
C ALA B 236 1.86 -37.34 16.36
N ARG B 237 0.83 -37.44 17.20
CA ARG B 237 0.86 -38.36 18.32
C ARG B 237 -0.20 -39.45 18.27
N ASP B 238 -1.28 -39.26 17.53
CA ASP B 238 -2.31 -40.28 17.39
C ASP B 238 -1.97 -41.15 16.19
N PRO B 239 -1.66 -42.44 16.38
CA PRO B 239 -1.28 -43.28 15.23
C PRO B 239 -2.37 -43.39 14.17
N LYS B 240 -3.65 -43.27 14.55
CA LYS B 240 -4.74 -43.30 13.60
C LYS B 240 -4.67 -42.16 12.58
N TYR B 241 -3.96 -41.08 12.89
CA TYR B 241 -3.91 -39.92 11.99
C TYR B 241 -2.51 -39.68 11.43
N LYS B 242 -1.61 -40.66 11.51
CA LYS B 242 -0.25 -40.48 11.02
C LYS B 242 -0.23 -40.06 9.55
N ASN B 243 -1.12 -40.63 8.74
CA ASN B 243 -1.14 -40.34 7.30
C ASN B 243 -2.33 -39.49 6.88
N ALA B 244 -2.95 -38.75 7.79
CA ALA B 244 -3.99 -37.81 7.41
C ALA B 244 -3.39 -36.43 7.16
N THR B 245 -4.11 -35.61 6.40
CA THR B 245 -3.73 -34.21 6.28
C THR B 245 -4.21 -33.43 7.50
N ILE B 246 -3.66 -32.23 7.68
CA ILE B 246 -4.09 -31.40 8.80
C ILE B 246 -5.56 -31.04 8.67
N LYS B 247 -6.01 -30.77 7.44
CA LYS B 247 -7.41 -30.42 7.25
C LYS B 247 -8.33 -31.59 7.57
N GLU B 248 -7.92 -32.82 7.21
CA GLU B 248 -8.71 -34.00 7.56
C GLU B 248 -8.81 -34.19 9.07
N VAL B 249 -7.74 -33.84 9.79
CA VAL B 249 -7.79 -33.93 11.25
C VAL B 249 -8.76 -32.89 11.81
N ILE B 250 -8.72 -31.67 11.26
CA ILE B 250 -9.65 -30.61 11.68
C ILE B 250 -11.09 -31.02 11.37
N PHE B 251 -11.33 -31.58 10.18
CA PHE B 251 -12.67 -32.01 9.83
C PHE B 251 -13.23 -33.00 10.84
N ASP B 252 -12.41 -33.95 11.28
CA ASP B 252 -12.86 -34.94 12.26
C ASP B 252 -13.05 -34.32 13.64
N MET B 253 -12.14 -33.43 14.05
CA MET B 253 -12.29 -32.73 15.33
C MET B 253 -13.68 -32.10 15.48
N TYR B 254 -14.16 -31.44 14.44
CA TYR B 254 -15.39 -30.66 14.52
C TYR B 254 -16.66 -31.48 14.31
N LYS B 255 -16.52 -32.78 14.05
CA LYS B 255 -17.66 -33.66 14.24
C LYS B 255 -18.05 -33.76 15.71
N TYR B 256 -17.16 -33.39 16.63
CA TYR B 256 -17.42 -33.59 18.06
C TYR B 256 -17.72 -32.28 18.76
N ALA B 257 -18.42 -31.38 18.08
CA ALA B 257 -18.98 -30.18 18.68
C ALA B 257 -20.21 -29.77 17.89
N ASP B 258 -21.00 -28.87 18.47
CA ASP B 258 -22.18 -28.33 17.79
C ASP B 258 -21.97 -26.91 17.28
N ALA B 259 -20.93 -26.24 17.76
CA ALA B 259 -20.67 -24.87 17.42
C ALA B 259 -19.24 -24.58 17.85
N LEU B 260 -18.69 -23.49 17.32
CA LEU B 260 -17.37 -23.05 17.72
C LEU B 260 -17.41 -21.56 17.99
N THR B 261 -16.61 -21.13 18.95
CA THR B 261 -16.19 -19.75 19.09
C THR B 261 -14.69 -19.71 18.87
N MET B 262 -14.25 -18.74 18.09
CA MET B 262 -12.86 -18.69 17.64
C MET B 262 -12.31 -17.29 17.80
N SER B 263 -11.12 -17.19 18.39
CA SER B 263 -10.33 -15.97 18.24
C SER B 263 -9.42 -16.15 17.04
N ALA B 264 -9.74 -15.47 15.94
CA ALA B 264 -8.89 -15.58 14.77
C ALA B 264 -7.57 -14.84 14.94
N LYS B 265 -7.31 -14.28 16.12
CA LYS B 265 -6.04 -13.63 16.42
C LYS B 265 -4.93 -14.62 16.76
N LYS B 266 -5.25 -15.92 16.84
CA LYS B 266 -4.26 -16.94 17.16
C LYS B 266 -3.94 -17.71 15.90
N ASP B 267 -4.50 -18.91 15.69
CA ASP B 267 -4.04 -19.80 14.63
C ASP B 267 -4.35 -19.29 13.22
N PRO B 268 -5.45 -18.54 12.99
CA PRO B 268 -5.63 -17.92 11.67
C PRO B 268 -4.67 -16.78 11.36
N LEU B 269 -3.74 -16.47 12.25
CA LEU B 269 -2.59 -15.60 11.92
C LEU B 269 -3.00 -14.15 11.66
N LEU B 270 -3.89 -13.62 12.49
CA LEU B 270 -4.42 -12.29 12.26
C LEU B 270 -4.03 -11.35 13.40
N ASN B 271 -4.25 -10.06 13.16
CA ASN B 271 -4.04 -9.05 14.17
C ASN B 271 -5.32 -8.63 14.87
N ILE B 272 -6.47 -8.97 14.29
CA ILE B 272 -7.78 -8.74 14.90
C ILE B 272 -8.73 -9.74 14.26
N GLY B 273 -9.78 -10.11 14.97
CA GLY B 273 -10.78 -10.98 14.38
C GLY B 273 -11.23 -12.17 15.21
N GLY B 274 -12.48 -12.58 14.97
CA GLY B 274 -13.11 -13.66 15.69
C GLY B 274 -14.27 -14.21 14.87
N LEU B 275 -14.82 -15.32 15.36
CA LEU B 275 -15.81 -16.04 14.59
C LEU B 275 -16.66 -16.90 15.50
N VAL B 276 -17.96 -16.93 15.23
CA VAL B 276 -18.88 -17.96 15.69
C VAL B 276 -19.26 -18.79 14.47
N ALA B 277 -19.24 -20.10 14.62
CA ALA B 277 -19.79 -20.96 13.59
C ALA B 277 -20.67 -21.98 14.28
N ILE B 278 -21.80 -22.29 13.66
CA ILE B 278 -22.77 -23.22 14.20
C ILE B 278 -22.97 -24.33 13.18
N ARG B 279 -22.95 -25.57 13.66
CA ARG B 279 -22.99 -26.71 12.75
C ARG B 279 -24.28 -26.71 11.94
N ASP B 280 -25.42 -26.75 12.62
CA ASP B 280 -26.69 -26.83 11.90
C ASP B 280 -27.90 -26.40 12.71
N ASN B 281 -27.71 -25.85 13.90
CA ASN B 281 -28.85 -25.43 14.72
C ASN B 281 -29.25 -24.02 14.33
N GLU B 282 -30.26 -23.92 13.45
CA GLU B 282 -30.62 -22.61 12.91
C GLU B 282 -31.31 -21.73 13.94
N GLU B 283 -31.94 -22.34 14.95
CA GLU B 283 -32.59 -21.52 15.97
C GLU B 283 -31.55 -20.83 16.84
N ILE B 284 -30.53 -21.58 17.28
CA ILE B 284 -29.37 -20.97 17.95
C ILE B 284 -28.73 -19.92 17.05
N PHE B 285 -28.58 -20.23 15.75
CA PHE B 285 -28.01 -19.26 14.81
C PHE B 285 -28.81 -17.97 14.76
N THR B 286 -30.13 -18.09 14.62
CA THR B 286 -30.98 -16.90 14.57
C THR B 286 -30.91 -16.12 15.87
N LEU B 287 -30.91 -16.81 17.02
CA LEU B 287 -30.80 -16.11 18.29
C LEU B 287 -29.43 -15.45 18.44
N ALA B 288 -28.37 -16.10 17.96
CA ALA B 288 -27.03 -15.50 18.04
C ALA B 288 -26.95 -14.24 17.17
N ARG B 289 -27.58 -14.26 16.00
CA ARG B 289 -27.57 -13.08 15.13
C ARG B 289 -28.28 -11.90 15.77
N GLN B 290 -29.38 -12.17 16.47
CA GLN B 290 -30.11 -11.09 17.13
C GLN B 290 -29.29 -10.48 18.26
N ARG B 291 -28.40 -11.25 18.86
CA ARG B 291 -27.51 -10.64 19.86
C ARG B 291 -26.32 -9.97 19.20
N CYS B 292 -25.89 -10.48 18.04
CA CYS B 292 -24.75 -9.88 17.34
C CYS B 292 -25.01 -8.42 17.01
N VAL B 293 -26.24 -8.09 16.60
CA VAL B 293 -26.52 -6.75 16.06
C VAL B 293 -26.29 -5.65 17.09
N PRO B 294 -26.88 -5.70 18.29
CA PRO B 294 -26.57 -4.64 19.27
C PRO B 294 -25.14 -4.68 19.80
N MET B 295 -24.53 -5.85 19.96
CA MET B 295 -23.25 -5.95 20.65
C MET B 295 -22.04 -5.73 19.75
N GLU B 296 -22.10 -6.16 18.49
CA GLU B 296 -20.92 -6.26 17.63
C GLU B 296 -21.06 -5.48 16.34
N GLY B 297 -22.20 -5.60 15.67
CA GLY B 297 -22.38 -4.97 14.37
C GLY B 297 -23.30 -5.84 13.54
N PHE B 298 -23.52 -5.40 12.30
CA PHE B 298 -24.42 -6.15 11.43
C PHE B 298 -23.86 -7.55 11.17
N VAL B 299 -24.78 -8.47 10.85
CA VAL B 299 -24.48 -9.89 10.85
C VAL B 299 -23.50 -10.32 9.76
N THR B 300 -23.20 -9.47 8.78
CA THR B 300 -22.24 -9.83 7.73
C THR B 300 -20.87 -9.18 7.90
N TYR B 301 -20.61 -8.51 9.03
CA TYR B 301 -19.24 -8.10 9.36
C TYR B 301 -18.92 -8.17 10.84
N GLY B 302 -19.91 -8.10 11.74
CA GLY B 302 -19.72 -8.45 13.13
C GLY B 302 -18.63 -7.68 13.86
N GLY B 303 -18.47 -6.41 13.53
CA GLY B 303 -17.46 -5.61 14.17
C GLY B 303 -16.09 -5.68 13.53
N LEU B 304 -15.96 -6.30 12.36
CA LEU B 304 -14.73 -6.34 11.61
C LEU B 304 -14.83 -5.44 10.39
N ALA B 305 -13.69 -4.90 9.98
CA ALA B 305 -13.58 -4.34 8.65
C ALA B 305 -13.67 -5.46 7.62
N GLY B 306 -14.15 -5.12 6.42
CA GLY B 306 -14.08 -6.07 5.32
C GLY B 306 -12.67 -6.61 5.08
N ARG B 307 -11.66 -5.74 5.13
CA ARG B 307 -10.28 -6.19 4.94
C ARG B 307 -9.88 -7.24 5.97
N ASP B 308 -10.43 -7.18 7.17
CA ASP B 308 -10.07 -8.18 8.17
C ASP B 308 -10.78 -9.51 7.94
N MET B 309 -12.00 -9.49 7.39
CA MET B 309 -12.62 -10.74 7.00
C MET B 309 -11.86 -11.36 5.83
N ALA B 310 -11.42 -10.54 4.88
CA ALA B 310 -10.60 -11.04 3.78
C ALA B 310 -9.30 -11.66 4.30
N ALA B 311 -8.65 -11.01 5.28
CA ALA B 311 -7.43 -11.55 5.85
C ALA B 311 -7.69 -12.84 6.60
N MET B 312 -8.87 -12.97 7.22
CA MET B 312 -9.20 -14.19 7.95
C MET B 312 -9.37 -15.35 7.00
N VAL B 313 -10.00 -15.10 5.85
CA VAL B 313 -10.23 -16.17 4.88
C VAL B 313 -8.90 -16.78 4.44
N GLN B 314 -7.93 -15.93 4.10
CA GLN B 314 -6.61 -16.42 3.70
C GLN B 314 -5.84 -17.01 4.87
N GLY B 315 -5.94 -16.40 6.05
CA GLY B 315 -5.21 -16.91 7.21
C GLY B 315 -5.74 -18.24 7.70
N LEU B 316 -7.05 -18.46 7.57
CA LEU B 316 -7.60 -19.77 7.91
C LEU B 316 -6.98 -20.86 7.06
N GLU B 317 -6.64 -20.55 5.81
CA GLU B 317 -5.93 -21.50 4.96
C GLU B 317 -4.48 -21.67 5.41
N GLU B 318 -3.75 -20.57 5.58
CA GLU B 318 -2.32 -20.65 5.90
C GLU B 318 -2.07 -21.28 7.26
N GLY B 319 -2.98 -21.08 8.21
CA GLY B 319 -2.79 -21.62 9.55
C GLY B 319 -2.90 -23.13 9.63
N THR B 320 -3.40 -23.79 8.59
CA THR B 320 -3.49 -25.25 8.54
C THR B 320 -2.29 -25.89 7.86
N GLU B 321 -1.37 -25.12 7.31
CA GLU B 321 -0.29 -25.69 6.52
C GLU B 321 0.71 -26.39 7.43
N GLU B 322 0.90 -27.70 7.21
CA GLU B 322 1.66 -28.51 8.16
C GLU B 322 3.13 -28.13 8.21
N GLU B 323 3.70 -27.65 7.11
CA GLU B 323 5.10 -27.24 7.17
C GLU B 323 5.26 -25.98 8.01
N TYR B 324 4.27 -25.08 7.95
CA TYR B 324 4.24 -23.96 8.87
C TYR B 324 4.06 -24.43 10.31
N LEU B 325 3.06 -25.29 10.54
CA LEU B 325 2.79 -25.78 11.89
C LEU B 325 4.00 -26.52 12.46
N HIS B 326 4.67 -27.35 11.66
CA HIS B 326 5.84 -28.05 12.16
C HIS B 326 6.91 -27.07 12.60
N TYR B 327 7.16 -26.03 11.79
CA TYR B 327 8.15 -25.02 12.15
CA TYR B 327 8.15 -25.02 12.15
C TYR B 327 7.74 -24.27 13.40
N ARG B 328 6.49 -23.80 13.45
CA ARG B 328 6.03 -22.96 14.55
C ARG B 328 6.16 -23.70 15.87
N ILE B 329 5.63 -24.93 15.92
CA ILE B 329 5.61 -25.68 17.16
C ILE B 329 7.00 -26.18 17.49
N GLY B 330 7.82 -26.43 16.46
CA GLY B 330 9.22 -26.77 16.69
C GLY B 330 10.01 -25.63 17.27
N GLN B 331 9.66 -24.38 16.93
CA GLN B 331 10.32 -23.23 17.54
C GLN B 331 9.97 -23.12 19.02
N VAL B 332 8.69 -23.26 19.36
CA VAL B 332 8.28 -23.33 20.77
C VAL B 332 9.03 -24.48 21.46
N LYS B 333 9.08 -25.65 20.82
CA LYS B 333 9.80 -26.78 21.40
C LYS B 333 11.29 -26.46 21.58
N TYR B 334 11.88 -25.72 20.63
CA TYR B 334 13.30 -25.38 20.75
C TYR B 334 13.55 -24.52 21.97
N LEU B 335 12.69 -23.53 22.20
CA LEU B 335 12.85 -22.68 23.38
C LEU B 335 12.72 -23.50 24.66
N GLY B 336 11.74 -24.39 24.71
CA GLY B 336 11.57 -25.23 25.89
C GLY B 336 12.74 -26.17 26.10
N ASP B 337 13.29 -26.71 25.01
CA ASP B 337 14.41 -27.63 25.14
C ASP B 337 15.64 -26.94 25.72
N ARG B 338 15.91 -25.71 25.28
CA ARG B 338 17.02 -24.94 25.86
C ARG B 338 16.84 -24.74 27.37
N LEU B 339 15.61 -24.42 27.81
CA LEU B 339 15.40 -24.24 29.24
C LEU B 339 15.45 -25.59 29.96
N ARG B 340 14.82 -26.61 29.40
CA ARG B 340 14.80 -27.92 30.05
C ARG B 340 16.20 -28.53 30.11
N GLU B 341 17.07 -28.23 29.13
CA GLU B 341 18.46 -28.67 29.19
C GLU B 341 19.18 -28.08 30.38
N ALA B 342 18.81 -26.87 30.78
CA ALA B 342 19.46 -26.15 31.86
C ALA B 342 18.81 -26.39 33.21
N GLY B 343 17.93 -27.38 33.31
CA GLY B 343 17.32 -27.74 34.58
C GLY B 343 16.03 -27.00 34.92
N ILE B 344 15.66 -25.98 34.15
CA ILE B 344 14.45 -25.20 34.43
CA ILE B 344 14.45 -25.21 34.44
C ILE B 344 13.21 -26.07 34.22
N PRO B 345 12.35 -26.23 35.22
CA PRO B 345 11.15 -27.06 35.05
C PRO B 345 10.10 -26.37 34.19
N ILE B 346 9.68 -27.07 33.12
CA ILE B 346 8.65 -26.56 32.23
C ILE B 346 7.58 -27.63 32.10
N GLN B 347 6.39 -27.20 31.69
CA GLN B 347 5.36 -28.16 31.27
C GLN B 347 5.89 -28.92 30.05
N TYR B 348 5.99 -30.24 30.19
CA TYR B 348 6.67 -31.06 29.19
C TYR B 348 5.73 -32.19 28.75
N PRO B 349 5.56 -32.40 27.43
CA PRO B 349 6.16 -31.70 26.29
C PRO B 349 5.58 -30.31 26.15
N THR B 350 6.29 -29.39 25.50
CA THR B 350 5.76 -28.03 25.31
C THR B 350 4.55 -28.04 24.41
N GLY B 351 3.66 -27.08 24.66
CA GLY B 351 2.46 -26.92 23.86
C GLY B 351 2.72 -26.17 22.56
N GLY B 352 1.61 -25.74 21.95
CA GLY B 352 1.69 -25.26 20.58
C GLY B 352 2.16 -23.84 20.44
N HIS B 353 1.93 -23.00 21.45
CA HIS B 353 2.09 -21.56 21.27
C HIS B 353 2.99 -20.89 22.28
N ALA B 354 3.51 -21.64 23.26
CA ALA B 354 4.21 -21.03 24.39
C ALA B 354 4.95 -22.08 25.18
N VAL B 355 6.02 -21.65 25.84
CA VAL B 355 6.69 -22.43 26.87
C VAL B 355 6.15 -21.98 28.22
N PHE B 356 5.73 -22.95 29.05
CA PHE B 356 5.16 -22.68 30.37
C PHE B 356 6.17 -23.13 31.41
N VAL B 357 6.71 -22.17 32.15
CA VAL B 357 7.71 -22.46 33.18
C VAL B 357 6.98 -22.68 34.50
N ASP B 358 7.24 -23.83 35.13
CA ASP B 358 6.61 -24.20 36.39
C ASP B 358 7.29 -23.44 37.53
N CYS B 359 6.71 -22.31 37.92
CA CYS B 359 7.29 -21.50 38.98
C CYS B 359 7.00 -22.00 40.38
N LYS B 360 6.09 -22.97 40.53
CA LYS B 360 5.97 -23.64 41.82
C LYS B 360 7.15 -24.57 42.08
N LYS B 361 7.82 -25.03 41.02
CA LYS B 361 9.05 -25.80 41.15
C LYS B 361 10.31 -24.96 41.00
N LEU B 362 10.21 -23.79 40.37
CA LEU B 362 11.38 -22.94 40.20
C LEU B 362 11.66 -22.11 41.45
N VAL B 363 10.63 -21.57 42.08
CA VAL B 363 10.79 -20.73 43.27
C VAL B 363 9.85 -21.23 44.36
N PRO B 364 10.23 -22.25 45.13
CA PRO B 364 9.32 -22.78 46.15
C PRO B 364 9.11 -21.84 47.33
N GLN B 365 9.99 -20.87 47.56
CA GLN B 365 9.90 -20.04 48.76
C GLN B 365 8.77 -19.02 48.69
N ILE B 366 8.19 -18.78 47.53
CA ILE B 366 7.12 -17.80 47.37
C ILE B 366 5.78 -18.53 47.42
N PRO B 367 4.88 -18.19 48.35
CA PRO B 367 3.58 -18.86 48.40
C PRO B 367 2.70 -18.49 47.21
N GLY B 368 1.73 -19.37 46.94
CA GLY B 368 0.94 -19.24 45.73
C GLY B 368 0.13 -17.95 45.66
N ASP B 369 -0.40 -17.50 46.80
CA ASP B 369 -1.22 -16.29 46.82
C ASP B 369 -0.38 -15.01 46.75
N GLN B 370 0.95 -15.13 46.74
CA GLN B 370 1.84 -14.00 46.49
C GLN B 370 2.35 -13.98 45.04
N PHE B 371 1.89 -14.90 44.20
CA PHE B 371 2.16 -14.92 42.77
C PHE B 371 3.66 -15.11 42.49
N PRO B 372 4.18 -16.31 42.69
CA PRO B 372 5.62 -16.55 42.45
C PRO B 372 6.01 -16.45 40.99
N ALA B 373 5.13 -16.81 40.06
CA ALA B 373 5.44 -16.65 38.64
C ALA B 373 5.58 -15.18 38.27
N GLN B 374 4.75 -14.31 38.87
CA GLN B 374 4.86 -12.88 38.59
C GLN B 374 6.19 -12.31 39.07
N ALA B 375 6.74 -12.83 40.16
CA ALA B 375 8.04 -12.38 40.63
C ALA B 375 9.13 -12.72 39.63
N VAL B 376 9.09 -13.94 39.06
CA VAL B 376 10.08 -14.35 38.07
C VAL B 376 9.93 -13.54 36.80
N ILE B 377 8.69 -13.16 36.44
CA ILE B 377 8.45 -12.41 35.21
C ILE B 377 9.05 -11.01 35.34
N ASN B 378 8.81 -10.36 36.48
CA ASN B 378 9.31 -9.01 36.69
C ASN B 378 10.84 -8.96 36.72
N ALA B 379 11.47 -10.00 37.27
CA ALA B 379 12.93 -10.05 37.28
C ALA B 379 13.46 -10.29 35.88
N LEU B 380 12.80 -11.16 35.10
CA LEU B 380 13.21 -11.37 33.73
C LEU B 380 13.11 -10.09 32.91
N TYR B 381 12.14 -9.23 33.22
CA TYR B 381 12.02 -7.96 32.49
C TYR B 381 13.15 -7.01 32.85
N LEU B 382 13.41 -6.82 34.16
CA LEU B 382 14.50 -5.94 34.54
C LEU B 382 15.84 -6.44 34.04
N GLU B 383 15.94 -7.72 33.72
CA GLU B 383 17.19 -8.34 33.29
C GLU B 383 17.40 -8.31 31.79
N SER B 384 16.33 -8.21 30.98
CA SER B 384 16.46 -8.44 29.55
C SER B 384 15.53 -7.60 28.67
N GLY B 385 14.50 -6.99 29.25
CA GLY B 385 13.52 -6.31 28.43
C GLY B 385 12.47 -7.22 27.82
N VAL B 386 12.56 -8.52 28.05
CA VAL B 386 11.54 -9.46 27.63
C VAL B 386 10.36 -9.39 28.60
N ARG B 387 9.15 -9.25 28.06
CA ARG B 387 7.92 -9.21 28.85
C ARG B 387 7.16 -10.52 28.69
N ALA B 388 6.97 -11.23 29.80
CA ALA B 388 6.17 -12.46 29.82
C ALA B 388 4.90 -12.23 30.63
N VAL B 389 4.10 -13.29 30.82
CA VAL B 389 2.79 -13.18 31.44
C VAL B 389 2.55 -14.36 32.38
N GLU B 390 1.73 -14.12 33.40
CA GLU B 390 1.50 -15.09 34.47
C GLU B 390 0.26 -15.92 34.14
N ILE B 391 0.36 -17.24 34.33
CA ILE B 391 -0.77 -18.15 34.17
C ILE B 391 -0.88 -18.99 35.43
N GLY B 392 -1.43 -18.41 36.50
CA GLY B 392 -1.59 -19.10 37.75
C GLY B 392 -2.64 -18.45 38.63
N SER B 393 -2.27 -18.14 39.88
CA SER B 393 -3.24 -17.60 40.82
C SER B 393 -3.72 -16.22 40.41
N PHE B 394 -2.79 -15.35 40.00
CA PHE B 394 -3.14 -14.01 39.54
C PHE B 394 -4.22 -14.08 38.48
N LEU B 395 -4.00 -14.91 37.45
CA LEU B 395 -4.97 -15.03 36.35
C LEU B 395 -6.23 -15.78 36.77
N LEU B 396 -6.10 -16.79 37.62
CA LEU B 396 -7.27 -17.57 38.05
C LEU B 396 -8.27 -16.70 38.82
N GLY B 397 -7.77 -15.83 39.70
CA GLY B 397 -8.61 -14.84 40.34
C GLY B 397 -9.36 -15.40 41.54
N ARG B 398 -10.31 -14.58 42.01
CA ARG B 398 -11.11 -14.94 43.17
C ARG B 398 -12.37 -15.69 42.76
N ASP B 399 -12.89 -16.49 43.68
CA ASP B 399 -14.12 -17.23 43.43
C ASP B 399 -15.32 -16.28 43.53
N PRO B 400 -16.16 -16.18 42.50
CA PRO B 400 -17.29 -15.22 42.55
C PRO B 400 -18.35 -15.55 43.59
N ALA B 401 -18.28 -16.70 44.27
CA ALA B 401 -19.24 -17.06 45.29
C ALA B 401 -18.70 -16.90 46.71
N THR B 402 -17.40 -17.13 46.92
CA THR B 402 -16.77 -16.97 48.23
C THR B 402 -15.93 -15.70 48.33
N GLY B 403 -15.62 -15.05 47.21
CA GLY B 403 -14.79 -13.86 47.20
C GLY B 403 -13.33 -14.10 47.49
N GLU B 404 -12.86 -15.34 47.46
CA GLU B 404 -11.49 -15.67 47.83
C GLU B 404 -10.79 -16.38 46.69
N GLN B 405 -9.48 -16.53 46.85
CA GLN B 405 -8.60 -17.03 45.80
C GLN B 405 -9.03 -18.41 45.31
N LYS B 406 -9.36 -18.52 44.03
CA LYS B 406 -9.52 -19.83 43.39
C LYS B 406 -8.21 -20.60 43.50
N HIS B 407 -8.27 -21.81 44.05
CA HIS B 407 -7.04 -22.55 44.29
C HIS B 407 -6.35 -22.88 42.97
N ALA B 408 -5.07 -22.49 42.87
CA ALA B 408 -4.29 -22.66 41.66
C ALA B 408 -3.42 -23.91 41.81
N ASP B 409 -3.74 -24.95 41.04
CA ASP B 409 -2.93 -26.15 41.06
C ASP B 409 -1.58 -25.95 40.38
N MET B 410 -1.45 -24.97 39.48
CA MET B 410 -0.20 -24.73 38.78
CA MET B 410 -0.22 -24.73 38.77
C MET B 410 0.08 -23.24 38.71
N GLU B 411 1.35 -22.90 38.93
CA GLU B 411 1.87 -21.54 38.80
C GLU B 411 2.79 -21.54 37.60
N PHE B 412 2.36 -20.94 36.50
CA PHE B 412 3.13 -20.90 35.26
C PHE B 412 3.51 -19.48 34.92
N MET B 413 4.76 -19.30 34.51
CA MET B 413 5.17 -18.15 33.72
C MET B 413 5.07 -18.57 32.26
N ARG B 414 4.29 -17.83 31.48
CA ARG B 414 4.05 -18.17 30.08
C ARG B 414 4.92 -17.30 29.19
N LEU B 415 5.85 -17.94 28.49
CA LEU B 415 6.63 -17.29 27.42
C LEU B 415 5.88 -17.55 26.12
N THR B 416 5.07 -16.57 25.69
CA THR B 416 4.12 -16.75 24.60
C THR B 416 4.73 -16.25 23.28
N ILE B 417 4.64 -17.07 22.23
CA ILE B 417 5.38 -16.83 20.98
C ILE B 417 4.39 -16.47 19.87
N ALA B 418 4.45 -15.22 19.43
CA ALA B 418 3.71 -14.81 18.24
C ALA B 418 4.18 -15.62 17.04
N ARG B 419 3.29 -15.79 16.06
CA ARG B 419 3.55 -16.66 14.93
C ARG B 419 4.28 -15.92 13.82
N ARG B 420 5.41 -16.49 13.40
CA ARG B 420 6.24 -15.99 12.29
C ARG B 420 6.82 -14.61 12.57
N VAL B 421 7.09 -14.28 13.83
CA VAL B 421 7.57 -12.95 14.21
C VAL B 421 9.03 -12.98 14.64
N TYR B 422 9.41 -13.98 15.44
CA TYR B 422 10.74 -14.03 16.03
C TYR B 422 11.50 -15.22 15.49
N THR B 423 12.81 -15.06 15.35
CA THR B 423 13.66 -16.16 14.90
C THR B 423 14.11 -17.01 16.10
N ASN B 424 14.72 -18.16 15.78
CA ASN B 424 15.35 -18.98 16.80
C ASN B 424 16.51 -18.27 17.51
N ASP B 425 17.12 -17.25 16.88
CA ASP B 425 18.10 -16.46 17.61
C ASP B 425 17.44 -15.54 18.63
N HIS B 426 16.22 -15.08 18.35
CA HIS B 426 15.43 -14.45 19.41
C HIS B 426 15.14 -15.44 20.53
N MET B 427 14.84 -16.69 20.19
CA MET B 427 14.62 -17.69 21.22
C MET B 427 15.85 -17.87 22.09
N ASP B 428 17.04 -17.86 21.48
CA ASP B 428 18.27 -18.01 22.26
C ASP B 428 18.45 -16.86 23.24
N TYR B 429 18.08 -15.64 22.84
CA TYR B 429 18.18 -14.51 23.74
C TYR B 429 17.29 -14.70 24.96
N ILE B 430 16.05 -15.14 24.74
CA ILE B 430 15.13 -15.38 25.85
C ILE B 430 15.69 -16.44 26.79
N ALA B 431 16.14 -17.56 26.23
CA ALA B 431 16.61 -18.66 27.07
C ALA B 431 17.85 -18.26 27.85
N ASP B 432 18.82 -17.60 27.20
CA ASP B 432 20.02 -17.17 27.88
C ASP B 432 19.73 -16.24 29.05
N ALA B 433 18.69 -15.41 28.93
CA ALA B 433 18.38 -14.46 30.01
C ALA B 433 17.77 -15.17 31.20
N LEU B 434 16.84 -16.10 30.96
CA LEU B 434 16.19 -16.79 32.07
C LEU B 434 17.16 -17.74 32.77
N ILE B 435 18.00 -18.44 32.01
CA ILE B 435 19.06 -19.25 32.61
C ILE B 435 20.01 -18.38 33.42
N GLY B 436 20.24 -17.15 32.98
CA GLY B 436 21.10 -16.21 33.69
C GLY B 436 20.57 -15.76 35.04
N LEU B 437 19.32 -16.08 35.38
CA LEU B 437 18.77 -15.78 36.69
C LEU B 437 18.83 -16.97 37.64
N LYS B 438 19.65 -17.97 37.32
CA LYS B 438 19.68 -19.20 38.10
C LYS B 438 20.08 -18.95 39.55
N GLU B 439 20.95 -17.98 39.80
CA GLU B 439 21.43 -17.68 41.14
CA GLU B 439 21.43 -17.68 41.14
C GLU B 439 20.50 -16.76 41.93
N LYS B 440 19.59 -16.06 41.26
CA LYS B 440 18.75 -15.09 41.95
C LYS B 440 17.32 -15.56 42.18
N PHE B 441 16.93 -16.73 41.66
CA PHE B 441 15.59 -17.26 41.91
C PHE B 441 15.30 -17.37 43.41
N ALA B 442 16.33 -17.61 44.21
CA ALA B 442 16.23 -17.47 45.66
C ALA B 442 16.72 -16.08 46.04
N THR B 443 15.80 -15.26 46.59
CA THR B 443 15.87 -13.82 46.89
C THR B 443 14.69 -13.18 46.19
N LEU B 444 14.00 -13.96 45.36
CA LEU B 444 12.76 -13.49 44.76
C LEU B 444 11.62 -13.66 45.76
N LYS B 445 10.79 -12.62 45.90
CA LYS B 445 9.67 -12.67 46.81
C LYS B 445 8.39 -12.27 46.09
N GLY B 446 7.27 -12.59 46.70
CA GLY B 446 5.98 -12.41 46.08
C GLY B 446 5.53 -10.97 46.01
N LEU B 447 4.24 -10.80 45.70
CA LEU B 447 3.65 -9.50 45.46
C LEU B 447 2.22 -9.48 46.00
N GLU B 448 1.76 -8.30 46.40
CA GLU B 448 0.40 -8.10 46.91
C GLU B 448 -0.30 -7.01 46.10
N PHE B 449 -1.62 -6.94 46.27
CA PHE B 449 -2.42 -6.01 45.50
C PHE B 449 -2.35 -4.60 46.09
N GLU B 450 -2.49 -3.60 45.22
CA GLU B 450 -2.82 -2.23 45.59
C GLU B 450 -4.20 -1.84 45.08
N TYR B 451 -4.47 -2.13 43.81
CA TYR B 451 -5.78 -1.92 43.21
C TYR B 451 -6.16 -3.21 42.49
N GLU B 452 -7.24 -3.86 42.93
CA GLU B 452 -7.64 -5.14 42.37
C GLU B 452 -8.98 -5.02 41.67
N PRO B 453 -9.05 -5.26 40.36
CA PRO B 453 -10.35 -5.22 39.68
C PRO B 453 -11.19 -6.43 40.07
N PRO B 454 -12.52 -6.32 39.97
CA PRO B 454 -13.37 -7.45 40.35
C PRO B 454 -13.45 -8.53 39.28
N VAL B 455 -13.27 -8.15 38.01
CA VAL B 455 -13.28 -9.09 36.89
C VAL B 455 -11.96 -8.96 36.13
N LEU B 456 -11.32 -10.09 35.85
CA LEU B 456 -10.09 -10.15 35.07
C LEU B 456 -9.04 -9.20 35.65
N ARG B 457 -8.67 -9.48 36.90
CA ARG B 457 -7.89 -8.54 37.72
C ARG B 457 -6.47 -8.35 37.22
N HIS B 458 -5.86 -9.39 36.64
CA HIS B 458 -4.43 -9.33 36.32
C HIS B 458 -4.10 -8.26 35.29
N PHE B 459 -5.11 -7.78 34.55
CA PHE B 459 -4.85 -6.84 33.47
C PHE B 459 -4.42 -5.48 33.98
N THR B 460 -5.27 -4.84 34.79
CA THR B 460 -5.03 -3.47 35.24
C THR B 460 -4.60 -3.39 36.69
N ALA B 461 -4.42 -4.52 37.37
CA ALA B 461 -4.01 -4.49 38.77
C ALA B 461 -2.62 -3.89 38.89
N ARG B 462 -2.42 -3.12 39.95
CA ARG B 462 -1.10 -2.61 40.32
C ARG B 462 -0.63 -3.35 41.56
N LEU B 463 0.64 -3.75 41.55
CA LEU B 463 1.18 -4.62 42.59
C LEU B 463 2.22 -3.87 43.42
N LYS B 464 2.33 -4.29 44.68
CA LYS B 464 3.28 -3.72 45.63
C LYS B 464 4.30 -4.79 46.00
N PRO B 465 5.60 -4.54 45.81
CA PRO B 465 6.60 -5.57 46.11
C PRO B 465 6.61 -5.95 47.58
N ILE B 466 6.39 -7.24 47.86
CA ILE B 466 6.42 -7.72 49.23
C ILE B 466 7.82 -7.59 49.83
N GLU B 467 8.86 -7.66 48.99
CA GLU B 467 10.26 -7.57 49.39
C GLU B 467 10.68 -8.79 50.21
N ALA C 2 -22.08 19.65 -23.74
CA ALA C 2 -21.10 18.92 -22.96
C ALA C 2 -21.79 17.95 -22.01
N LYS C 3 -21.48 16.66 -22.15
CA LYS C 3 -22.12 15.60 -21.39
C LYS C 3 -21.12 14.97 -20.43
N ARG C 4 -21.50 14.89 -19.16
CA ARG C 4 -20.69 14.24 -18.14
CA ARG C 4 -20.70 14.23 -18.13
C ARG C 4 -21.02 12.75 -18.11
N ILE C 5 -19.99 11.92 -18.07
CA ILE C 5 -20.13 10.47 -18.03
C ILE C 5 -19.64 9.96 -16.68
N VAL C 6 -20.48 9.15 -16.02
CA VAL C 6 -20.21 8.76 -14.64
C VAL C 6 -19.07 7.76 -14.58
N GLU C 7 -18.28 7.83 -13.50
CA GLU C 7 -17.19 6.87 -13.31
C GLU C 7 -17.75 5.46 -13.17
N PRO C 8 -17.17 4.46 -13.87
CA PRO C 8 -17.53 3.07 -13.61
C PRO C 8 -16.71 2.46 -12.48
N PHE C 9 -16.50 3.25 -11.42
CA PHE C 9 -15.76 2.84 -10.25
C PHE C 9 -16.10 3.82 -9.14
N ARG C 10 -15.71 3.48 -7.93
CA ARG C 10 -15.76 4.43 -6.83
C ARG C 10 -14.37 4.63 -6.26
N ILE C 11 -14.24 5.65 -5.40
CA ILE C 11 -12.95 6.05 -4.85
C ILE C 11 -12.62 5.21 -3.63
N LYS C 12 -11.42 4.61 -3.65
CA LYS C 12 -10.94 3.80 -2.54
C LYS C 12 -9.87 4.52 -1.72
N MET C 13 -9.00 5.30 -2.37
N MET C 13 -9.03 5.33 -2.36
CA MET C 13 -7.99 6.07 -1.65
CA MET C 13 -8.00 6.06 -1.65
C MET C 13 -7.89 7.44 -2.31
C MET C 13 -7.82 7.42 -2.31
N VAL C 14 -7.62 8.45 -1.49
CA VAL C 14 -7.52 9.82 -1.96
C VAL C 14 -6.14 10.39 -1.62
N GLU C 15 -5.81 11.49 -2.29
N GLU C 15 -5.79 11.45 -2.33
CA GLU C 15 -4.55 12.19 -2.11
CA GLU C 15 -4.52 12.17 -2.15
C GLU C 15 -4.85 13.69 -2.16
C GLU C 15 -4.83 13.65 -2.14
N LYS C 16 -4.38 14.44 -1.15
N LYS C 16 -4.48 14.34 -1.06
CA LYS C 16 -4.71 15.85 -1.04
CA LYS C 16 -4.88 15.73 -0.87
C LYS C 16 -4.12 16.67 -2.18
C LYS C 16 -3.99 16.66 -1.69
N ILE C 17 -4.89 17.64 -2.67
N ILE C 17 -4.61 17.40 -2.61
CA ILE C 17 -4.39 18.68 -3.56
CA ILE C 17 -3.93 18.48 -3.32
C ILE C 17 -4.75 20.03 -2.95
C ILE C 17 -4.38 19.80 -2.73
N ARG C 18 -3.95 21.04 -3.28
N ARG C 18 -3.89 20.91 -3.27
CA ARG C 18 -4.17 22.38 -2.76
CA ARG C 18 -4.20 22.21 -2.68
C ARG C 18 -3.88 23.41 -3.84
C ARG C 18 -4.11 23.30 -3.75
N VAL C 19 -4.57 24.54 -3.75
N VAL C 19 -4.92 24.33 -3.59
CA VAL C 19 -4.38 25.67 -4.67
CA VAL C 19 -4.86 25.54 -4.40
C VAL C 19 -3.35 26.60 -4.04
C VAL C 19 -4.04 26.57 -3.61
N PRO C 20 -2.17 26.75 -4.64
N PRO C 20 -2.86 26.95 -4.07
CA PRO C 20 -1.23 27.77 -4.16
CA PRO C 20 -2.12 28.03 -3.40
C PRO C 20 -1.73 29.17 -4.50
C PRO C 20 -2.84 29.36 -3.58
N SER C 21 -1.38 30.12 -3.64
N SER C 21 -2.39 30.35 -2.81
CA SER C 21 -1.83 31.49 -3.84
CA SER C 21 -2.90 31.70 -3.00
C SER C 21 -1.17 32.10 -5.08
C SER C 21 -2.39 32.27 -4.31
N ARG C 22 -1.77 33.18 -5.58
N ARG C 22 -3.10 33.29 -4.81
CA ARG C 22 -1.28 33.81 -6.80
CA ARG C 22 -2.68 33.95 -6.05
C ARG C 22 0.12 34.38 -6.63
C ARG C 22 -1.28 34.54 -5.91
N GLU C 23 0.52 34.70 -5.40
N GLU C 23 -0.94 35.02 -4.73
CA GLU C 23 1.88 35.16 -5.16
CA GLU C 23 0.39 35.55 -4.49
C GLU C 23 2.88 34.02 -5.25
C GLU C 23 1.44 34.44 -4.49
N GLU C 24 2.50 32.83 -4.75
N GLU C 24 1.16 33.33 -3.82
CA GLU C 24 3.36 31.66 -4.89
CA GLU C 24 2.07 32.19 -3.86
C GLU C 24 3.56 31.32 -6.35
C GLU C 24 2.22 31.65 -5.27
N ARG C 25 2.50 31.41 -7.16
N ARG C 25 1.11 31.62 -6.02
CA ARG C 25 2.59 31.04 -8.56
CA ARG C 25 1.17 31.21 -7.42
C ARG C 25 3.58 31.92 -9.31
C ARG C 25 2.04 32.16 -8.24
N GLU C 26 3.47 33.25 -9.15
N GLU C 26 1.82 33.46 -8.07
CA GLU C 26 4.39 34.13 -9.87
CA GLU C 26 2.62 34.45 -8.79
C GLU C 26 5.81 34.02 -9.31
C GLU C 26 4.07 34.44 -8.31
N ALA C 27 5.96 33.74 -8.01
N ALA C 27 4.32 34.00 -7.07
CA ALA C 27 7.30 33.54 -7.47
CA ALA C 27 5.68 33.90 -6.55
C ALA C 27 7.88 32.20 -7.90
C ALA C 27 6.38 32.63 -6.97
N ALA C 28 7.08 31.14 -7.90
N ALA C 28 5.77 31.80 -7.81
CA ALA C 28 7.58 29.83 -8.28
CA ALA C 28 6.37 30.55 -8.30
C ALA C 28 7.83 29.75 -9.79
C ALA C 28 6.15 30.50 -9.81
N LEU C 29 6.90 30.27 -10.58
N LEU C 29 7.05 31.12 -10.57
CA LEU C 29 7.13 30.38 -12.02
CA LEU C 29 6.97 31.11 -12.02
C LEU C 29 8.37 31.23 -12.30
C LEU C 29 8.31 31.43 -12.66
N LYS C 30 8.66 32.21 -11.45
N LYS C 30 8.85 32.61 -12.41
CA LYS C 30 9.91 32.95 -11.56
CA LYS C 30 10.05 33.10 -13.09
C LYS C 30 11.10 32.03 -11.29
C LYS C 30 11.26 32.69 -12.26
N GLU C 31 11.10 31.35 -10.14
N GLU C 31 11.82 31.53 -12.60
CA GLU C 31 12.17 30.41 -9.85
CA GLU C 31 12.99 30.99 -11.92
C GLU C 31 12.23 29.30 -10.89
C GLU C 31 13.61 29.88 -12.75
N ALA C 32 11.09 28.90 -11.44
N ALA C 32 12.77 29.01 -13.32
CA ALA C 32 11.07 27.93 -12.52
CA ALA C 32 13.22 27.91 -14.16
C ALA C 32 11.55 28.50 -13.84
C ALA C 32 13.11 28.26 -15.64
N GLY C 33 12.01 29.76 -13.81
N GLY C 33 13.41 29.51 -16.00
CA GLY C 33 12.42 30.43 -15.03
CA GLY C 33 13.33 29.92 -17.39
C GLY C 33 11.30 30.56 -16.05
C GLY C 33 11.93 29.87 -17.97
N TYR C 34 10.06 30.76 -15.58
N TYR C 34 10.93 30.28 -17.19
CA TYR C 34 8.88 30.82 -16.45
CA TYR C 34 9.54 30.32 -17.64
C TYR C 34 8.76 29.57 -17.33
C TYR C 34 9.11 28.99 -18.28
N ASN C 35 9.25 28.45 -16.83
N ASN C 35 9.63 27.90 -17.73
CA ASN C 35 9.11 27.15 -17.49
CA ASN C 35 9.41 26.56 -18.26
C ASN C 35 8.36 26.22 -16.52
C ASN C 35 8.74 25.72 -17.18
N PRO C 36 7.13 25.81 -16.85
N PRO C 36 7.39 25.66 -17.16
CA PRO C 36 6.37 24.97 -15.90
CA PRO C 36 6.68 24.87 -16.15
C PRO C 36 7.03 23.64 -15.57
C PRO C 36 7.07 23.41 -16.11
N PHE C 37 7.89 23.12 -16.44
N PHE C 37 7.85 22.96 -17.09
CA PHE C 37 8.58 21.87 -16.13
CA PHE C 37 8.40 21.61 -17.05
C PHE C 37 9.51 22.01 -14.93
C PHE C 37 9.35 21.41 -15.88
N LEU C 38 9.89 23.23 -14.57
N LEU C 38 9.86 22.49 -15.28
CA LEU C 38 10.79 23.48 -13.45
CA LEU C 38 10.77 22.42 -14.15
C LEU C 38 10.07 23.84 -12.16
C LEU C 38 10.15 22.96 -12.86
N LEU C 39 8.74 23.93 -12.19
N LEU C 39 8.81 23.01 -12.79
CA LEU C 39 7.97 24.04 -10.96
CA LEU C 39 8.13 23.52 -11.62
C LEU C 39 8.05 22.75 -10.16
C LEU C 39 7.97 22.42 -10.56
N PRO C 40 8.18 22.83 -8.84
N PRO C 40 8.07 22.77 -9.28
CA PRO C 40 7.90 21.66 -8.00
CA PRO C 40 7.83 21.77 -8.24
C PRO C 40 6.41 21.35 -8.03
C PRO C 40 6.35 21.41 -8.15
N SER C 41 6.08 20.08 -7.74
N SER C 41 6.09 20.16 -7.78
CA SER C 41 4.68 19.71 -7.67
CA SER C 41 4.71 19.70 -7.65
C SER C 41 3.96 20.48 -6.57
C SER C 41 3.97 20.44 -6.55
N SER C 42 4.67 20.84 -5.49
CA SER C 42 4.02 21.58 -4.41
C SER C 42 3.45 22.92 -4.87
N ALA C 43 3.88 23.42 -6.03
CA ALA C 43 3.39 24.67 -6.58
C ALA C 43 2.27 24.48 -7.60
N VAL C 44 1.80 23.25 -7.80
CA VAL C 44 0.86 22.94 -8.87
C VAL C 44 -0.44 22.44 -8.24
N TYR C 45 -1.56 23.02 -8.67
CA TYR C 45 -2.86 22.56 -8.18
C TYR C 45 -3.30 21.31 -8.92
N ILE C 46 -3.80 21.48 -10.15
CA ILE C 46 -4.20 20.37 -11.00
C ILE C 46 -3.08 20.18 -12.01
N ASP C 47 -2.47 19.00 -12.02
CA ASP C 47 -1.31 18.76 -12.87
C ASP C 47 -1.76 18.14 -14.19
N LEU C 48 -1.69 18.91 -15.28
CA LEU C 48 -2.05 18.45 -16.62
C LEU C 48 -0.82 18.37 -17.53
N LEU C 49 0.35 18.18 -16.95
CA LEU C 49 1.58 18.14 -17.73
C LEU C 49 1.62 16.90 -18.64
N THR C 50 1.21 15.75 -18.12
N THR C 50 1.15 15.76 -18.15
CA THR C 50 1.26 14.49 -18.84
CA THR C 50 1.22 14.53 -18.94
C THR C 50 0.09 13.62 -18.44
C THR C 50 0.30 13.48 -18.34
N ASP C 51 -0.10 12.52 -19.19
CA ASP C 51 -0.90 11.39 -18.75
C ASP C 51 -0.01 10.17 -18.51
N SER C 52 1.28 10.40 -18.29
CA SER C 52 2.27 9.34 -18.20
C SER C 52 2.70 9.15 -16.75
N GLY C 53 2.35 8.01 -16.16
CA GLY C 53 2.88 7.69 -14.85
C GLY C 53 2.17 8.33 -13.68
N THR C 54 1.11 9.11 -13.94
CA THR C 54 0.34 9.78 -12.91
C THR C 54 -1.02 9.14 -12.67
N ASN C 55 -1.25 7.95 -13.22
CA ASN C 55 -2.56 7.30 -13.17
C ASN C 55 -2.84 6.71 -11.78
N ALA C 56 -4.13 6.57 -11.49
CA ALA C 56 -4.59 5.92 -10.27
C ALA C 56 -4.80 4.44 -10.55
N MET C 57 -4.16 3.60 -9.75
CA MET C 57 -4.32 2.17 -9.89
C MET C 57 -5.57 1.68 -9.16
N SER C 58 -5.98 0.45 -9.44
CA SER C 58 -7.09 -0.17 -8.74
C SER C 58 -6.58 -0.88 -7.50
N ASP C 59 -7.53 -1.23 -6.62
CA ASP C 59 -7.19 -2.07 -5.49
C ASP C 59 -6.55 -3.38 -5.95
N HIS C 60 -7.02 -3.93 -7.08
CA HIS C 60 -6.42 -5.16 -7.59
C HIS C 60 -4.98 -4.97 -8.03
N GLN C 61 -4.65 -3.80 -8.58
CA GLN C 61 -3.27 -3.55 -8.98
C GLN C 61 -2.35 -3.45 -7.78
N TRP C 62 -2.79 -2.76 -6.73
CA TRP C 62 -1.99 -2.67 -5.50
C TRP C 62 -1.86 -4.03 -4.83
N ALA C 63 -2.91 -4.84 -4.83
CA ALA C 63 -2.80 -6.19 -4.30
C ALA C 63 -1.77 -6.99 -5.10
N ALA C 64 -1.74 -6.82 -6.42
CA ALA C 64 -0.78 -7.55 -7.23
C ALA C 64 0.65 -7.15 -6.88
N MET C 65 0.87 -5.86 -6.63
N MET C 65 0.87 -5.86 -6.61
CA MET C 65 2.19 -5.39 -6.21
CA MET C 65 2.22 -5.43 -6.23
C MET C 65 2.65 -6.09 -4.94
C MET C 65 2.66 -6.08 -4.93
N ILE C 66 1.74 -6.24 -3.97
CA ILE C 66 2.11 -6.77 -2.65
C ILE C 66 2.61 -8.20 -2.77
N THR C 67 2.01 -9.00 -3.65
CA THR C 67 2.48 -10.36 -3.84
C THR C 67 3.49 -10.48 -4.99
N GLY C 68 4.07 -9.36 -5.43
CA GLY C 68 5.01 -9.41 -6.53
C GLY C 68 6.27 -10.20 -6.19
N ASP C 69 6.80 -10.90 -7.19
CA ASP C 69 7.99 -11.73 -7.02
C ASP C 69 9.22 -10.91 -7.42
N GLU C 70 10.07 -10.58 -6.44
CA GLU C 70 11.21 -9.70 -6.69
C GLU C 70 12.48 -10.45 -7.11
N ALA C 71 12.37 -11.71 -7.51
CA ALA C 71 13.55 -12.49 -7.90
C ALA C 71 14.29 -11.86 -9.07
N TYR C 72 15.62 -11.88 -9.00
CA TYR C 72 16.45 -11.29 -10.04
C TYR C 72 16.21 -11.97 -11.39
N ALA C 73 16.10 -13.30 -11.39
CA ALA C 73 15.98 -14.08 -12.61
C ALA C 73 14.77 -14.99 -12.48
N GLY C 74 13.88 -14.92 -13.47
CA GLY C 74 12.74 -15.82 -13.51
C GLY C 74 11.59 -15.48 -12.57
N SER C 75 11.33 -14.19 -12.34
CA SER C 75 10.18 -13.75 -11.57
C SER C 75 8.89 -14.41 -12.07
N ARG C 76 8.07 -14.87 -11.12
CA ARG C 76 6.75 -15.37 -11.46
C ARG C 76 5.99 -14.39 -12.36
N ASN C 77 6.15 -13.09 -12.12
CA ASN C 77 5.40 -12.08 -12.86
C ASN C 77 5.93 -11.84 -14.26
N TYR C 78 7.18 -12.17 -14.54
CA TYR C 78 7.65 -12.12 -15.92
C TYR C 78 6.85 -13.08 -16.80
N TYR C 79 6.67 -14.31 -16.31
CA TYR C 79 5.94 -15.31 -17.09
C TYR C 79 4.48 -14.94 -17.24
N ASP C 80 3.87 -14.40 -16.18
CA ASP C 80 2.52 -13.86 -16.29
C ASP C 80 2.44 -12.79 -17.38
N LEU C 81 3.45 -11.92 -17.45
CA LEU C 81 3.45 -10.85 -18.45
C LEU C 81 3.60 -11.43 -19.85
N LYS C 82 4.47 -12.43 -20.00
CA LYS C 82 4.61 -13.14 -21.28
C LYS C 82 3.28 -13.71 -21.74
N ASP C 83 2.57 -14.43 -20.85
CA ASP C 83 1.26 -14.97 -21.21
C ASP C 83 0.28 -13.86 -21.57
N LYS C 84 0.34 -12.71 -20.87
CA LYS C 84 -0.59 -11.63 -21.15
C LYS C 84 -0.34 -11.01 -22.51
N ALA C 85 0.92 -11.01 -22.98
CA ALA C 85 1.21 -10.47 -24.31
C ALA C 85 0.74 -11.44 -25.38
N LYS C 86 0.91 -12.74 -25.13
CA LYS C 86 0.39 -13.76 -26.05
C LYS C 86 -1.13 -13.68 -26.14
N GLU C 87 -1.81 -13.46 -25.02
CA GLU C 87 -3.28 -13.36 -25.04
C GLU C 87 -3.74 -12.13 -25.82
N LEU C 88 -3.20 -10.96 -25.48
CA LEU C 88 -3.70 -9.70 -26.03
C LEU C 88 -3.24 -9.48 -27.46
N PHE C 89 -1.95 -9.69 -27.73
CA PHE C 89 -1.37 -9.30 -29.00
C PHE C 89 -1.10 -10.46 -29.93
N ASN C 90 -1.16 -11.69 -29.43
CA ASN C 90 -0.68 -12.89 -30.12
C ASN C 90 0.83 -12.84 -30.37
N TYR C 91 1.59 -12.10 -29.57
CA TYR C 91 3.04 -12.02 -29.74
C TYR C 91 3.75 -12.99 -28.80
N ASP C 92 4.82 -13.61 -29.30
CA ASP C 92 5.45 -14.74 -28.65
C ASP C 92 6.67 -14.38 -27.81
N TYR C 93 7.16 -13.15 -27.88
CA TYR C 93 8.37 -12.79 -27.17
C TYR C 93 8.20 -11.46 -26.48
N ILE C 94 8.67 -11.37 -25.24
CA ILE C 94 8.59 -10.12 -24.48
C ILE C 94 9.94 -9.79 -23.88
N ILE C 95 10.21 -8.50 -23.78
CA ILE C 95 11.26 -7.98 -22.93
C ILE C 95 10.69 -6.83 -22.10
N PRO C 96 10.58 -6.96 -20.79
CA PRO C 96 10.18 -5.80 -19.99
C PRO C 96 11.22 -4.70 -20.09
N ALA C 97 10.76 -3.46 -19.96
CA ALA C 97 11.64 -2.29 -19.95
C ALA C 97 11.18 -1.38 -18.82
N HIS C 98 12.04 -0.45 -18.40
CA HIS C 98 11.61 0.35 -17.27
C HIS C 98 10.55 1.37 -17.66
N GLN C 99 10.57 1.86 -18.91
CA GLN C 99 9.47 2.65 -19.44
C GLN C 99 9.59 2.72 -20.96
N GLY C 100 8.75 3.54 -21.58
CA GLY C 100 8.65 3.57 -23.04
C GLY C 100 9.97 3.84 -23.73
N ARG C 101 10.68 4.88 -23.31
CA ARG C 101 11.94 5.22 -23.98
C ARG C 101 13.05 4.23 -23.65
N GLY C 102 12.93 3.47 -22.56
CA GLY C 102 13.79 2.32 -22.37
C GLY C 102 13.52 1.22 -23.38
N ALA C 103 12.24 0.99 -23.71
CA ALA C 103 11.90 0.00 -24.73
C ALA C 103 12.41 0.41 -26.11
N GLU C 104 12.33 1.71 -26.44
CA GLU C 104 12.88 2.19 -27.71
C GLU C 104 14.40 2.06 -27.76
N ASN C 105 15.08 2.34 -26.64
CA ASN C 105 16.53 2.18 -26.59
C ASN C 105 16.95 0.73 -26.79
N ILE C 106 16.10 -0.22 -26.41
CA ILE C 106 16.40 -1.63 -26.61
C ILE C 106 16.25 -2.03 -28.08
N LEU C 107 15.11 -1.71 -28.67
CA LEU C 107 14.73 -2.27 -29.97
C LEU C 107 15.32 -1.51 -31.15
N PHE C 108 15.33 -0.17 -31.11
CA PHE C 108 15.61 0.59 -32.32
C PHE C 108 17.05 0.44 -32.79
N PRO C 109 18.06 0.51 -31.90
CA PRO C 109 19.43 0.22 -32.38
C PRO C 109 19.56 -1.20 -32.91
N VAL C 110 18.80 -2.15 -32.38
CA VAL C 110 18.85 -3.53 -32.89
C VAL C 110 18.28 -3.60 -34.30
N LEU C 111 17.16 -2.92 -34.55
CA LEU C 111 16.57 -2.91 -35.89
C LEU C 111 17.54 -2.31 -36.91
N LEU C 112 18.28 -1.28 -36.52
CA LEU C 112 19.21 -0.66 -37.47
C LEU C 112 20.35 -1.59 -37.81
N LYS C 113 20.94 -2.25 -36.81
CA LYS C 113 22.04 -3.19 -37.06
C LYS C 113 21.57 -4.37 -37.92
N TYR C 114 20.34 -4.84 -37.66
CA TYR C 114 19.79 -5.94 -38.44
C TYR C 114 19.60 -5.56 -39.90
N LYS C 115 19.15 -4.33 -40.16
CA LYS C 115 18.95 -3.87 -41.54
C LYS C 115 20.28 -3.68 -42.27
N GLN C 116 21.35 -3.39 -41.52
CA GLN C 116 22.69 -3.23 -42.09
C GLN C 116 23.43 -4.54 -42.32
N LYS C 117 22.82 -5.68 -41.95
CA LYS C 117 23.58 -6.92 -41.87
C LYS C 117 24.21 -7.31 -43.20
N GLU C 118 23.59 -6.93 -44.32
CA GLU C 118 24.14 -7.30 -45.61
C GLU C 118 24.35 -6.08 -46.49
N GLY C 119 25.18 -5.14 -46.03
CA GLY C 119 25.51 -3.96 -46.79
C GLY C 119 24.31 -3.16 -47.25
N LYS C 120 23.54 -2.65 -46.30
CA LYS C 120 22.31 -1.91 -46.61
C LYS C 120 22.20 -0.74 -45.64
N ALA C 121 21.09 -0.01 -45.75
CA ALA C 121 20.75 1.06 -44.81
C ALA C 121 21.91 2.06 -44.68
N LYS C 122 22.53 2.40 -45.81
CA LYS C 122 23.64 3.35 -45.80
C LYS C 122 23.15 4.76 -45.52
N ASN C 123 21.89 5.05 -45.86
CA ASN C 123 21.24 6.30 -45.48
C ASN C 123 19.92 5.95 -44.81
N PRO C 124 19.99 5.46 -43.57
CA PRO C 124 18.82 4.81 -42.96
C PRO C 124 17.81 5.83 -42.45
N VAL C 125 16.53 5.48 -42.56
CA VAL C 125 15.45 6.33 -42.05
C VAL C 125 14.42 5.45 -41.35
N PHE C 126 13.60 6.10 -40.53
CA PHE C 126 12.39 5.53 -39.96
C PHE C 126 11.22 6.36 -40.45
N ILE C 127 10.10 5.69 -40.72
CA ILE C 127 8.88 6.34 -41.20
C ILE C 127 7.76 6.06 -40.22
N SER C 128 6.98 7.09 -39.89
CA SER C 128 5.88 6.96 -38.95
C SER C 128 4.75 7.88 -39.39
N ASN C 129 3.54 7.56 -38.94
CA ASN C 129 2.48 8.55 -39.00
C ASN C 129 2.89 9.80 -38.21
N PHE C 130 3.52 9.62 -37.06
CA PHE C 130 4.27 10.68 -36.38
C PHE C 130 5.10 10.10 -35.25
N HIS C 131 6.43 10.22 -35.32
CA HIS C 131 7.31 9.86 -34.21
C HIS C 131 7.08 10.81 -33.04
N PHE C 132 6.84 10.26 -31.85
CA PHE C 132 6.87 11.04 -30.62
CA PHE C 132 6.86 11.15 -30.70
C PHE C 132 8.31 11.47 -30.32
N ASP C 133 8.46 12.42 -29.39
CA ASP C 133 9.76 13.05 -29.17
CA ASP C 133 9.77 13.05 -29.18
C ASP C 133 10.84 12.02 -28.82
N THR C 134 10.60 11.18 -27.79
CA THR C 134 11.65 10.23 -27.41
C THR C 134 11.90 9.23 -28.52
N THR C 135 10.85 8.85 -29.25
CA THR C 135 11.01 7.95 -30.38
C THR C 135 11.92 8.59 -31.44
N ALA C 136 11.60 9.82 -31.85
CA ALA C 136 12.42 10.50 -32.85
C ALA C 136 13.84 10.74 -32.35
N ALA C 137 13.99 11.04 -31.06
CA ALA C 137 15.34 11.26 -30.52
C ALA C 137 16.19 10.00 -30.60
N HIS C 138 15.60 8.82 -30.33
CA HIS C 138 16.38 7.58 -30.41
C HIS C 138 16.72 7.23 -31.85
N VAL C 139 15.81 7.49 -32.78
CA VAL C 139 16.09 7.27 -34.20
C VAL C 139 17.30 8.09 -34.63
N GLU C 140 17.33 9.37 -34.24
CA GLU C 140 18.42 10.24 -34.68
C GLU C 140 19.70 10.00 -33.92
N LEU C 141 19.62 9.59 -32.65
CA LEU C 141 20.83 9.26 -31.90
C LEU C 141 21.56 8.09 -32.52
N ASN C 142 20.85 7.23 -33.25
CA ASN C 142 21.45 6.12 -33.95
C ASN C 142 21.80 6.43 -35.41
N GLY C 143 21.70 7.69 -35.83
CA GLY C 143 22.14 8.08 -37.15
C GLY C 143 21.11 8.01 -38.26
N CYS C 144 19.83 7.96 -37.93
CA CYS C 144 18.77 7.85 -38.93
C CYS C 144 17.94 9.14 -38.97
N LYS C 145 17.16 9.27 -40.03
CA LYS C 145 16.18 10.35 -40.12
C LYS C 145 14.82 9.83 -39.67
N ALA C 146 14.09 10.67 -38.94
CA ALA C 146 12.73 10.34 -38.49
C ALA C 146 11.75 11.09 -39.38
N ILE C 147 11.10 10.38 -40.30
CA ILE C 147 10.19 10.97 -41.26
C ILE C 147 8.76 10.81 -40.76
N ASN C 148 8.00 11.91 -40.72
CA ASN C 148 6.63 11.95 -40.24
C ASN C 148 5.68 12.21 -41.40
N ILE C 149 4.67 11.36 -41.56
CA ILE C 149 3.78 11.48 -42.71
C ILE C 149 2.31 11.32 -42.31
N VAL C 150 1.87 12.08 -41.31
CA VAL C 150 0.48 12.01 -40.86
C VAL C 150 -0.44 12.59 -41.93
N THR C 151 -1.67 12.09 -41.97
CA THR C 151 -2.66 12.58 -42.91
C THR C 151 -2.81 14.10 -42.80
N GLU C 152 -3.10 14.73 -43.94
CA GLU C 152 -3.22 16.18 -43.99
C GLU C 152 -4.39 16.68 -43.18
N LYS C 153 -5.42 15.86 -42.98
CA LYS C 153 -6.58 16.32 -42.23
C LYS C 153 -6.28 16.56 -40.75
N ALA C 154 -5.10 16.16 -40.27
CA ALA C 154 -4.72 16.47 -38.89
C ALA C 154 -4.35 17.94 -38.72
N PHE C 155 -4.08 18.65 -39.81
CA PHE C 155 -3.67 20.05 -39.75
C PHE C 155 -4.85 21.02 -39.81
N ASP C 156 -6.06 20.52 -40.01
CA ASP C 156 -7.27 21.34 -40.02
C ASP C 156 -7.97 21.12 -38.68
N SER C 157 -7.58 21.92 -37.68
CA SER C 157 -7.87 21.56 -36.30
C SER C 157 -9.36 21.54 -36.02
N GLU C 158 -10.11 22.50 -36.54
CA GLU C 158 -11.52 22.60 -36.16
C GLU C 158 -12.43 21.70 -36.98
N THR C 159 -11.96 21.15 -38.10
CA THR C 159 -12.79 20.33 -38.98
C THR C 159 -12.72 18.87 -38.57
N TYR C 160 -13.88 18.30 -38.22
CA TYR C 160 -13.95 16.91 -37.78
C TYR C 160 -13.42 15.96 -38.84
N ASP C 161 -12.75 14.89 -38.39
CA ASP C 161 -12.45 13.71 -39.19
C ASP C 161 -12.35 12.52 -38.25
N ASP C 162 -12.70 11.33 -38.77
CA ASP C 162 -12.71 10.13 -37.95
C ASP C 162 -11.31 9.65 -37.58
N TRP C 163 -10.32 9.87 -38.45
CA TRP C 163 -9.00 9.22 -38.30
C TRP C 163 -7.86 10.22 -38.54
N LYS C 164 -7.75 11.23 -37.67
CA LYS C 164 -6.71 12.23 -37.88
C LYS C 164 -5.30 11.74 -37.52
N GLY C 165 -5.16 10.49 -37.09
CA GLY C 165 -3.85 9.90 -36.88
C GLY C 165 -3.37 9.00 -38.00
N ASP C 166 -4.13 8.88 -39.08
CA ASP C 166 -3.78 7.96 -40.17
C ASP C 166 -2.43 8.32 -40.78
N PHE C 167 -1.73 7.29 -41.28
CA PHE C 167 -0.69 7.47 -42.29
C PHE C 167 -1.30 8.09 -43.55
N ASP C 168 -0.57 9.02 -44.15
CA ASP C 168 -0.81 9.44 -45.53
C ASP C 168 -0.24 8.35 -46.43
N ILE C 169 -1.11 7.53 -47.01
CA ILE C 169 -0.66 6.36 -47.78
C ILE C 169 0.12 6.79 -49.00
N LYS C 170 -0.29 7.90 -49.63
CA LYS C 170 0.43 8.42 -50.79
C LYS C 170 1.87 8.79 -50.43
N LYS C 171 2.06 9.49 -49.32
CA LYS C 171 3.41 9.84 -48.90
C LYS C 171 4.22 8.61 -48.53
N LEU C 172 3.58 7.58 -47.95
CA LEU C 172 4.30 6.38 -47.57
C LEU C 172 4.90 5.70 -48.79
N LYS C 173 4.10 5.56 -49.85
CA LYS C 173 4.63 4.98 -51.08
C LYS C 173 5.69 5.88 -51.71
N GLU C 174 5.51 7.20 -51.63
CA GLU C 174 6.50 8.13 -52.18
C GLU C 174 7.80 8.08 -51.40
N ASN C 175 7.72 7.97 -50.07
CA ASN C 175 8.95 7.91 -49.28
C ASN C 175 9.68 6.59 -49.50
N ILE C 176 8.94 5.49 -49.67
CA ILE C 176 9.58 4.22 -49.99
C ILE C 176 10.35 4.35 -51.30
N ALA C 177 9.73 4.94 -52.31
CA ALA C 177 10.40 5.13 -53.59
C ALA C 177 11.57 6.10 -53.47
N GLN C 178 11.41 7.16 -52.68
CA GLN C 178 12.45 8.17 -52.57
C GLN C 178 13.68 7.64 -51.83
N HIS C 179 13.48 6.89 -50.74
CA HIS C 179 14.61 6.43 -49.94
C HIS C 179 15.04 5.00 -50.28
N GLY C 180 14.16 4.20 -50.88
CA GLY C 180 14.46 2.81 -51.15
C GLY C 180 14.13 1.94 -49.96
N ALA C 181 13.51 0.78 -50.20
CA ALA C 181 13.14 -0.11 -49.10
C ALA C 181 14.34 -0.62 -48.31
N ASP C 182 15.55 -0.52 -48.86
CA ASP C 182 16.74 -0.95 -48.12
C ASP C 182 17.20 0.07 -47.08
N ASN C 183 16.76 1.32 -47.19
CA ASN C 183 17.09 2.35 -46.20
C ASN C 183 16.01 2.51 -45.14
N ILE C 184 14.85 1.88 -45.31
CA ILE C 184 13.77 2.01 -44.35
CA ILE C 184 13.75 2.00 -44.36
C ILE C 184 13.98 0.94 -43.28
N VAL C 185 14.55 1.34 -42.16
CA VAL C 185 14.86 0.38 -41.10
C VAL C 185 13.59 -0.16 -40.49
N ALA C 186 12.57 0.68 -40.31
CA ALA C 186 11.28 0.24 -39.81
C ALA C 186 10.25 1.33 -40.09
N ILE C 187 8.99 0.92 -40.10
CA ILE C 187 7.85 1.81 -40.07
C ILE C 187 7.29 1.76 -38.64
N VAL C 188 7.05 2.93 -38.05
CA VAL C 188 6.55 3.03 -36.68
C VAL C 188 5.11 3.53 -36.73
N SER C 189 4.16 2.64 -36.45
CA SER C 189 2.75 3.02 -36.35
C SER C 189 2.44 3.44 -34.92
N THR C 190 2.25 4.74 -34.69
CA THR C 190 1.97 5.26 -33.35
C THR C 190 0.47 5.35 -33.11
N VAL C 191 -0.04 4.60 -32.11
CA VAL C 191 -1.47 4.49 -31.82
C VAL C 191 -1.72 4.76 -30.34
N THR C 192 -2.61 5.72 -30.04
CA THR C 192 -3.06 6.79 -30.90
C THR C 192 -1.89 7.66 -31.29
N CYS C 193 -2.10 8.55 -32.25
CA CYS C 193 -1.04 9.44 -32.70
C CYS C 193 -0.91 10.60 -31.73
N ASN C 194 0.06 10.49 -30.82
CA ASN C 194 0.19 11.48 -29.74
C ASN C 194 0.43 12.88 -30.29
N SER C 195 1.37 13.01 -31.22
CA SER C 195 1.73 14.33 -31.74
C SER C 195 0.61 14.95 -32.57
N ALA C 196 -0.28 14.15 -33.17
CA ALA C 196 -1.41 14.71 -33.90
C ALA C 196 -2.57 15.08 -32.99
N GLY C 197 -2.44 14.87 -31.69
CA GLY C 197 -3.50 15.20 -30.78
C GLY C 197 -4.19 14.01 -30.15
N GLY C 198 -3.47 12.90 -30.01
CA GLY C 198 -4.09 11.69 -29.51
C GLY C 198 -5.15 11.13 -30.42
N GLN C 199 -5.00 11.33 -31.74
CA GLN C 199 -5.96 11.02 -32.79
C GLN C 199 -5.76 9.59 -33.30
N PRO C 200 -6.85 8.84 -33.50
CA PRO C 200 -6.71 7.41 -33.77
C PRO C 200 -6.30 7.11 -35.20
N VAL C 201 -5.77 5.90 -35.36
CA VAL C 201 -5.44 5.34 -36.65
C VAL C 201 -6.47 4.26 -36.95
N SER C 202 -7.06 4.29 -38.14
CA SER C 202 -8.09 3.31 -38.43
C SER C 202 -7.47 1.93 -38.63
N MET C 203 -8.30 0.90 -38.47
CA MET C 203 -7.84 -0.46 -38.73
C MET C 203 -7.44 -0.61 -40.19
N SER C 204 -8.19 0.03 -41.10
CA SER C 204 -7.86 -0.07 -42.52
C SER C 204 -6.54 0.63 -42.84
N ASN C 205 -6.28 1.76 -42.18
CA ASN C 205 -4.99 2.42 -42.36
C ASN C 205 -3.85 1.53 -41.86
N LEU C 206 -3.97 1.00 -40.63
CA LEU C 206 -2.97 0.08 -40.11
C LEU C 206 -2.77 -1.12 -41.03
N LYS C 207 -3.88 -1.66 -41.55
CA LYS C 207 -3.83 -2.81 -42.44
C LYS C 207 -3.05 -2.50 -43.72
N GLU C 208 -3.40 -1.41 -44.40
CA GLU C 208 -2.75 -1.12 -45.67
C GLU C 208 -1.26 -0.82 -45.47
N VAL C 209 -0.93 -0.09 -44.40
CA VAL C 209 0.48 0.20 -44.13
C VAL C 209 1.27 -1.09 -43.97
N TYR C 210 0.73 -2.04 -43.22
CA TYR C 210 1.43 -3.32 -43.05
C TYR C 210 1.58 -4.05 -44.37
N GLU C 211 0.52 -4.08 -45.19
CA GLU C 211 0.59 -4.77 -46.46
C GLU C 211 1.67 -4.17 -47.36
N ILE C 212 1.78 -2.84 -47.38
CA ILE C 212 2.82 -2.20 -48.17
C ILE C 212 4.20 -2.57 -47.65
N ALA C 213 4.37 -2.49 -46.33
CA ALA C 213 5.67 -2.79 -45.73
C ALA C 213 6.06 -4.25 -45.97
N LYS C 214 5.11 -5.17 -45.85
CA LYS C 214 5.45 -6.57 -46.06
C LYS C 214 5.85 -6.83 -47.51
N GLN C 215 5.26 -6.10 -48.46
CA GLN C 215 5.66 -6.25 -49.86
C GLN C 215 7.11 -5.82 -50.07
N HIS C 216 7.59 -4.86 -49.30
CA HIS C 216 8.94 -4.34 -49.42
C HIS C 216 9.88 -4.89 -48.37
N GLY C 217 9.43 -5.86 -47.57
CA GLY C 217 10.27 -6.43 -46.52
C GLY C 217 10.65 -5.46 -45.43
N ILE C 218 9.77 -4.52 -45.09
CA ILE C 218 10.05 -3.52 -44.08
C ILE C 218 9.44 -3.95 -42.76
N PHE C 219 10.21 -3.82 -41.68
CA PHE C 219 9.74 -4.14 -40.34
C PHE C 219 8.76 -3.09 -39.84
N VAL C 220 7.69 -3.52 -39.19
CA VAL C 220 6.67 -2.62 -38.65
C VAL C 220 6.64 -2.74 -37.14
N VAL C 221 6.91 -1.63 -36.45
CA VAL C 221 6.81 -1.52 -35.00
C VAL C 221 5.57 -0.71 -34.67
N MET C 222 4.77 -1.20 -33.72
CA MET C 222 3.62 -0.46 -33.20
C MET C 222 4.07 0.27 -31.94
N ASP C 223 4.09 1.59 -31.96
CA ASP C 223 4.29 2.36 -30.74
C ASP C 223 2.96 2.39 -30.00
N SER C 224 2.90 1.69 -28.86
CA SER C 224 1.64 1.19 -28.32
C SER C 224 1.24 1.85 -27.00
N ALA C 225 1.80 3.02 -26.67
CA ALA C 225 1.51 3.61 -25.36
C ALA C 225 0.01 3.83 -25.16
N ARG C 226 -0.70 4.27 -26.19
CA ARG C 226 -2.13 4.47 -26.01
C ARG C 226 -2.95 3.55 -26.93
N PHE C 227 -2.60 2.26 -26.96
CA PHE C 227 -3.24 1.33 -27.90
C PHE C 227 -4.72 1.07 -27.56
N CYS C 228 -5.09 1.10 -26.27
CA CYS C 228 -6.47 0.83 -25.89
C CYS C 228 -7.39 1.97 -26.29
N GLU C 229 -6.94 3.22 -26.08
CA GLU C 229 -7.69 4.38 -26.56
C GLU C 229 -7.90 4.31 -28.06
N ASN C 230 -6.87 3.91 -28.81
CA ASN C 230 -7.02 3.74 -30.26
C ASN C 230 -8.03 2.65 -30.57
N ALA C 231 -7.99 1.53 -29.82
CA ALA C 231 -8.95 0.45 -30.02
C ALA C 231 -10.38 0.90 -29.74
N TYR C 232 -10.57 1.75 -28.73
CA TYR C 232 -11.90 2.30 -28.47
C TYR C 232 -12.40 3.12 -29.65
N PHE C 233 -11.54 3.97 -30.23
CA PHE C 233 -11.98 4.80 -31.33
C PHE C 233 -12.33 3.96 -32.56
N ILE C 234 -11.63 2.85 -32.78
CA ILE C 234 -11.96 1.98 -33.91
C ILE C 234 -13.33 1.36 -33.72
N LYS C 235 -13.59 0.79 -32.54
CA LYS C 235 -14.92 0.23 -32.28
C LYS C 235 -16.01 1.31 -32.34
N ALA C 236 -15.66 2.56 -32.02
CA ALA C 236 -16.66 3.61 -32.04
C ALA C 236 -16.91 4.18 -33.44
N ARG C 237 -15.94 4.10 -34.35
CA ARG C 237 -16.02 4.81 -35.63
C ARG C 237 -15.88 3.91 -36.86
N ASP C 238 -15.46 2.65 -36.71
CA ASP C 238 -15.42 1.73 -37.84
C ASP C 238 -16.64 0.82 -37.75
N PRO C 239 -17.59 0.90 -38.68
CA PRO C 239 -18.81 0.08 -38.55
C PRO C 239 -18.53 -1.42 -38.54
N LYS C 240 -17.46 -1.86 -39.21
CA LYS C 240 -17.09 -3.28 -39.18
C LYS C 240 -16.89 -3.79 -37.76
N TYR C 241 -16.53 -2.91 -36.82
CA TYR C 241 -16.22 -3.34 -35.47
C TYR C 241 -17.28 -2.92 -34.45
N LYS C 242 -18.45 -2.47 -34.91
CA LYS C 242 -19.48 -1.98 -33.99
C LYS C 242 -19.74 -2.96 -32.85
N ASN C 243 -19.82 -4.25 -33.18
CA ASN C 243 -20.19 -5.27 -32.21
C ASN C 243 -19.02 -6.09 -31.72
N ALA C 244 -17.79 -5.68 -32.04
CA ALA C 244 -16.62 -6.37 -31.52
C ALA C 244 -16.31 -5.92 -30.08
N THR C 245 -15.60 -6.77 -29.35
CA THR C 245 -15.10 -6.36 -28.05
C THR C 245 -13.79 -5.58 -28.24
N ILE C 246 -13.43 -4.82 -27.20
CA ILE C 246 -12.18 -4.06 -27.24
C ILE C 246 -10.99 -4.99 -27.45
N LYS C 247 -11.01 -6.16 -26.82
CA LYS C 247 -9.91 -7.10 -27.00
C LYS C 247 -9.85 -7.62 -28.43
N GLU C 248 -11.00 -7.83 -29.08
CA GLU C 248 -10.99 -8.30 -30.46
C GLU C 248 -10.41 -7.24 -31.39
N VAL C 249 -10.75 -5.97 -31.16
CA VAL C 249 -10.12 -4.87 -31.90
C VAL C 249 -8.60 -4.92 -31.72
N ILE C 250 -8.15 -5.02 -30.47
CA ILE C 250 -6.70 -5.02 -30.19
C ILE C 250 -6.03 -6.20 -30.89
N PHE C 251 -6.61 -7.38 -30.76
CA PHE C 251 -6.05 -8.54 -31.42
C PHE C 251 -5.89 -8.29 -32.91
N ASP C 252 -6.88 -7.62 -33.52
CA ASP C 252 -6.78 -7.33 -34.95
C ASP C 252 -5.73 -6.27 -35.24
N MET C 253 -5.65 -5.23 -34.41
CA MET C 253 -4.66 -4.18 -34.63
C MET C 253 -3.25 -4.75 -34.79
N TYR C 254 -2.90 -5.73 -33.96
CA TYR C 254 -1.52 -6.21 -33.88
C TYR C 254 -1.22 -7.32 -34.86
N LYS C 255 -2.19 -7.66 -35.72
CA LYS C 255 -1.88 -8.41 -36.94
C LYS C 255 -1.08 -7.57 -37.92
N TYR C 256 -1.07 -6.25 -37.75
CA TYR C 256 -0.47 -5.32 -38.71
C TYR C 256 0.79 -4.67 -38.14
N ALA C 257 1.59 -5.47 -37.42
CA ALA C 257 2.92 -5.09 -36.95
C ALA C 257 3.73 -6.35 -36.68
N ASP C 258 5.05 -6.21 -36.66
CA ASP C 258 5.94 -7.29 -36.29
C ASP C 258 6.45 -7.20 -34.85
N ALA C 259 6.26 -6.05 -34.20
CA ALA C 259 6.78 -5.82 -32.86
C ALA C 259 6.03 -4.63 -32.29
N LEU C 260 6.12 -4.47 -30.97
CA LEU C 260 5.58 -3.28 -30.33
C LEU C 260 6.58 -2.76 -29.31
N THR C 261 6.61 -1.45 -29.16
CA THR C 261 7.21 -0.80 -28.00
C THR C 261 6.11 -0.09 -27.24
N MET C 262 6.17 -0.17 -25.92
CA MET C 262 5.06 0.29 -25.11
C MET C 262 5.59 1.02 -23.90
N SER C 263 5.10 2.24 -23.68
CA SER C 263 5.12 2.82 -22.35
C SER C 263 3.89 2.31 -21.61
N ALA C 264 4.10 1.42 -20.64
CA ALA C 264 3.00 1.00 -19.80
C ALA C 264 2.56 2.10 -18.84
N LYS C 265 3.22 3.25 -18.84
CA LYS C 265 2.80 4.37 -18.01
C LYS C 265 1.56 5.07 -18.55
N LYS C 266 1.01 4.60 -19.67
CA LYS C 266 -0.18 5.21 -20.24
CA LYS C 266 -0.18 5.21 -20.24
C LYS C 266 -1.38 4.28 -20.07
N ASP C 267 -1.83 3.67 -21.16
CA ASP C 267 -3.06 2.88 -21.09
C ASP C 267 -3.03 1.70 -20.11
N PRO C 268 -1.91 1.03 -19.83
CA PRO C 268 -1.91 0.01 -18.76
C PRO C 268 -2.02 0.58 -17.35
N LEU C 269 -2.21 1.88 -17.22
CA LEU C 269 -2.61 2.49 -15.93
C LEU C 269 -1.56 2.26 -14.85
N LEU C 270 -0.29 2.48 -15.20
CA LEU C 270 0.82 2.33 -14.26
C LEU C 270 1.42 3.68 -13.90
N ASN C 271 2.25 3.66 -12.84
CA ASN C 271 3.15 4.77 -12.55
C ASN C 271 4.57 4.58 -13.10
N ILE C 272 4.93 3.39 -13.54
CA ILE C 272 6.25 3.13 -14.14
C ILE C 272 6.10 1.84 -14.93
N GLY C 273 6.97 1.64 -15.91
CA GLY C 273 6.90 0.40 -16.67
C GLY C 273 6.86 0.55 -18.18
N GLY C 274 7.53 -0.38 -18.87
CA GLY C 274 7.58 -0.38 -20.32
C GLY C 274 7.69 -1.82 -20.80
N LEU C 275 7.52 -2.01 -22.11
CA LEU C 275 7.45 -3.34 -22.68
C LEU C 275 7.90 -3.32 -24.13
N VAL C 276 8.75 -4.29 -24.49
CA VAL C 276 8.97 -4.68 -25.88
C VAL C 276 8.32 -6.03 -26.05
N ALA C 277 7.59 -6.20 -27.15
CA ALA C 277 7.07 -7.51 -27.52
C ALA C 277 7.32 -7.75 -29.00
N ILE C 278 7.73 -8.96 -29.35
CA ILE C 278 8.06 -9.31 -30.73
C ILE C 278 7.14 -10.44 -31.17
N ARG C 279 6.57 -10.29 -32.37
CA ARG C 279 5.57 -11.25 -32.86
C ARG C 279 6.15 -12.66 -32.98
N ASP C 280 7.18 -12.84 -33.82
CA ASP C 280 7.77 -14.16 -33.94
C ASP C 280 9.23 -14.18 -34.41
N ASN C 281 9.86 -13.05 -34.65
CA ASN C 281 11.23 -13.06 -35.17
C ASN C 281 12.20 -13.32 -34.02
N GLU C 282 12.65 -14.56 -33.90
CA GLU C 282 13.47 -14.91 -32.75
C GLU C 282 14.84 -14.23 -32.78
N GLU C 283 15.37 -13.97 -33.98
CA GLU C 283 16.70 -13.35 -34.07
C GLU C 283 16.67 -11.91 -33.57
N ILE C 284 15.64 -11.15 -33.95
CA ILE C 284 15.47 -9.79 -33.41
CA ILE C 284 15.52 -9.80 -33.41
C ILE C 284 15.30 -9.84 -31.91
N PHE C 285 14.52 -10.82 -31.43
CA PHE C 285 14.34 -11.02 -29.99
C PHE C 285 15.66 -11.28 -29.29
N THR C 286 16.49 -12.15 -29.87
CA THR C 286 17.77 -12.48 -29.24
C THR C 286 18.68 -11.26 -29.20
N LEU C 287 18.74 -10.49 -30.30
CA LEU C 287 19.58 -9.29 -30.30
C LEU C 287 19.05 -8.23 -29.35
N ALA C 288 17.73 -8.11 -29.24
CA ALA C 288 17.14 -7.15 -28.30
C ALA C 288 17.47 -7.49 -26.86
N ARG C 289 17.42 -8.79 -26.51
CA ARG C 289 17.82 -9.20 -25.17
C ARG C 289 19.27 -8.86 -24.90
N GLN C 290 20.13 -9.03 -25.90
CA GLN C 290 21.55 -8.73 -25.69
C GLN C 290 21.78 -7.26 -25.37
N ARG C 291 20.92 -6.36 -25.85
CA ARG C 291 21.02 -4.95 -25.52
C ARG C 291 20.30 -4.58 -24.23
N CYS C 292 19.24 -5.33 -23.88
CA CYS C 292 18.55 -5.09 -22.62
C CYS C 292 19.50 -5.19 -21.43
N VAL C 293 20.38 -6.19 -21.45
CA VAL C 293 21.18 -6.49 -20.26
C VAL C 293 22.10 -5.34 -19.85
N PRO C 294 22.91 -4.74 -20.73
CA PRO C 294 23.73 -3.61 -20.28
C PRO C 294 22.93 -2.35 -19.99
N MET C 295 21.80 -2.14 -20.66
CA MET C 295 21.08 -0.88 -20.62
C MET C 295 19.97 -0.85 -19.57
N GLU C 296 19.20 -1.92 -19.45
CA GLU C 296 18.02 -1.90 -18.60
C GLU C 296 18.14 -2.81 -17.39
N GLY C 297 18.56 -4.05 -17.60
CA GLY C 297 18.62 -5.02 -16.53
C GLY C 297 18.54 -6.42 -17.11
N PHE C 298 18.50 -7.41 -16.21
CA PHE C 298 18.35 -8.77 -16.71
C PHE C 298 17.03 -8.91 -17.46
N VAL C 299 16.98 -9.89 -18.36
CA VAL C 299 15.94 -9.93 -19.37
C VAL C 299 14.58 -10.36 -18.83
N THR C 300 14.50 -10.81 -17.58
CA THR C 300 13.20 -11.12 -16.98
C THR C 300 12.69 -10.04 -16.03
N TYR C 301 13.39 -8.91 -15.88
CA TYR C 301 12.77 -7.77 -15.22
C TYR C 301 13.01 -6.44 -15.91
N GLY C 302 14.10 -6.28 -16.66
CA GLY C 302 14.27 -5.12 -17.52
C GLY C 302 14.24 -3.77 -16.83
N GLY C 303 14.77 -3.68 -15.62
CA GLY C 303 14.75 -2.43 -14.89
C GLY C 303 13.48 -2.12 -14.15
N LEU C 304 12.60 -3.11 -13.98
CA LEU C 304 11.40 -2.97 -13.17
C LEU C 304 11.51 -3.79 -11.89
N ALA C 305 10.90 -3.30 -10.82
CA ALA C 305 10.69 -4.17 -9.67
C ALA C 305 9.69 -5.26 -10.05
N GLY C 306 9.77 -6.40 -9.36
CA GLY C 306 8.77 -7.43 -9.58
C GLY C 306 7.36 -6.94 -9.34
N ARG C 307 7.17 -6.05 -8.36
CA ARG C 307 5.82 -5.55 -8.09
C ARG C 307 5.27 -4.77 -9.27
N ASP C 308 6.14 -4.05 -10.01
CA ASP C 308 5.65 -3.28 -11.14
C ASP C 308 5.31 -4.17 -12.32
N MET C 309 6.02 -5.27 -12.54
CA MET C 309 5.56 -6.20 -13.58
C MET C 309 4.22 -6.80 -13.19
N ALA C 310 4.01 -7.10 -11.91
CA ALA C 310 2.75 -7.66 -11.46
C ALA C 310 1.61 -6.68 -11.71
N ALA C 311 1.82 -5.41 -11.39
CA ALA C 311 0.84 -4.37 -11.66
C ALA C 311 0.56 -4.23 -13.15
N MET C 312 1.61 -4.35 -13.98
CA MET C 312 1.42 -4.26 -15.44
C MET C 312 0.48 -5.32 -15.96
N VAL C 313 0.63 -6.58 -15.52
CA VAL C 313 -0.24 -7.66 -15.98
C VAL C 313 -1.70 -7.34 -15.71
N GLN C 314 -2.00 -6.81 -14.51
CA GLN C 314 -3.36 -6.45 -14.17
C GLN C 314 -3.80 -5.18 -14.89
N GLY C 315 -2.89 -4.24 -15.10
CA GLY C 315 -3.24 -3.01 -15.78
C GLY C 315 -3.59 -3.24 -17.25
N LEU C 316 -2.87 -4.16 -17.90
CA LEU C 316 -3.16 -4.50 -19.29
C LEU C 316 -4.57 -5.05 -19.45
N GLU C 317 -5.09 -5.73 -18.44
CA GLU C 317 -6.49 -6.17 -18.48
C GLU C 317 -7.44 -4.99 -18.26
N GLU C 318 -7.19 -4.19 -17.22
CA GLU C 318 -8.13 -3.12 -16.87
C GLU C 318 -8.16 -2.01 -17.91
N GLY C 319 -7.03 -1.75 -18.58
CA GLY C 319 -7.00 -0.72 -19.60
C GLY C 319 -7.78 -1.06 -20.86
N THR C 320 -8.15 -2.33 -21.05
CA THR C 320 -8.99 -2.73 -22.16
C THR C 320 -10.49 -2.68 -21.86
N GLU C 321 -10.89 -2.43 -20.61
CA GLU C 321 -12.30 -2.51 -20.24
C GLU C 321 -13.08 -1.36 -20.87
N GLU C 322 -14.08 -1.71 -21.68
CA GLU C 322 -14.75 -0.71 -22.50
C GLU C 322 -15.50 0.32 -21.67
N GLU C 323 -16.13 -0.13 -20.57
CA GLU C 323 -16.81 0.81 -19.67
C GLU C 323 -15.85 1.87 -19.14
N TYR C 324 -14.63 1.45 -18.77
CA TYR C 324 -13.65 2.42 -18.32
C TYR C 324 -13.22 3.33 -19.46
N LEU C 325 -12.97 2.76 -20.65
CA LEU C 325 -12.50 3.56 -21.78
C LEU C 325 -13.54 4.58 -22.22
N HIS C 326 -14.80 4.16 -22.32
CA HIS C 326 -15.89 5.08 -22.62
C HIS C 326 -15.88 6.27 -21.67
N TYR C 327 -15.73 6.00 -20.37
CA TYR C 327 -15.67 7.07 -19.38
CA TYR C 327 -15.67 7.07 -19.38
C TYR C 327 -14.41 7.91 -19.57
N ARG C 328 -13.26 7.26 -19.75
CA ARG C 328 -12.00 8.01 -19.86
C ARG C 328 -12.03 8.94 -21.06
N ILE C 329 -12.41 8.41 -22.22
CA ILE C 329 -12.39 9.23 -23.42
C ILE C 329 -13.56 10.21 -23.42
N GLY C 330 -14.65 9.87 -22.74
CA GLY C 330 -15.74 10.82 -22.53
C GLY C 330 -15.37 12.00 -21.64
N GLN C 331 -14.51 11.77 -20.63
CA GLN C 331 -14.11 12.90 -19.77
C GLN C 331 -13.25 13.90 -20.53
N VAL C 332 -12.29 13.42 -21.32
CA VAL C 332 -11.51 14.32 -22.17
C VAL C 332 -12.43 15.06 -23.13
N LYS C 333 -13.40 14.36 -23.71
CA LYS C 333 -14.35 14.99 -24.61
C LYS C 333 -15.20 16.03 -23.90
N TYR C 334 -15.51 15.80 -22.61
CA TYR C 334 -16.31 16.77 -21.86
C TYR C 334 -15.55 18.08 -21.68
N LEU C 335 -14.27 17.99 -21.32
CA LEU C 335 -13.43 19.18 -21.27
C LEU C 335 -13.38 19.86 -22.64
N GLY C 336 -13.14 19.09 -23.69
CA GLY C 336 -13.10 19.66 -25.04
C GLY C 336 -14.39 20.38 -25.40
N ASP C 337 -15.53 19.79 -25.06
CA ASP C 337 -16.81 20.40 -25.42
C ASP C 337 -17.07 21.66 -24.59
N ARG C 338 -16.75 21.66 -23.30
CA ARG C 338 -16.87 22.89 -22.53
C ARG C 338 -16.11 24.02 -23.22
N LEU C 339 -14.87 23.76 -23.62
CA LEU C 339 -14.04 24.77 -24.28
C LEU C 339 -14.58 25.13 -25.66
N ARG C 340 -14.92 24.12 -26.46
CA ARG C 340 -15.39 24.36 -27.82
C ARG C 340 -16.72 25.10 -27.83
N GLU C 341 -17.59 24.83 -26.86
CA GLU C 341 -18.87 25.53 -26.77
C GLU C 341 -18.71 26.98 -26.37
N ALA C 342 -17.57 27.36 -25.78
CA ALA C 342 -17.33 28.72 -25.30
C ALA C 342 -16.39 29.52 -26.20
N GLY C 343 -16.13 29.06 -27.43
CA GLY C 343 -15.32 29.81 -28.36
C GLY C 343 -13.82 29.61 -28.24
N ILE C 344 -13.36 28.49 -27.68
CA ILE C 344 -11.94 28.19 -27.56
C ILE C 344 -11.56 27.20 -28.65
N PRO C 345 -10.60 27.53 -29.51
CA PRO C 345 -10.22 26.59 -30.58
C PRO C 345 -9.52 25.38 -30.00
N ILE C 346 -9.95 24.19 -30.43
CA ILE C 346 -9.30 22.94 -30.06
C ILE C 346 -9.19 22.05 -31.28
N GLN C 347 -8.21 21.15 -31.24
CA GLN C 347 -8.20 20.02 -32.16
C GLN C 347 -9.50 19.24 -31.99
N TYR C 348 -10.29 19.15 -33.06
CA TYR C 348 -11.60 18.53 -33.03
C TYR C 348 -11.67 17.39 -34.05
N PRO C 349 -12.11 16.18 -33.65
CA PRO C 349 -12.57 15.77 -32.31
C PRO C 349 -11.44 15.64 -31.30
N THR C 350 -11.74 15.58 -30.01
CA THR C 350 -10.70 15.37 -29.02
C THR C 350 -10.15 13.95 -29.14
N GLY C 351 -8.89 13.81 -28.78
CA GLY C 351 -8.24 12.51 -28.79
C GLY C 351 -8.53 11.73 -27.52
N GLY C 352 -7.71 10.71 -27.28
CA GLY C 352 -8.01 9.80 -26.20
C GLY C 352 -7.56 10.26 -24.84
N HIS C 353 -6.57 11.15 -24.77
N HIS C 353 -6.52 11.08 -24.77
CA HIS C 353 -5.89 11.43 -23.51
CA HIS C 353 -5.85 11.34 -23.50
C HIS C 353 -5.66 12.91 -23.22
C HIS C 353 -5.78 12.80 -23.11
N ALA C 354 -6.02 13.82 -24.12
N ALA C 354 -6.10 13.72 -24.01
CA ALA C 354 -5.69 15.23 -23.93
CA ALA C 354 -5.86 15.14 -23.75
C ALA C 354 -6.60 16.09 -24.78
C ALA C 354 -6.66 15.99 -24.72
N VAL C 355 -6.62 17.38 -24.47
N VAL C 355 -7.10 17.14 -24.22
CA VAL C 355 -7.27 18.40 -25.27
CA VAL C 355 -7.66 18.17 -25.10
C VAL C 355 -6.21 19.42 -25.67
C VAL C 355 -6.49 18.98 -25.66
N PHE C 356 -6.13 19.71 -26.97
N PHE C 356 -6.42 19.06 -26.98
CA PHE C 356 -5.12 20.61 -27.52
CA PHE C 356 -5.34 19.77 -27.66
C PHE C 356 -5.78 21.95 -27.85
C PHE C 356 -5.88 21.12 -28.15
N VAL C 357 -5.34 23.01 -27.19
N VAL C 357 -5.41 22.19 -27.54
CA VAL C 357 -5.90 24.35 -27.37
CA VAL C 357 -5.90 23.54 -27.83
C VAL C 357 -4.94 25.18 -28.21
C VAL C 357 -5.01 24.17 -28.90
N ASP C 358 -5.45 25.73 -29.31
N ASP C 358 -5.63 24.65 -29.97
CA ASP C 358 -4.66 26.57 -30.21
CA ASP C 358 -4.93 25.26 -31.10
C ASP C 358 -4.57 27.98 -29.62
C ASP C 358 -4.54 26.69 -30.71
N CYS C 359 -3.37 28.36 -29.17
N CYS C 359 -3.29 26.87 -30.31
CA CYS C 359 -3.19 29.66 -28.53
CA CYS C 359 -2.83 28.19 -29.89
C CYS C 359 -2.80 30.76 -29.52
C CYS C 359 -2.49 29.10 -31.07
N LYS C 360 -2.34 30.40 -30.72
N LYS C 360 -2.13 28.52 -32.22
CA LYS C 360 -2.00 31.41 -31.72
CA LYS C 360 -1.89 29.35 -33.40
C LYS C 360 -3.20 32.29 -32.05
C LYS C 360 -3.12 30.17 -33.75
N LYS C 361 -4.41 31.78 -31.86
N LYS C 361 -4.31 29.60 -33.54
CA LYS C 361 -5.63 32.54 -32.10
CA LYS C 361 -5.54 30.37 -33.70
C LYS C 361 -6.20 33.17 -30.84
C LYS C 361 -5.75 31.33 -32.53
N LEU C 362 -5.67 32.83 -29.66
N LEU C 362 -5.22 31.00 -31.36
CA LEU C 362 -6.13 33.41 -28.42
CA LEU C 362 -5.39 31.86 -30.18
C LEU C 362 -5.37 34.67 -28.04
C LEU C 362 -4.40 33.01 -30.16
N VAL C 363 -4.11 34.78 -28.44
N VAL C 363 -3.14 32.76 -30.54
CA VAL C 363 -3.29 35.95 -28.13
CA VAL C 363 -2.13 33.81 -30.54
C VAL C 363 -2.74 36.55 -29.41
C VAL C 363 -1.45 33.86 -31.91
N PRO C 364 -3.60 37.17 -30.24
N PRO C 364 -2.17 34.23 -32.97
CA PRO C 364 -3.11 37.70 -31.53
CA PRO C 364 -1.54 34.26 -34.30
C PRO C 364 -2.27 38.96 -31.38
C PRO C 364 -0.49 35.35 -34.43
N GLN C 365 -1.56 39.09 -30.26
N GLN C 365 -0.52 36.37 -33.59
CA GLN C 365 -0.60 40.15 -30.05
CA GLN C 365 0.54 37.36 -33.58
C GLN C 365 0.83 39.63 -29.91
C GLN C 365 1.89 36.76 -33.22
N ILE C 366 1.00 38.33 -29.76
N ILE C 366 1.88 35.62 -32.53
CA ILE C 366 2.29 37.69 -29.51
CA ILE C 366 3.11 34.91 -32.19
C ILE C 366 2.68 36.91 -30.75
C ILE C 366 3.37 33.88 -33.29
N PRO C 367 3.77 37.27 -31.44
N PRO C 367 4.45 34.01 -34.06
CA PRO C 367 4.15 36.52 -32.65
CA PRO C 367 4.73 33.02 -35.11
C PRO C 367 4.73 35.15 -32.33
C PRO C 367 5.11 31.68 -34.53
N GLY C 368 5.05 34.38 -33.38
N GLY C 368 4.99 30.64 -35.39
CA GLY C 368 5.60 33.05 -33.16
CA GLY C 368 5.28 29.29 -34.95
C GLY C 368 6.94 33.05 -32.48
C GLY C 368 6.67 29.11 -34.39
N ASP C 369 7.77 34.06 -32.73
N ASP C 369 7.64 29.85 -34.93
CA ASP C 369 9.09 34.20 -32.11
CA ASP C 369 9.01 29.86 -34.42
C ASP C 369 8.96 34.86 -30.74
C ASP C 369 9.18 30.80 -33.22
N GLN C 370 8.16 34.22 -29.88
N GLN C 370 8.12 31.01 -32.44
CA GLN C 370 7.80 34.81 -28.59
CA GLN C 370 8.17 31.84 -31.25
C GLN C 370 7.05 33.81 -27.72
C GLN C 370 7.46 31.20 -30.06
N PHE C 371 6.70 32.64 -28.29
N PHE C 371 7.15 29.91 -30.14
CA PHE C 371 6.08 31.53 -27.59
CA PHE C 371 6.52 29.12 -29.09
C PHE C 371 4.71 31.88 -27.03
C PHE C 371 5.16 29.70 -28.71
N PRO C 372 3.69 31.99 -27.88
N PRO C 372 4.19 29.74 -29.63
CA PRO C 372 2.38 32.43 -27.37
CA PRO C 372 2.89 30.34 -29.29
C PRO C 372 1.72 31.40 -26.46
C PRO C 372 2.20 29.64 -28.14
N ALA C 373 1.86 30.11 -26.76
N ALA C 373 2.17 28.30 -28.15
CA ALA C 373 1.21 29.10 -25.94
CA ALA C 373 1.42 27.58 -27.14
C ALA C 373 1.80 29.05 -24.54
C ALA C 373 2.06 27.66 -25.77
N GLN C 374 3.09 29.36 -24.40
N GLN C 374 3.38 27.83 -25.70
CA GLN C 374 3.70 29.37 -23.08
CA GLN C 374 4.02 27.94 -24.39
C GLN C 374 3.19 30.54 -22.23
C GLN C 374 3.63 29.24 -23.70
N ALA C 375 2.90 31.67 -22.87
N ALA C 375 3.34 30.29 -24.47
CA ALA C 375 2.29 32.78 -22.15
CA ALA C 375 2.92 31.56 -23.89
C ALA C 375 0.88 32.43 -21.68
C ALA C 375 1.56 31.41 -23.21
N VAL C 376 0.15 31.66 -22.50
N VAL C 376 0.63 30.69 -23.85
CA VAL C 376 -1.18 31.20 -22.09
CA VAL C 376 -0.68 30.49 -23.25
C VAL C 376 -1.07 30.21 -20.94
C VAL C 376 -0.56 29.60 -22.01
N ILE C 377 -0.13 29.27 -21.04
N ILE C 377 0.28 28.56 -22.07
CA ILE C 377 0.12 28.31 -19.96
CA ILE C 377 0.45 27.66 -20.94
C ILE C 377 0.46 29.04 -18.67
C ILE C 377 0.92 28.43 -19.71
N ASN C 378 1.41 29.97 -18.75
N ASN C 378 1.91 29.31 -19.89
CA ASN C 378 1.74 30.76 -17.57
CA ASN C 378 2.41 30.11 -18.78
C ASN C 378 0.54 31.53 -17.05
C ASN C 378 1.31 31.00 -18.20
N ALA C 379 -0.22 32.16 -17.95
N ALA C 379 0.58 31.69 -19.08
CA ALA C 379 -1.44 32.85 -17.53
CA ALA C 379 -0.50 32.56 -18.62
C ALA C 379 -2.44 31.90 -16.91
C ALA C 379 -1.58 31.78 -17.87
N LEU C 380 -2.56 30.68 -17.46
N LEU C 380 -1.94 30.61 -18.39
CA LEU C 380 -3.48 29.70 -16.89
CA LEU C 380 -2.94 29.78 -17.70
C LEU C 380 -2.99 29.23 -15.51
C LEU C 380 -2.44 29.34 -16.33
N TYR C 381 -1.68 29.07 -15.36
N TYR C 381 -1.15 29.07 -16.21
CA TYR C 381 -1.16 28.63 -14.07
CA TYR C 381 -0.62 28.67 -14.90
C TYR C 381 -1.30 29.72 -13.01
C TYR C 381 -0.61 29.85 -13.93
N LEU C 382 -1.15 30.99 -13.39
N LEU C 382 -0.40 31.07 -14.43
CA LEU C 382 -1.22 32.07 -12.41
CA LEU C 382 -0.49 32.24 -13.57
C LEU C 382 -2.64 32.31 -11.91
C LEU C 382 -1.93 32.50 -13.13
N GLU C 383 -3.67 31.89 -12.64
N GLU C 383 -2.86 32.45 -14.09
CA GLU C 383 -5.06 32.09 -12.23
CA GLU C 383 -4.27 32.72 -13.78
C GLU C 383 -5.78 30.85 -11.75
C GLU C 383 -4.84 31.71 -12.82
N SER C 384 -5.20 29.65 -11.91
N SER C 384 -4.34 30.48 -12.85
CA SER C 384 -5.88 28.43 -11.52
CA SER C 384 -4.81 29.45 -11.92
C SER C 384 -4.97 27.48 -10.76
C SER C 384 -3.62 28.75 -11.27
N GLY C 385 -3.71 27.43 -11.18
CA GLY C 385 -2.70 26.59 -10.55
C GLY C 385 -2.52 25.35 -11.39
N VAL C 386 -3.17 25.37 -12.54
CA VAL C 386 -3.19 24.28 -13.51
C VAL C 386 -1.91 24.35 -14.33
N ARG C 387 -1.16 23.26 -14.34
N ARG C 387 -1.17 23.24 -14.38
CA ARG C 387 0.10 23.18 -15.07
CA ARG C 387 0.05 23.16 -15.19
C ARG C 387 -0.14 22.36 -16.35
C ARG C 387 -0.23 22.35 -16.45
N ALA C 388 -0.20 23.05 -17.48
N ALA C 388 0.13 22.90 -17.60
CA ALA C 388 -0.26 22.43 -18.78
CA ALA C 388 -0.06 22.26 -18.90
C ALA C 388 1.10 22.51 -19.46
C ALA C 388 1.28 22.11 -19.62
N VAL C 389 1.23 21.80 -20.58
N VAL C 389 1.24 21.49 -20.80
CA VAL C 389 2.49 21.71 -21.31
CA VAL C 389 2.44 21.20 -21.57
C VAL C 389 2.29 22.35 -22.68
C VAL C 389 2.20 21.54 -23.04
N GLU C 390 3.40 22.82 -23.26
N GLU C 390 3.30 21.68 -23.78
CA GLU C 390 3.37 23.50 -24.54
CA GLU C 390 3.28 22.07 -25.18
C GLU C 390 3.80 22.58 -25.66
C GLU C 390 3.78 20.92 -26.06
N ILE C 391 3.06 22.60 -26.77
N ILE C 391 3.15 20.77 -27.23
CA ILE C 391 3.41 21.86 -27.97
CA ILE C 391 3.60 19.75 -28.19
C ILE C 391 3.37 22.83 -29.15
C ILE C 391 3.77 20.38 -29.56
N GLY C 392 4.44 23.60 -29.32
N GLY C 392 3.91 21.70 -29.61
CA GLY C 392 4.50 24.59 -30.38
CA GLY C 392 4.06 22.40 -30.87
C GLY C 392 5.92 25.01 -30.69
C GLY C 392 5.45 22.31 -31.47
N SER C 393 6.18 26.32 -30.68
N SER C 393 6.03 23.46 -31.81
CA SER C 393 7.51 26.83 -30.98
CA SER C 393 7.38 23.48 -32.39
C SER C 393 8.53 26.48 -29.90
C SER C 393 8.46 23.46 -31.32
N PHE C 394 8.09 26.06 -28.72
N PHE C 394 8.10 23.78 -30.06
CA PHE C 394 9.02 25.67 -27.68
CA PHE C 394 9.04 23.61 -28.96
C PHE C 394 9.48 24.23 -27.82
C PHE C 394 9.37 22.14 -28.75
N LEU C 395 8.65 23.35 -28.38
N LEU C 395 8.34 21.29 -28.68
CA LEU C 395 9.08 21.99 -28.67
CA LEU C 395 8.53 19.85 -28.55
C LEU C 395 10.11 22.01 -29.79
C LEU C 395 9.29 19.29 -29.75
N LEU C 396 11.32 22.47 -29.46
N LEU C 396 8.93 19.73 -30.97
CA LEU C 396 12.37 22.68 -30.46
CA LEU C 396 9.65 19.29 -32.15
C LEU C 396 13.04 21.36 -30.75
C LEU C 396 11.06 19.89 -32.20
N GLY C 397 12.72 20.78 -31.90
N GLY C 397 11.17 21.20 -32.02
CA GLY C 397 13.29 19.51 -32.32
CA GLY C 397 12.46 21.88 -32.03
C GLY C 397 13.46 19.44 -33.83
C GLY C 397 12.47 23.17 -31.23
N GLN C 405 14.31 29.37 -35.02
N GLN C 405 15.73 27.33 -36.86
CA GLN C 405 13.15 28.49 -34.84
CA GLN C 405 14.70 28.27 -36.44
C GLN C 405 12.90 27.70 -36.11
C GLN C 405 13.52 27.56 -35.78
N LYS C 406 12.43 26.46 -35.95
N LYS C 406 13.28 26.31 -36.19
CA LYS C 406 12.26 25.56 -37.09
CA LYS C 406 12.26 25.35 -35.72
C LYS C 406 11.07 25.96 -37.96
C LYS C 406 11.62 24.64 -36.91
N HIS C 407 9.85 25.72 -37.49
N HIS C 407 10.57 23.88 -36.67
CA HIS C 407 8.67 26.04 -38.29
CA HIS C 407 9.83 23.17 -37.72
C HIS C 407 7.42 26.24 -37.45
C HIS C 407 8.55 23.95 -38.02
N ALA C 408 6.85 25.13 -36.95
N ALA C 408 7.38 23.32 -38.10
CA ALA C 408 5.64 25.08 -36.12
CA ALA C 408 6.14 24.03 -38.40
C ALA C 408 4.36 25.28 -36.94
C ALA C 408 4.91 23.21 -38.02
N ASP C 409 3.82 26.51 -36.91
N ASP C 409 3.90 23.21 -38.88
CA ASP C 409 2.47 26.84 -37.39
CA ASP C 409 2.69 22.42 -38.74
C ASP C 409 1.40 26.31 -36.43
C ASP C 409 1.82 22.86 -37.58
N MET C 410 1.76 25.31 -35.62
N MET C 410 1.66 22.00 -36.58
CA MET C 410 0.88 24.78 -34.59
CA MET C 410 0.72 22.22 -35.49
C MET C 410 1.38 25.30 -33.24
C MET C 410 1.38 22.89 -34.29
N GLU C 411 0.57 26.12 -32.58
N GLU C 411 0.60 23.67 -33.55
CA GLU C 411 0.89 26.65 -31.25
CA GLU C 411 1.05 24.39 -32.36
C GLU C 411 -0.17 26.14 -30.28
C GLU C 411 0.01 24.19 -31.24
N PHE C 412 0.02 24.92 -29.80
N PHE C 412 -0.02 22.99 -30.68
CA PHE C 412 -0.98 24.22 -29.01
CA PHE C 412 -1.04 22.63 -29.70
C PHE C 412 -0.54 24.09 -27.56
C PHE C 412 -0.58 22.89 -28.28
N MET C 413 -1.45 24.41 -26.64
N MET C 413 -1.54 23.28 -27.45
CA MET C 413 -1.32 24.02 -25.25
CA MET C 413 -1.38 23.24 -25.99
C MET C 413 -2.06 22.71 -25.04
C MET C 413 -2.12 22.01 -25.48
N ARG C 414 -1.38 21.73 -24.44
N ARG C 414 -1.40 21.14 -24.77
CA ARG C 414 -1.95 20.41 -24.22
CA ARG C 414 -1.91 19.84 -24.39
C ARG C 414 -2.49 20.33 -22.80
C ARG C 414 -2.39 19.87 -22.95
N LEU C 415 -3.73 19.85 -22.68
N LEU C 415 -3.70 19.78 -22.76
CA LEU C 415 -4.36 19.58 -21.39
CA LEU C 415 -4.30 19.58 -21.44
C LEU C 415 -4.41 18.06 -21.24
C LEU C 415 -4.41 18.07 -21.22
N THR C 416 -3.31 17.48 -20.75
CA THR C 416 -3.21 16.02 -20.64
C THR C 416 -3.88 15.53 -19.37
N ILE C 417 -4.70 14.50 -19.49
CA ILE C 417 -5.54 14.01 -18.40
C ILE C 417 -5.07 12.62 -17.97
N ALA C 418 -4.59 12.53 -16.74
CA ALA C 418 -4.22 11.24 -16.15
C ALA C 418 -5.47 10.39 -15.98
N ARG C 419 -5.28 9.07 -15.99
CA ARG C 419 -6.41 8.15 -15.94
C ARG C 419 -6.91 7.95 -14.51
N ARG C 420 -8.23 8.15 -14.34
CA ARG C 420 -8.95 7.85 -13.10
C ARG C 420 -8.47 8.68 -11.92
N VAL C 421 -7.96 9.89 -12.20
CA VAL C 421 -7.38 10.75 -11.18
C VAL C 421 -8.28 11.95 -10.87
N TYR C 422 -8.83 12.59 -11.90
CA TYR C 422 -9.56 13.85 -11.72
C TYR C 422 -11.03 13.66 -12.06
N THR C 423 -11.90 14.39 -11.35
CA THR C 423 -13.32 14.29 -11.61
C THR C 423 -13.75 15.28 -12.71
N ASN C 424 -14.98 15.14 -13.17
CA ASN C 424 -15.52 16.14 -14.08
C ASN C 424 -15.67 17.50 -13.40
N ASP C 425 -15.76 17.53 -12.07
CA ASP C 425 -15.69 18.79 -11.37
C ASP C 425 -14.31 19.44 -11.54
N HIS C 426 -13.24 18.64 -11.54
CA HIS C 426 -11.92 19.20 -11.85
C HIS C 426 -11.85 19.68 -13.29
N MET C 427 -12.47 18.94 -14.22
CA MET C 427 -12.54 19.39 -15.61
C MET C 427 -13.21 20.75 -15.70
N ASP C 428 -14.30 20.96 -14.96
CA ASP C 428 -14.96 22.27 -14.97
C ASP C 428 -14.06 23.36 -14.41
N TYR C 429 -13.29 23.04 -13.38
CA TYR C 429 -12.34 24.04 -12.89
C TYR C 429 -11.36 24.43 -13.97
N ILE C 430 -10.85 23.45 -14.72
CA ILE C 430 -9.90 23.72 -15.79
C ILE C 430 -10.53 24.56 -16.89
N ALA C 431 -11.71 24.13 -17.37
CA ALA C 431 -12.37 24.85 -18.45
C ALA C 431 -12.68 26.28 -18.06
N ASP C 432 -13.21 26.49 -16.85
CA ASP C 432 -13.58 27.83 -16.44
C ASP C 432 -12.35 28.72 -16.23
N ALA C 433 -11.20 28.12 -15.95
CA ALA C 433 -9.97 28.90 -15.87
C ALA C 433 -9.55 29.39 -17.25
N LEU C 434 -9.54 28.49 -18.23
CA LEU C 434 -9.11 28.85 -19.57
C LEU C 434 -10.12 29.76 -20.27
N ILE C 435 -11.41 29.64 -19.92
N ILE C 435 -11.41 29.66 -19.93
CA ILE C 435 -12.42 30.54 -20.47
CA ILE C 435 -12.43 30.49 -20.57
C ILE C 435 -12.43 31.86 -19.70
C ILE C 435 -12.20 31.96 -20.22
N GLY C 436 -12.17 31.83 -18.40
N GLY C 436 -11.83 32.26 -18.98
CA GLY C 436 -12.04 33.04 -17.61
CA GLY C 436 -11.58 33.63 -18.56
C GLY C 436 -10.83 33.89 -17.93
C GLY C 436 -10.42 34.30 -19.26
N LEU C 437 -9.97 33.44 -18.85
N LEU C 437 -9.62 33.56 -20.04
CA LEU C 437 -8.81 34.22 -19.29
CA LEU C 437 -8.51 34.12 -20.79
C LEU C 437 -9.14 35.15 -20.46
C LEU C 437 -8.82 34.23 -22.29
N LYS C 438 -10.42 35.31 -20.81
N LYS C 438 -10.10 34.28 -22.66
CA LYS C 438 -10.77 36.20 -21.90
CA LYS C 438 -10.47 34.40 -24.07
C LYS C 438 -10.42 37.65 -21.58
C LYS C 438 -10.02 35.73 -24.68
N GLU C 439 -10.69 38.09 -20.34
N GLU C 439 -9.68 36.72 -23.86
CA GLU C 439 -10.43 39.47 -19.98
CA GLU C 439 -9.35 38.05 -24.34
C GLU C 439 -8.95 39.80 -19.97
C GLU C 439 -7.94 38.51 -23.98
N LYS C 440 -8.09 38.82 -19.79
N LYS C 440 -7.21 37.75 -23.17
CA LYS C 440 -6.65 39.04 -19.75
CA LYS C 440 -5.84 38.09 -22.81
C LYS C 440 -5.91 38.47 -20.95
C LYS C 440 -4.83 37.45 -23.75
N PHE C 441 -6.64 37.99 -21.96
N PHE C 441 -5.27 36.61 -24.69
CA PHE C 441 -5.98 37.48 -23.16
CA PHE C 441 -4.36 35.97 -25.61
C PHE C 441 -5.28 38.60 -23.91
C PHE C 441 -3.89 36.91 -26.71
N ALA C 442 -5.97 39.73 -24.12
N ALA C 442 -4.72 37.90 -27.07
CA ALA C 442 -5.41 40.83 -24.90
CA ALA C 442 -4.38 38.79 -28.17
C ALA C 442 -4.21 41.46 -24.20
C ALA C 442 -3.08 39.54 -27.92
N THR C 443 -4.25 41.55 -22.87
N THR C 443 -2.72 39.74 -26.65
CA THR C 443 -3.19 42.20 -22.11
CA THR C 443 -1.52 40.47 -26.27
C THR C 443 -2.00 41.28 -21.83
C THR C 443 -0.55 39.61 -25.49
N LEU C 444 -1.97 40.09 -22.40
N LEU C 444 -0.43 38.33 -25.87
CA LEU C 444 -0.85 39.17 -22.17
CA LEU C 444 0.58 37.46 -25.29
C LEU C 444 0.34 39.54 -23.04
C LEU C 444 1.85 37.49 -26.12
N LYS C 445 1.51 39.62 -22.42
N LYS C 445 2.99 37.30 -25.47
CA LYS C 445 2.75 39.94 -23.11
CA LYS C 445 4.29 37.38 -26.11
C LYS C 445 3.51 38.68 -23.47
C LYS C 445 5.01 36.05 -25.96
N GLY C 446 4.56 38.85 -24.28
N GLY C 446 5.70 35.64 -27.02
CA GLY C 446 5.38 37.74 -24.70
CA GLY C 446 6.39 34.38 -27.04
C GLY C 446 6.43 37.39 -23.67
C GLY C 446 7.61 34.35 -26.12
N LEU C 447 7.27 36.41 -24.03
N LEU C 447 8.31 33.22 -26.19
CA LEU C 447 8.31 35.90 -23.15
CA LEU C 447 9.47 32.95 -25.36
C LEU C 447 9.63 35.82 -23.91
C LEU C 447 10.71 32.78 -26.22
N GLU C 448 10.71 36.22 -23.24
N GLU C 448 11.87 32.96 -25.60
CA GLU C 448 12.06 36.19 -23.80
CA GLU C 448 13.16 32.95 -26.25
C GLU C 448 12.95 35.31 -22.95
C GLU C 448 13.91 31.67 -25.89
N PHE C 449 14.03 34.80 -23.57
N PHE C 449 15.23 31.76 -25.79
CA PHE C 449 14.98 33.94 -22.87
CA PHE C 449 16.06 30.58 -25.57
C PHE C 449 15.81 34.77 -21.89
C PHE C 449 17.36 31.04 -24.93
N GLU C 450 15.54 34.59 -20.60
N GLU C 450 17.55 30.71 -23.65
CA GLU C 450 16.45 35.08 -19.58
CA GLU C 450 18.81 31.01 -22.96
C GLU C 450 17.67 34.18 -19.42
C GLU C 450 19.66 29.78 -22.73
N TYR C 451 17.53 32.91 -19.81
N TYR C 451 19.05 28.64 -22.43
CA TYR C 451 18.62 31.94 -19.83
CA TYR C 451 19.75 27.37 -22.30
C TYR C 451 18.22 30.74 -20.68
C TYR C 451 19.00 26.32 -23.10
N GLU C 452 19.00 30.42 -21.71
N GLU C 452 19.70 25.67 -24.03
CA GLU C 452 18.61 29.35 -22.63
CA GLU C 452 19.06 24.68 -24.89
C GLU C 452 19.68 28.28 -22.69
C GLU C 452 19.92 23.43 -25.05
N PRO C 453 19.32 27.01 -22.55
N PRO C 453 19.43 22.27 -24.64
CA PRO C 453 20.27 25.92 -22.75
CA PRO C 453 20.11 21.02 -24.96
C PRO C 453 20.42 25.60 -24.22
C PRO C 453 19.95 20.69 -26.44
N PRO C 454 21.53 24.97 -24.62
N PRO C 454 20.83 19.86 -27.01
CA PRO C 454 21.73 24.73 -26.06
CA PRO C 454 20.72 19.51 -28.43
C PRO C 454 20.83 23.64 -26.63
C PRO C 454 19.78 18.36 -28.75
N VAL C 455 20.39 22.69 -25.81
N VAL C 455 19.28 17.64 -27.76
CA VAL C 455 19.53 21.60 -26.27
CA VAL C 455 18.53 16.40 -27.97
C VAL C 455 18.45 21.33 -25.23
C VAL C 455 17.04 16.58 -27.68
N LEU C 456 17.32 20.78 -25.71
N LEU C 456 16.69 16.91 -26.43
CA LEU C 456 16.19 20.41 -24.85
CA LEU C 456 15.28 16.98 -26.00
C LEU C 456 15.78 21.58 -23.97
C LEU C 456 15.11 18.25 -25.15
N ARG C 457 15.56 22.74 -24.61
N ARG C 457 15.05 19.39 -25.84
CA ARG C 457 15.39 23.98 -23.85
CA ARG C 457 15.19 20.69 -25.18
C ARG C 457 14.12 23.96 -23.02
C ARG C 457 14.04 20.97 -24.23
N HIS C 458 13.02 23.44 -23.56
N HIS C 458 12.81 20.73 -24.67
CA HIS C 458 11.74 23.51 -22.86
CA HIS C 458 11.63 21.23 -23.95
C HIS C 458 11.77 22.77 -21.53
C HIS C 458 11.57 20.78 -22.49
N PHE C 459 12.76 21.91 -21.31
N PHE C 459 12.31 19.74 -22.11
CA PHE C 459 12.87 21.21 -20.04
CA PHE C 459 12.23 19.24 -20.75
C PHE C 459 13.56 22.03 -18.95
C PHE C 459 12.93 20.17 -19.77
N THR C 460 14.50 22.90 -19.32
N THR C 460 14.19 20.51 -20.05
CA THR C 460 15.30 23.61 -18.32
CA THR C 460 15.01 21.28 -19.12
C THR C 460 15.52 25.09 -18.62
C THR C 460 15.42 22.64 -19.67
N ALA C 461 14.90 25.65 -19.65
N ALA C 461 14.88 23.06 -20.80
CA ALA C 461 15.15 27.04 -19.99
CA ALA C 461 15.26 24.35 -21.38
C ALA C 461 14.53 27.98 -18.96
C ALA C 461 14.81 25.49 -20.48
N ARG C 462 15.11 29.18 -18.85
N ARG C 462 15.58 26.59 -20.52
CA ARG C 462 14.59 30.24 -18.01
CA ARG C 462 15.25 27.80 -19.80
C ARG C 462 14.17 31.40 -18.90
C ARG C 462 14.97 28.91 -20.82
N LEU C 463 12.99 31.96 -18.63
N LEU C 463 13.77 29.48 -20.75
CA LEU C 463 12.40 33.01 -19.43
CA LEU C 463 13.30 30.44 -21.73
C LEU C 463 12.09 34.21 -18.56
C LEU C 463 13.30 31.85 -21.15
N LYS C 464 11.58 35.27 -19.20
N LYS C 464 13.11 32.83 -22.04
CA LYS C 464 11.13 36.47 -18.51
CA LYS C 464 12.99 34.23 -21.68
C LYS C 464 10.14 37.18 -19.41
C LYS C 464 11.87 34.84 -22.53
N PRO C 465 9.09 37.78 -18.87
N PRO C 465 11.04 35.69 -21.94
CA PRO C 465 8.12 38.49 -19.72
CA PRO C 465 10.03 36.39 -22.75
C PRO C 465 8.78 39.61 -20.51
C PRO C 465 10.70 37.26 -23.80
N ILE C 466 8.23 39.87 -21.69
N ILE C 466 10.31 37.05 -25.06
CA ILE C 466 8.74 40.93 -22.57
CA ILE C 466 10.95 37.76 -26.16
C ILE C 466 7.94 42.19 -22.31
C ILE C 466 10.60 39.24 -26.09
N GLU C 467 8.64 43.31 -22.14
N GLU C 467 11.63 40.08 -26.00
CA GLU C 467 7.99 44.59 -21.88
CA GLU C 467 11.44 41.52 -25.99
C GLU C 467 8.01 45.48 -23.12
C GLU C 467 11.46 42.06 -27.42
N ALA D 2 31.47 -20.64 14.97
CA ALA D 2 30.71 -19.57 14.32
C ALA D 2 29.71 -18.96 15.30
N LYS D 3 29.45 -17.66 15.15
CA LYS D 3 28.64 -16.91 16.08
C LYS D 3 27.38 -16.38 15.38
N ARG D 4 26.22 -16.70 15.94
CA ARG D 4 24.95 -16.21 15.44
CA ARG D 4 24.95 -16.21 15.44
C ARG D 4 24.61 -14.88 16.09
N ILE D 5 24.30 -13.87 15.28
CA ILE D 5 23.94 -12.54 15.76
C ILE D 5 22.44 -12.35 15.54
N VAL D 6 21.73 -11.88 16.58
CA VAL D 6 20.28 -11.77 16.54
C VAL D 6 19.87 -10.60 15.65
N GLU D 7 18.79 -10.80 14.89
CA GLU D 7 18.15 -9.75 14.11
C GLU D 7 17.80 -8.54 14.98
N PRO D 8 18.18 -7.31 14.57
CA PRO D 8 17.73 -6.10 15.29
C PRO D 8 16.37 -5.62 14.82
N PHE D 9 15.54 -6.57 14.40
CA PHE D 9 14.18 -6.33 13.97
C PHE D 9 13.38 -7.57 14.30
N ARG D 10 12.08 -7.47 14.15
CA ARG D 10 11.22 -8.64 14.08
C ARG D 10 10.50 -8.65 12.73
N ILE D 11 9.90 -9.78 12.43
CA ILE D 11 9.24 -9.99 11.16
C ILE D 11 7.84 -9.37 11.17
N LYS D 12 7.53 -8.59 10.14
CA LYS D 12 6.20 -8.05 9.95
C LYS D 12 5.43 -8.68 8.79
N MET D 13 6.11 -9.21 7.77
CA MET D 13 5.43 -9.84 6.65
CA MET D 13 5.42 -9.86 6.68
C MET D 13 6.29 -10.97 6.11
N VAL D 14 5.66 -12.08 5.71
CA VAL D 14 6.38 -13.24 5.22
C VAL D 14 5.94 -13.58 3.80
N GLU D 15 6.78 -14.35 3.12
CA GLU D 15 6.53 -14.82 1.77
C GLU D 15 6.93 -16.28 1.72
N LYS D 16 6.04 -17.14 1.23
CA LYS D 16 6.30 -18.57 1.25
C LYS D 16 7.49 -18.92 0.37
N ILE D 17 8.23 -19.96 0.77
CA ILE D 17 9.22 -20.59 -0.09
C ILE D 17 9.01 -22.10 0.00
N ARG D 18 9.50 -22.83 -1.01
CA ARG D 18 9.35 -24.27 -1.03
C ARG D 18 10.59 -24.91 -1.64
N VAL D 19 10.89 -26.13 -1.22
CA VAL D 19 11.99 -26.90 -1.77
C VAL D 19 11.45 -27.68 -2.96
N PRO D 20 11.93 -27.43 -4.18
CA PRO D 20 11.55 -28.29 -5.30
C PRO D 20 12.24 -29.63 -5.19
N SER D 21 11.54 -30.67 -5.65
CA SER D 21 12.08 -32.02 -5.59
C SER D 21 13.25 -32.16 -6.54
N ARG D 22 14.11 -33.14 -6.25
CA ARG D 22 15.30 -33.37 -7.06
C ARG D 22 14.92 -33.62 -8.52
N GLU D 23 13.77 -34.24 -8.76
CA GLU D 23 13.32 -34.49 -10.12
C GLU D 23 13.05 -33.18 -10.85
N GLU D 24 12.35 -32.24 -10.21
CA GLU D 24 12.10 -30.95 -10.84
C GLU D 24 13.40 -30.18 -11.07
N ARG D 25 14.33 -30.28 -10.12
CA ARG D 25 15.59 -29.55 -10.24
C ARG D 25 16.36 -29.99 -11.48
N GLU D 26 16.46 -31.31 -11.70
CA GLU D 26 17.23 -31.79 -12.83
C GLU D 26 16.58 -31.41 -14.16
N ALA D 27 15.24 -31.45 -14.21
CA ALA D 27 14.53 -31.02 -15.42
C ALA D 27 14.72 -29.54 -15.68
N ALA D 28 14.64 -28.72 -14.63
CA ALA D 28 14.75 -27.28 -14.81
C ALA D 28 16.18 -26.87 -15.19
N LEU D 29 17.18 -27.56 -14.64
CA LEU D 29 18.57 -27.19 -14.95
C LEU D 29 18.87 -27.42 -16.43
N LYS D 30 18.41 -28.55 -16.99
CA LYS D 30 18.62 -28.80 -18.41
C LYS D 30 17.85 -27.80 -19.27
N GLU D 31 16.59 -27.52 -18.91
CA GLU D 31 15.81 -26.57 -19.68
C GLU D 31 16.45 -25.19 -19.66
N ALA D 32 17.13 -24.85 -18.57
CA ALA D 32 17.84 -23.58 -18.46
C ALA D 32 19.20 -23.59 -19.15
N GLY D 33 19.48 -24.61 -19.97
CA GLY D 33 20.77 -24.71 -20.61
C GLY D 33 21.92 -24.84 -19.64
N TYR D 34 21.69 -25.49 -18.49
CA TYR D 34 22.65 -25.63 -17.40
C TYR D 34 23.22 -24.29 -16.95
N ASN D 35 22.50 -23.20 -17.22
CA ASN D 35 22.79 -21.89 -16.67
C ASN D 35 21.69 -21.54 -15.68
N PRO D 36 21.96 -21.53 -14.37
CA PRO D 36 20.90 -21.20 -13.40
C PRO D 36 20.30 -19.82 -13.55
N PHE D 37 20.93 -18.92 -14.32
CA PHE D 37 20.30 -17.63 -14.62
C PHE D 37 19.01 -17.80 -15.42
N LEU D 38 18.85 -18.92 -16.11
CA LEU D 38 17.69 -19.18 -16.95
C LEU D 38 16.66 -20.09 -16.26
N LEU D 39 16.84 -20.39 -14.95
CA LEU D 39 15.85 -21.07 -14.15
C LEU D 39 14.73 -20.10 -13.78
N PRO D 40 13.47 -20.55 -13.84
CA PRO D 40 12.40 -19.76 -13.22
C PRO D 40 12.53 -19.82 -11.70
N SER D 41 12.09 -18.75 -11.04
CA SER D 41 12.23 -18.70 -9.59
C SER D 41 11.45 -19.81 -8.89
N SER D 42 10.36 -20.28 -9.50
CA SER D 42 9.61 -21.38 -8.92
C SER D 42 10.44 -22.65 -8.75
N ALA D 43 11.52 -22.81 -9.52
CA ALA D 43 12.38 -23.98 -9.38
C ALA D 43 13.46 -23.78 -8.34
N VAL D 44 13.39 -22.72 -7.53
CA VAL D 44 14.47 -22.33 -6.63
C VAL D 44 13.94 -22.27 -5.20
N TYR D 45 14.66 -22.90 -4.27
CA TYR D 45 14.30 -22.84 -2.86
C TYR D 45 14.81 -21.54 -2.24
N ILE D 46 16.07 -21.50 -1.84
CA ILE D 46 16.73 -20.30 -1.34
C ILE D 46 17.55 -19.69 -2.48
N ASP D 47 17.30 -18.42 -2.81
CA ASP D 47 17.95 -17.76 -3.94
C ASP D 47 19.13 -16.93 -3.45
N LEU D 48 20.35 -17.37 -3.81
CA LEU D 48 21.58 -16.67 -3.53
C LEU D 48 22.24 -16.14 -4.80
N LEU D 49 21.43 -15.92 -5.85
CA LEU D 49 21.97 -15.43 -7.12
C LEU D 49 22.52 -14.02 -6.96
N THR D 50 21.88 -13.20 -6.14
CA THR D 50 22.27 -11.81 -6.03
C THR D 50 21.78 -11.28 -4.68
N ASP D 51 22.39 -10.18 -4.24
CA ASP D 51 21.81 -9.36 -3.20
C ASP D 51 21.19 -8.09 -3.75
N SER D 52 20.90 -8.08 -5.05
CA SER D 52 20.40 -6.90 -5.76
C SER D 52 18.89 -6.99 -5.97
N GLY D 53 18.15 -6.07 -5.38
CA GLY D 53 16.72 -5.95 -5.60
C GLY D 53 15.88 -6.98 -4.91
N THR D 54 16.48 -7.82 -4.07
CA THR D 54 15.78 -8.90 -3.40
C THR D 54 15.61 -8.63 -1.90
N ASN D 55 15.98 -7.43 -1.45
CA ASN D 55 15.93 -7.11 -0.04
C ASN D 55 14.50 -6.98 0.48
N ALA D 56 14.35 -7.22 1.78
CA ALA D 56 13.12 -6.96 2.50
C ALA D 56 13.14 -5.52 3.03
N MET D 57 12.10 -4.76 2.72
CA MET D 57 11.97 -3.38 3.19
C MET D 57 11.32 -3.34 4.57
N SER D 58 11.47 -2.19 5.25
CA SER D 58 10.83 -1.98 6.53
C SER D 58 9.40 -1.48 6.35
N ASP D 59 8.61 -1.54 7.44
CA ASP D 59 7.28 -0.94 7.40
C ASP D 59 7.37 0.53 7.02
N HIS D 60 8.41 1.23 7.49
CA HIS D 60 8.52 2.65 7.17
C HIS D 60 8.81 2.88 5.70
N GLN D 61 9.55 1.97 5.08
CA GLN D 61 9.79 2.08 3.65
C GLN D 61 8.49 1.90 2.87
N TRP D 62 7.67 0.92 3.26
CA TRP D 62 6.39 0.75 2.60
C TRP D 62 5.44 1.91 2.89
N ALA D 63 5.51 2.50 4.09
CA ALA D 63 4.66 3.64 4.37
C ALA D 63 5.08 4.85 3.54
N ALA D 64 6.38 4.97 3.24
CA ALA D 64 6.85 6.04 2.36
C ALA D 64 6.39 5.81 0.93
N MET D 65 6.33 4.54 0.48
CA MET D 65 5.84 4.26 -0.86
CA MET D 65 5.84 4.26 -0.86
C MET D 65 4.38 4.68 -1.03
N ILE D 66 3.53 4.38 -0.03
CA ILE D 66 2.11 4.70 -0.13
C ILE D 66 1.89 6.19 -0.31
N THR D 67 2.71 7.03 0.34
CA THR D 67 2.52 8.47 0.21
C THR D 67 3.43 9.09 -0.84
N GLY D 68 4.08 8.28 -1.66
CA GLY D 68 4.98 8.81 -2.67
C GLY D 68 4.27 9.70 -3.68
N ASP D 69 5.03 10.63 -4.26
CA ASP D 69 4.50 11.62 -5.18
C ASP D 69 4.85 11.18 -6.59
N GLU D 70 3.83 10.83 -7.37
CA GLU D 70 4.07 10.30 -8.70
C GLU D 70 4.16 11.37 -9.77
N ALA D 71 4.30 12.64 -9.38
CA ALA D 71 4.28 13.72 -10.36
C ALA D 71 5.43 13.56 -11.34
N TYR D 72 5.14 13.88 -12.60
CA TYR D 72 6.13 13.77 -13.66
C TYR D 72 7.31 14.70 -13.43
N ALA D 73 7.05 15.93 -13.01
CA ALA D 73 8.10 16.90 -12.78
C ALA D 73 7.98 17.47 -11.38
N GLY D 74 9.08 17.46 -10.64
CA GLY D 74 9.12 18.13 -9.36
C GLY D 74 8.52 17.37 -8.21
N SER D 75 8.57 16.03 -8.24
CA SER D 75 8.06 15.21 -7.15
CA SER D 75 8.03 15.24 -7.15
C SER D 75 8.63 15.68 -5.81
N ARG D 76 7.78 15.69 -4.79
CA ARG D 76 8.26 15.97 -3.44
C ARG D 76 9.40 15.05 -3.06
N ASN D 77 9.36 13.79 -3.51
CA ASN D 77 10.38 12.82 -3.11
C ASN D 77 11.71 13.08 -3.82
N TYR D 78 11.68 13.66 -5.02
CA TYR D 78 12.94 14.03 -5.66
C TYR D 78 13.69 15.01 -4.80
N TYR D 79 13.00 16.01 -4.25
CA TYR D 79 13.70 16.99 -3.42
C TYR D 79 14.17 16.39 -2.11
N ASP D 80 13.38 15.49 -1.51
CA ASP D 80 13.84 14.83 -0.29
C ASP D 80 15.10 14.01 -0.55
N LEU D 81 15.16 13.36 -1.72
CA LEU D 81 16.35 12.59 -2.08
C LEU D 81 17.54 13.50 -2.30
N LYS D 82 17.31 14.66 -2.91
CA LYS D 82 18.35 15.67 -3.05
C LYS D 82 18.91 16.08 -1.68
N ASP D 83 18.02 16.34 -0.72
CA ASP D 83 18.46 16.71 0.64
C ASP D 83 19.20 15.56 1.30
N LYS D 84 18.77 14.31 1.04
CA LYS D 84 19.42 13.17 1.66
C LYS D 84 20.85 13.01 1.16
N ALA D 85 21.09 13.28 -0.12
CA ALA D 85 22.43 13.14 -0.67
C ALA D 85 23.35 14.22 -0.14
N LYS D 86 22.82 15.42 0.07
CA LYS D 86 23.60 16.47 0.70
C LYS D 86 23.98 16.07 2.13
N GLU D 87 23.03 15.52 2.88
CA GLU D 87 23.31 15.14 4.26
C GLU D 87 24.35 14.03 4.34
N LEU D 88 24.17 12.98 3.55
CA LEU D 88 25.05 11.81 3.63
C LEU D 88 26.40 12.07 2.98
N PHE D 89 26.41 12.56 1.75
CA PHE D 89 27.62 12.60 0.95
C PHE D 89 28.22 13.99 0.82
N ASN D 90 27.48 15.03 1.20
CA ASN D 90 27.85 16.42 0.99
C ASN D 90 27.92 16.77 -0.51
N TYR D 91 27.21 16.03 -1.34
CA TYR D 91 27.17 16.29 -2.77
C TYR D 91 25.98 17.17 -3.08
N ASP D 92 26.14 18.04 -4.09
CA ASP D 92 25.17 19.10 -4.34
C ASP D 92 24.15 18.77 -5.43
N TYR D 93 24.43 17.80 -6.29
CA TYR D 93 23.57 17.46 -7.41
C TYR D 93 23.19 16.00 -7.39
N ILE D 94 21.95 15.70 -7.76
CA ILE D 94 21.51 14.31 -7.91
C ILE D 94 20.75 14.18 -9.22
N ILE D 95 20.85 12.98 -9.81
CA ILE D 95 19.99 12.54 -10.89
C ILE D 95 19.55 11.14 -10.49
N PRO D 96 18.27 10.89 -10.24
CA PRO D 96 17.83 9.52 -10.01
C PRO D 96 17.97 8.73 -11.30
N ALA D 97 18.18 7.43 -11.13
CA ALA D 97 18.29 6.47 -12.23
C ALA D 97 17.47 5.26 -11.84
N HIS D 98 17.11 4.43 -12.83
CA HIS D 98 16.25 3.30 -12.50
C HIS D 98 17.01 2.17 -11.82
N GLN D 99 18.33 2.07 -12.01
CA GLN D 99 19.20 1.25 -11.19
C GLN D 99 20.65 1.56 -11.54
N GLY D 100 21.57 0.71 -11.09
CA GLY D 100 22.99 1.04 -11.13
C GLY D 100 23.53 1.23 -12.54
N ARG D 101 23.23 0.30 -13.44
CA ARG D 101 23.74 0.42 -14.80
C ARG D 101 23.07 1.55 -15.56
N GLY D 102 21.87 1.96 -15.13
CA GLY D 102 21.28 3.18 -15.65
C GLY D 102 22.06 4.41 -15.22
N ALA D 103 22.50 4.45 -13.96
CA ALA D 103 23.39 5.53 -13.53
C ALA D 103 24.67 5.55 -14.35
N GLU D 104 25.25 4.38 -14.61
CA GLU D 104 26.50 4.32 -15.37
C GLU D 104 26.29 4.76 -16.82
N ASN D 105 25.12 4.47 -17.37
CA ASN D 105 24.81 4.89 -18.74
C ASN D 105 24.61 6.39 -18.83
N ILE D 106 24.12 7.01 -17.76
CA ILE D 106 23.96 8.46 -17.75
C ILE D 106 25.31 9.15 -17.69
N LEU D 107 26.21 8.62 -16.87
CA LEU D 107 27.41 9.35 -16.46
C LEU D 107 28.65 9.00 -17.27
N PHE D 108 28.88 7.73 -17.61
CA PHE D 108 30.16 7.37 -18.22
C PHE D 108 30.32 7.99 -19.60
N PRO D 109 29.34 7.94 -20.50
CA PRO D 109 29.50 8.67 -21.77
C PRO D 109 29.75 10.16 -21.57
N VAL D 110 29.22 10.75 -20.49
CA VAL D 110 29.40 12.18 -20.27
C VAL D 110 30.84 12.49 -19.85
N LEU D 111 31.42 11.64 -19.00
CA LEU D 111 32.81 11.82 -18.59
C LEU D 111 33.77 11.66 -19.76
N LEU D 112 33.47 10.77 -20.70
CA LEU D 112 34.34 10.60 -21.86
C LEU D 112 34.28 11.81 -22.78
N LYS D 113 33.08 12.24 -23.16
CA LYS D 113 32.96 13.40 -24.03
C LYS D 113 33.56 14.64 -23.36
N TYR D 114 33.42 14.75 -22.04
CA TYR D 114 34.00 15.87 -21.30
C TYR D 114 35.52 15.83 -21.35
N LYS D 115 36.10 14.63 -21.30
CA LYS D 115 37.55 14.52 -21.39
C LYS D 115 38.02 14.79 -22.82
N GLN D 116 37.19 14.46 -23.82
CA GLN D 116 37.53 14.68 -25.22
C GLN D 116 37.42 16.14 -25.62
N LYS D 117 36.38 16.83 -25.13
CA LYS D 117 36.16 18.24 -25.48
C LYS D 117 37.38 19.09 -25.17
N GLU D 118 38.15 18.71 -24.14
CA GLU D 118 39.41 19.37 -23.85
C GLU D 118 40.51 19.00 -24.84
N GLY D 119 40.26 18.06 -25.75
CA GLY D 119 41.26 17.59 -26.69
C GLY D 119 41.92 16.28 -26.33
N LYS D 120 41.64 15.73 -25.15
CA LYS D 120 42.37 14.58 -24.64
C LYS D 120 41.65 13.29 -25.04
N ALA D 121 41.92 12.20 -24.29
CA ALA D 121 41.18 10.95 -24.40
C ALA D 121 41.31 10.31 -25.77
N LYS D 122 42.44 10.56 -26.45
CA LYS D 122 42.66 9.95 -27.76
C LYS D 122 42.66 8.43 -27.70
N ASN D 123 43.15 7.87 -26.60
CA ASN D 123 43.13 6.42 -26.36
C ASN D 123 42.62 6.24 -24.95
N PRO D 124 41.31 6.31 -24.76
CA PRO D 124 40.74 6.50 -23.42
C PRO D 124 40.69 5.22 -22.61
N VAL D 125 40.96 5.34 -21.31
CA VAL D 125 40.88 4.23 -20.38
C VAL D 125 40.17 4.69 -19.12
N PHE D 126 39.63 3.72 -18.39
CA PHE D 126 39.11 3.86 -17.03
C PHE D 126 39.94 2.97 -16.11
N ILE D 127 40.12 3.39 -14.87
CA ILE D 127 40.93 2.62 -13.92
C ILE D 127 40.14 2.44 -12.64
N SER D 128 40.12 1.22 -12.11
CA SER D 128 39.36 0.93 -10.90
C SER D 128 40.13 -0.12 -10.10
N ASN D 129 39.86 -0.15 -8.80
CA ASN D 129 40.30 -1.32 -8.05
C ASN D 129 39.73 -2.59 -8.68
N PHE D 130 38.44 -2.58 -9.02
CA PHE D 130 37.87 -3.60 -9.91
C PHE D 130 36.54 -3.12 -10.46
N HIS D 131 36.45 -3.02 -11.80
CA HIS D 131 35.18 -2.75 -12.45
C HIS D 131 34.27 -3.98 -12.35
N PHE D 132 33.06 -3.80 -11.84
CA PHE D 132 32.11 -4.89 -11.94
C PHE D 132 31.57 -4.97 -13.38
N ASP D 133 30.80 -6.02 -13.66
CA ASP D 133 30.56 -6.42 -15.05
C ASP D 133 29.84 -5.32 -15.84
N THR D 134 28.73 -4.79 -15.32
CA THR D 134 28.01 -3.76 -16.08
C THR D 134 28.83 -2.49 -16.19
N THR D 135 29.65 -2.19 -15.18
CA THR D 135 30.54 -1.04 -15.23
C THR D 135 31.54 -1.17 -16.38
N ALA D 136 32.20 -2.33 -16.48
CA ALA D 136 33.17 -2.54 -17.55
C ALA D 136 32.52 -2.61 -18.91
N ALA D 137 31.29 -3.14 -18.98
CA ALA D 137 30.57 -3.17 -20.25
C ALA D 137 30.30 -1.77 -20.76
N HIS D 138 29.92 -0.85 -19.87
CA HIS D 138 29.68 0.54 -20.30
C HIS D 138 30.97 1.26 -20.62
N VAL D 139 32.07 0.96 -19.91
CA VAL D 139 33.37 1.50 -20.31
C VAL D 139 33.69 1.07 -21.73
N GLU D 140 33.55 -0.23 -22.02
CA GLU D 140 33.96 -0.74 -23.32
C GLU D 140 32.99 -0.34 -24.43
N LEU D 141 31.69 -0.30 -24.14
CA LEU D 141 30.72 0.14 -25.15
C LEU D 141 30.99 1.57 -25.59
N ASN D 142 31.65 2.37 -24.76
CA ASN D 142 32.00 3.75 -25.09
C ASN D 142 33.42 3.88 -25.62
N GLY D 143 34.04 2.78 -26.04
CA GLY D 143 35.33 2.84 -26.71
C GLY D 143 36.54 2.92 -25.80
N CYS D 144 36.39 2.63 -24.52
CA CYS D 144 37.48 2.74 -23.57
C CYS D 144 37.86 1.36 -23.05
N LYS D 145 39.09 1.25 -22.55
CA LYS D 145 39.54 0.04 -21.86
C LYS D 145 39.27 0.16 -20.37
N ALA D 146 38.83 -0.95 -19.77
CA ALA D 146 38.55 -1.01 -18.34
C ALA D 146 39.71 -1.73 -17.65
N ILE D 147 40.54 -0.98 -16.93
CA ILE D 147 41.74 -1.52 -16.29
C ILE D 147 41.46 -1.73 -14.81
N ASN D 148 41.80 -2.92 -14.31
CA ASN D 148 41.57 -3.33 -12.93
C ASN D 148 42.90 -3.51 -12.21
N ILE D 149 43.05 -2.88 -11.05
CA ILE D 149 44.33 -2.95 -10.35
C ILE D 149 44.14 -3.20 -8.85
N VAL D 150 43.31 -4.19 -8.51
CA VAL D 150 43.07 -4.53 -7.12
C VAL D 150 44.36 -5.01 -6.45
N THR D 151 44.44 -4.82 -5.13
CA THR D 151 45.58 -5.28 -4.36
C THR D 151 45.82 -6.77 -4.56
N GLU D 152 47.10 -7.15 -4.53
CA GLU D 152 47.47 -8.56 -4.70
C GLU D 152 46.99 -9.41 -3.52
N LYS D 153 46.72 -8.81 -2.37
CA LYS D 153 46.16 -9.55 -1.24
C LYS D 153 44.84 -10.24 -1.59
N ALA D 154 44.10 -9.70 -2.56
CA ALA D 154 42.80 -10.28 -2.91
C ALA D 154 42.94 -11.63 -3.59
N PHE D 155 44.11 -11.94 -4.15
CA PHE D 155 44.37 -13.21 -4.81
C PHE D 155 44.83 -14.29 -3.85
N ASP D 156 44.98 -13.96 -2.56
CA ASP D 156 45.49 -14.86 -1.53
C ASP D 156 44.30 -15.18 -0.63
N SER D 157 43.44 -16.08 -1.10
CA SER D 157 42.07 -16.13 -0.59
C SER D 157 42.01 -16.56 0.88
N GLU D 158 42.85 -17.51 1.28
CA GLU D 158 42.72 -18.04 2.65
C GLU D 158 43.42 -17.19 3.69
N THR D 159 44.30 -16.28 3.28
CA THR D 159 45.10 -15.49 4.20
C THR D 159 44.34 -14.23 4.60
N TYR D 160 44.13 -14.03 5.90
CA TYR D 160 43.42 -12.85 6.37
C TYR D 160 44.15 -11.57 5.96
N ASP D 161 43.37 -10.56 5.56
CA ASP D 161 43.86 -9.19 5.40
C ASP D 161 42.69 -8.23 5.61
N ASP D 162 43.00 -7.05 6.18
CA ASP D 162 41.95 -6.10 6.56
C ASP D 162 41.28 -5.44 5.36
N TRP D 163 42.01 -5.24 4.25
CA TRP D 163 41.56 -4.36 3.16
C TRP D 163 41.80 -5.02 1.81
N LYS D 164 41.11 -6.12 1.54
CA LYS D 164 41.31 -6.82 0.27
C LYS D 164 40.62 -6.16 -0.91
N GLY D 165 39.90 -5.06 -0.71
CA GLY D 165 39.40 -4.32 -1.86
C GLY D 165 40.28 -3.17 -2.31
N ASP D 166 41.43 -2.97 -1.66
CA ASP D 166 42.27 -1.79 -1.88
C ASP D 166 42.74 -1.68 -3.33
N PHE D 167 42.85 -0.43 -3.81
CA PHE D 167 43.71 -0.15 -4.96
C PHE D 167 45.15 -0.54 -4.66
N ASP D 168 45.83 -1.07 -5.67
CA ASP D 168 47.28 -1.17 -5.69
C ASP D 168 47.84 0.20 -6.08
N ILE D 169 48.45 0.91 -5.13
CA ILE D 169 48.91 2.27 -5.36
C ILE D 169 50.05 2.29 -6.39
N LYS D 170 50.97 1.34 -6.31
CA LYS D 170 52.04 1.27 -7.29
C LYS D 170 51.51 1.06 -8.70
N LYS D 171 50.50 0.19 -8.86
CA LYS D 171 49.93 -0.03 -10.19
C LYS D 171 49.13 1.17 -10.70
N LEU D 172 48.47 1.91 -9.80
CA LEU D 172 47.79 3.14 -10.19
C LEU D 172 48.78 4.12 -10.83
N LYS D 173 49.93 4.31 -10.19
CA LYS D 173 50.92 5.24 -10.74
C LYS D 173 51.50 4.71 -12.05
N GLU D 174 51.74 3.39 -12.12
CA GLU D 174 52.26 2.80 -13.34
C GLU D 174 51.32 3.06 -14.52
N ASN D 175 50.02 2.86 -14.31
CA ASN D 175 49.04 3.06 -15.38
C ASN D 175 48.91 4.54 -15.75
N ILE D 176 48.97 5.44 -14.75
CA ILE D 176 48.95 6.86 -15.04
C ILE D 176 50.17 7.27 -15.87
N ALA D 177 51.34 6.72 -15.54
CA ALA D 177 52.52 7.01 -16.34
C ALA D 177 52.41 6.39 -17.72
N GLN D 178 51.85 5.18 -17.82
CA GLN D 178 51.86 4.47 -19.11
C GLN D 178 50.85 5.09 -20.08
N HIS D 179 49.59 5.22 -19.67
CA HIS D 179 48.57 5.76 -20.56
C HIS D 179 48.60 7.28 -20.62
N GLY D 180 49.12 7.95 -19.60
CA GLY D 180 49.06 9.39 -19.54
C GLY D 180 47.79 9.86 -18.88
N ALA D 181 47.88 10.92 -18.07
CA ALA D 181 46.70 11.38 -17.34
C ALA D 181 45.61 11.87 -18.28
N ASP D 182 46.00 12.35 -19.46
CA ASP D 182 45.04 12.83 -20.44
C ASP D 182 44.20 11.71 -21.06
N ASN D 183 44.64 10.45 -20.96
CA ASN D 183 43.86 9.33 -21.47
C ASN D 183 42.99 8.66 -20.41
N ILE D 184 43.19 8.97 -19.13
CA ILE D 184 42.38 8.36 -18.08
C ILE D 184 41.12 9.19 -17.90
N VAL D 185 40.01 8.69 -18.43
CA VAL D 185 38.73 9.39 -18.34
C VAL D 185 38.30 9.55 -16.89
N ALA D 186 38.46 8.50 -16.09
CA ALA D 186 37.98 8.51 -14.71
C ALA D 186 38.63 7.37 -13.95
N ILE D 187 38.78 7.56 -12.63
CA ILE D 187 39.08 6.48 -11.70
C ILE D 187 37.78 6.10 -10.99
N VAL D 188 37.47 4.80 -10.94
CA VAL D 188 36.25 4.30 -10.33
C VAL D 188 36.65 3.60 -9.03
N SER D 189 36.26 4.15 -7.89
CA SER D 189 36.52 3.50 -6.60
C SER D 189 35.29 2.67 -6.25
N THR D 190 35.40 1.35 -6.34
CA THR D 190 34.26 0.46 -6.10
C THR D 190 34.26 0.06 -4.62
N VAL D 191 33.23 0.47 -3.88
CA VAL D 191 33.13 0.21 -2.44
C VAL D 191 31.82 -0.51 -2.13
N THR D 192 31.89 -1.69 -1.50
CA THR D 192 33.02 -2.57 -1.32
C THR D 192 33.44 -3.04 -2.71
N CYS D 193 34.57 -3.74 -2.80
CA CYS D 193 35.01 -4.23 -4.11
C CYS D 193 34.29 -5.54 -4.37
N ASN D 194 33.22 -5.48 -5.18
CA ASN D 194 32.37 -6.65 -5.41
C ASN D 194 33.19 -7.81 -5.96
N SER D 195 33.98 -7.55 -7.00
CA SER D 195 34.66 -8.63 -7.72
C SER D 195 35.75 -9.29 -6.89
N ALA D 196 36.35 -8.57 -5.94
CA ALA D 196 37.34 -9.18 -5.05
C ALA D 196 36.72 -9.96 -3.91
N GLY D 197 35.39 -10.02 -3.83
CA GLY D 197 34.71 -10.76 -2.78
C GLY D 197 33.96 -9.90 -1.78
N GLY D 198 33.45 -8.75 -2.21
CA GLY D 198 32.80 -7.85 -1.27
C GLY D 198 33.74 -7.27 -0.24
N GLN D 199 34.99 -7.05 -0.60
CA GLN D 199 36.04 -6.72 0.36
C GLN D 199 36.22 -5.22 0.48
N PRO D 200 36.46 -4.70 1.68
CA PRO D 200 36.48 -3.25 1.88
C PRO D 200 37.73 -2.57 1.34
N VAL D 201 37.53 -1.31 0.97
CA VAL D 201 38.60 -0.36 0.67
C VAL D 201 38.81 0.51 1.89
N SER D 202 40.06 0.61 2.35
CA SER D 202 40.35 1.41 3.53
C SER D 202 40.16 2.89 3.22
N MET D 203 39.94 3.68 4.28
CA MET D 203 39.86 5.13 4.12
C MET D 203 41.18 5.70 3.63
N SER D 204 42.31 5.20 4.14
CA SER D 204 43.60 5.73 3.72
C SER D 204 43.88 5.42 2.26
N ASN D 205 43.41 4.27 1.77
CA ASN D 205 43.54 3.95 0.36
C ASN D 205 42.67 4.86 -0.50
N LEU D 206 41.40 5.05 -0.13
CA LEU D 206 40.54 5.99 -0.86
C LEU D 206 41.16 7.37 -0.89
N LYS D 207 41.70 7.82 0.24
CA LYS D 207 42.28 9.16 0.31
C LYS D 207 43.51 9.28 -0.59
N GLU D 208 44.36 8.26 -0.61
CA GLU D 208 45.57 8.33 -1.40
C GLU D 208 45.27 8.25 -2.90
N VAL D 209 44.26 7.45 -3.28
CA VAL D 209 43.83 7.41 -4.67
C VAL D 209 43.31 8.78 -5.10
N TYR D 210 42.41 9.36 -4.31
CA TYR D 210 41.82 10.65 -4.67
C TYR D 210 42.89 11.74 -4.79
N GLU D 211 43.86 11.74 -3.88
CA GLU D 211 44.89 12.77 -3.93
C GLU D 211 45.81 12.58 -5.14
N ILE D 212 46.15 11.33 -5.47
CA ILE D 212 46.87 11.07 -6.72
C ILE D 212 46.05 11.54 -7.91
N ALA D 213 44.74 11.29 -7.88
CA ALA D 213 43.91 11.67 -9.02
C ALA D 213 43.85 13.18 -9.21
N LYS D 214 43.73 13.93 -8.12
CA LYS D 214 43.67 15.39 -8.22
C LYS D 214 44.97 15.96 -8.73
N GLN D 215 46.10 15.46 -8.20
CA GLN D 215 47.43 15.77 -8.71
C GLN D 215 47.44 15.79 -10.23
N HIS D 216 46.76 14.83 -10.87
CA HIS D 216 46.81 14.69 -12.32
C HIS D 216 45.57 15.23 -13.03
N GLY D 217 44.61 15.80 -12.29
CA GLY D 217 43.39 16.30 -12.89
C GLY D 217 42.37 15.26 -13.30
N ILE D 218 42.39 14.08 -12.68
CA ILE D 218 41.56 12.95 -13.10
C ILE D 218 40.30 12.91 -12.23
N PHE D 219 39.14 12.77 -12.88
CA PHE D 219 37.86 12.67 -12.20
C PHE D 219 37.74 11.33 -11.47
N VAL D 220 37.18 11.35 -10.26
CA VAL D 220 37.01 10.15 -9.46
C VAL D 220 35.52 9.86 -9.27
N VAL D 221 35.11 8.64 -9.61
CA VAL D 221 33.74 8.19 -9.40
C VAL D 221 33.75 7.09 -8.35
N MET D 222 32.86 7.21 -7.38
CA MET D 222 32.65 6.17 -6.38
C MET D 222 31.50 5.27 -6.84
N ASP D 223 31.80 4.04 -7.20
CA ASP D 223 30.75 3.04 -7.37
C ASP D 223 30.27 2.64 -5.97
N SER D 224 29.06 3.07 -5.60
CA SER D 224 28.65 3.11 -4.21
C SER D 224 27.54 2.11 -3.87
N ALA D 225 27.42 1.02 -4.61
CA ALA D 225 26.31 0.10 -4.35
C ALA D 225 26.38 -0.46 -2.94
N ARG D 226 27.58 -0.63 -2.39
CA ARG D 226 27.72 -1.25 -1.08
C ARG D 226 28.55 -0.37 -0.16
N PHE D 227 28.27 0.94 -0.19
CA PHE D 227 29.07 1.90 0.54
C PHE D 227 28.88 1.79 2.05
N CYS D 228 27.68 1.38 2.50
CA CYS D 228 27.43 1.24 3.92
C CYS D 228 28.16 0.03 4.49
N GLU D 229 28.19 -1.07 3.75
CA GLU D 229 29.00 -2.20 4.18
C GLU D 229 30.48 -1.82 4.19
N ASN D 230 30.94 -1.09 3.18
CA ASN D 230 32.32 -0.61 3.23
C ASN D 230 32.57 0.26 4.45
N ALA D 231 31.58 1.08 4.83
CA ALA D 231 31.77 1.96 5.98
C ALA D 231 31.85 1.18 7.28
N TYR D 232 31.03 0.13 7.42
CA TYR D 232 31.10 -0.69 8.63
C TYR D 232 32.50 -1.30 8.79
N PHE D 233 33.10 -1.78 7.70
CA PHE D 233 34.45 -2.34 7.81
C PHE D 233 35.47 -1.28 8.23
N ILE D 234 35.30 -0.03 7.77
CA ILE D 234 36.27 1.00 8.15
C ILE D 234 36.20 1.29 9.65
N LYS D 235 34.99 1.47 10.19
CA LYS D 235 34.85 1.62 11.63
C LYS D 235 35.38 0.41 12.39
N ALA D 236 35.12 -0.79 11.88
CA ALA D 236 35.53 -1.99 12.61
C ALA D 236 37.04 -2.23 12.56
N ARG D 237 37.73 -1.88 11.47
CA ARG D 237 39.13 -2.25 11.31
C ARG D 237 40.11 -1.08 11.28
N ASP D 238 39.65 0.16 11.19
CA ASP D 238 40.55 1.31 11.19
C ASP D 238 40.49 1.98 12.54
N PRO D 239 41.61 2.06 13.27
CA PRO D 239 41.61 2.69 14.60
C PRO D 239 41.12 4.13 14.60
N LYS D 240 41.41 4.89 13.54
CA LYS D 240 40.99 6.29 13.48
C LYS D 240 39.50 6.45 13.66
N TYR D 241 38.71 5.48 13.21
CA TYR D 241 37.26 5.59 13.20
C TYR D 241 36.59 4.62 14.18
N LYS D 242 37.35 4.13 15.16
CA LYS D 242 36.80 3.20 16.15
C LYS D 242 35.55 3.77 16.82
N ASN D 243 35.51 5.08 17.03
CA ASN D 243 34.40 5.71 17.74
C ASN D 243 33.60 6.67 16.85
N ALA D 244 33.81 6.65 15.54
CA ALA D 244 32.98 7.44 14.65
C ALA D 244 31.65 6.74 14.40
N THR D 245 30.62 7.53 14.11
CA THR D 245 29.37 6.94 13.65
C THR D 245 29.53 6.46 12.20
N ILE D 246 28.68 5.52 11.82
CA ILE D 246 28.70 5.05 10.44
C ILE D 246 28.52 6.22 9.47
N LYS D 247 27.60 7.13 9.78
CA LYS D 247 27.39 8.29 8.90
C LYS D 247 28.64 9.17 8.82
N GLU D 248 29.39 9.30 9.92
CA GLU D 248 30.62 10.08 9.89
C GLU D 248 31.67 9.43 8.99
N VAL D 249 31.74 8.10 9.01
CA VAL D 249 32.64 7.39 8.11
C VAL D 249 32.27 7.67 6.67
N ILE D 250 30.98 7.51 6.35
CA ILE D 250 30.49 7.72 4.98
C ILE D 250 30.82 9.13 4.50
N PHE D 251 30.58 10.12 5.34
CA PHE D 251 30.88 11.50 4.97
C PHE D 251 32.35 11.68 4.63
N ASP D 252 33.24 10.98 5.36
CA ASP D 252 34.66 11.08 5.07
C ASP D 252 35.02 10.33 3.78
N MET D 253 34.43 9.15 3.58
CA MET D 253 34.64 8.40 2.34
C MET D 253 34.44 9.28 1.10
N TYR D 254 33.38 10.08 1.09
CA TYR D 254 32.99 10.82 -0.12
C TYR D 254 33.70 12.16 -0.24
N LYS D 255 34.56 12.50 0.71
CA LYS D 255 35.59 13.51 0.45
C LYS D 255 36.57 13.05 -0.61
N TYR D 256 36.59 11.76 -0.94
CA TYR D 256 37.61 11.19 -1.82
C TYR D 256 36.99 10.71 -3.13
N ALA D 257 36.02 11.48 -3.62
CA ALA D 257 35.46 11.28 -4.95
C ALA D 257 34.79 12.58 -5.36
N ASP D 258 34.54 12.70 -6.67
CA ASP D 258 33.86 13.87 -7.23
C ASP D 258 32.42 13.58 -7.64
N ALA D 259 32.06 12.30 -7.74
CA ALA D 259 30.73 11.88 -8.16
C ALA D 259 30.57 10.42 -7.74
N LEU D 260 29.33 9.96 -7.76
CA LEU D 260 29.04 8.59 -7.38
C LEU D 260 27.96 8.05 -8.31
N THR D 261 28.09 6.78 -8.63
CA THR D 261 27.01 6.01 -9.23
C THR D 261 26.65 4.93 -8.24
N MET D 262 25.35 4.71 -8.07
CA MET D 262 24.88 3.84 -7.00
C MET D 262 23.71 3.01 -7.51
N SER D 263 23.79 1.71 -7.32
CA SER D 263 22.61 0.87 -7.33
C SER D 263 22.00 0.91 -5.94
N ALA D 264 20.83 1.52 -5.83
CA ALA D 264 20.10 1.54 -4.57
C ALA D 264 19.43 0.22 -4.25
N LYS D 265 19.54 -0.76 -5.15
CA LYS D 265 19.03 -2.10 -4.90
C LYS D 265 19.94 -2.92 -3.98
N LYS D 266 21.06 -2.35 -3.54
CA LYS D 266 21.95 -3.00 -2.60
C LYS D 266 21.78 -2.38 -1.22
N ASP D 267 22.72 -1.57 -0.79
CA ASP D 267 22.73 -1.09 0.60
C ASP D 267 21.55 -0.17 1.01
N PRO D 268 20.91 0.60 0.09
CA PRO D 268 19.70 1.34 0.52
C PRO D 268 18.44 0.48 0.63
N LEU D 269 18.58 -0.85 0.50
CA LEU D 269 17.53 -1.80 0.89
C LEU D 269 16.29 -1.68 0.01
N LEU D 270 16.47 -1.56 -1.30
CA LEU D 270 15.36 -1.43 -2.22
C LEU D 270 15.25 -2.64 -3.14
N ASN D 271 14.12 -2.71 -3.83
CA ASN D 271 13.90 -3.67 -4.90
C ASN D 271 14.16 -3.09 -6.29
N ILE D 272 14.31 -1.76 -6.39
CA ILE D 272 14.61 -1.11 -7.66
C ILE D 272 15.15 0.27 -7.32
N GLY D 273 15.95 0.84 -8.22
CA GLY D 273 16.43 2.18 -8.00
C GLY D 273 17.93 2.38 -8.15
N GLY D 274 18.30 3.59 -8.55
CA GLY D 274 19.69 3.95 -8.74
C GLY D 274 19.82 5.45 -8.57
N LEU D 275 21.06 5.91 -8.60
CA LEU D 275 21.36 7.29 -8.26
C LEU D 275 22.68 7.72 -8.86
N VAL D 276 22.68 8.90 -9.48
CA VAL D 276 23.89 9.65 -9.76
C VAL D 276 23.91 10.82 -8.80
N ALA D 277 25.02 11.01 -8.10
CA ALA D 277 25.22 12.22 -7.32
C ALA D 277 26.57 12.81 -7.70
N ILE D 278 26.60 14.12 -7.84
CA ILE D 278 27.78 14.83 -8.28
C ILE D 278 28.10 15.89 -7.23
N ARG D 279 29.37 15.97 -6.86
CA ARG D 279 29.79 16.75 -5.70
C ARG D 279 29.55 18.24 -5.92
N ASP D 280 30.08 18.79 -7.03
CA ASP D 280 29.90 20.22 -7.28
C ASP D 280 30.14 20.63 -8.73
N ASN D 281 30.63 19.72 -9.57
CA ASN D 281 30.90 20.07 -10.97
C ASN D 281 29.57 20.27 -11.70
N GLU D 282 29.15 21.52 -11.86
CA GLU D 282 27.84 21.78 -12.45
C GLU D 282 27.80 21.45 -13.94
N GLU D 283 28.93 21.58 -14.64
CA GLU D 283 28.94 21.27 -16.08
C GLU D 283 28.64 19.80 -16.32
N ILE D 284 29.30 18.92 -15.56
CA ILE D 284 29.05 17.49 -15.68
C ILE D 284 27.59 17.17 -15.34
N PHE D 285 27.07 17.79 -14.27
CA PHE D 285 25.67 17.61 -13.90
C PHE D 285 24.75 17.95 -15.05
N THR D 286 24.98 19.11 -15.68
CA THR D 286 24.15 19.53 -16.81
C THR D 286 24.24 18.55 -17.98
N LEU D 287 25.45 18.14 -18.33
CA LEU D 287 25.63 17.17 -19.41
C LEU D 287 24.98 15.83 -19.08
N ALA D 288 25.07 15.40 -17.82
CA ALA D 288 24.45 14.15 -17.40
C ALA D 288 22.93 14.26 -17.41
N ARG D 289 22.38 15.43 -17.08
CA ARG D 289 20.94 15.62 -17.20
C ARG D 289 20.48 15.47 -18.63
N GLN D 290 21.25 16.03 -19.58
CA GLN D 290 20.87 15.96 -20.98
C GLN D 290 20.85 14.53 -21.50
N ARG D 291 21.67 13.66 -20.92
CA ARG D 291 21.64 12.26 -21.32
C ARG D 291 20.59 11.48 -20.53
N CYS D 292 20.25 11.93 -19.32
CA CYS D 292 19.21 11.27 -18.55
C CYS D 292 17.87 11.24 -19.31
N VAL D 293 17.50 12.35 -19.98
CA VAL D 293 16.16 12.45 -20.55
C VAL D 293 15.89 11.41 -21.63
N PRO D 294 16.75 11.19 -22.63
CA PRO D 294 16.44 10.15 -23.62
C PRO D 294 16.55 8.73 -23.08
N MET D 295 17.44 8.47 -22.13
CA MET D 295 17.73 7.10 -21.70
C MET D 295 16.88 6.63 -20.53
N GLU D 296 16.59 7.52 -19.58
CA GLU D 296 15.97 7.14 -18.32
C GLU D 296 14.61 7.77 -18.11
N GLY D 297 14.49 9.09 -18.22
CA GLY D 297 13.25 9.76 -17.94
C GLY D 297 13.55 11.20 -17.60
N PHE D 298 12.49 11.93 -17.26
CA PHE D 298 12.71 13.31 -16.85
C PHE D 298 13.62 13.34 -15.62
N VAL D 299 14.34 14.45 -15.47
CA VAL D 299 15.44 14.50 -14.52
C VAL D 299 15.01 14.48 -13.06
N THR D 300 13.72 14.56 -12.75
CA THR D 300 13.28 14.50 -11.36
C THR D 300 12.67 13.15 -10.98
N TYR D 301 12.76 12.14 -11.84
CA TYR D 301 12.43 10.78 -11.43
C TYR D 301 13.32 9.71 -12.07
N GLY D 302 13.96 9.99 -13.21
CA GLY D 302 15.02 9.13 -13.71
C GLY D 302 14.62 7.70 -13.99
N GLY D 303 13.38 7.48 -14.44
CA GLY D 303 12.91 6.13 -14.68
C GLY D 303 12.45 5.40 -13.43
N LEU D 304 12.15 6.11 -12.36
CA LEU D 304 11.61 5.52 -11.16
C LEU D 304 10.21 6.04 -10.90
N ALA D 305 9.34 5.19 -10.37
CA ALA D 305 8.11 5.70 -9.80
C ALA D 305 8.43 6.57 -8.60
N GLY D 306 7.55 7.53 -8.32
CA GLY D 306 7.75 8.37 -7.15
C GLY D 306 7.87 7.56 -5.88
N ARG D 307 7.08 6.50 -5.78
CA ARG D 307 7.10 5.65 -4.58
C ARG D 307 8.47 5.03 -4.36
N ASP D 308 9.23 4.79 -5.44
CA ASP D 308 10.53 4.19 -5.29
C ASP D 308 11.58 5.20 -4.83
N MET D 309 11.44 6.47 -5.25
CA MET D 309 12.26 7.52 -4.65
C MET D 309 11.96 7.67 -3.16
N ALA D 310 10.67 7.64 -2.78
CA ALA D 310 10.32 7.75 -1.36
C ALA D 310 10.94 6.61 -0.55
N ALA D 311 10.86 5.38 -1.06
CA ALA D 311 11.48 4.25 -0.37
C ALA D 311 12.99 4.41 -0.29
N MET D 312 13.61 5.02 -1.31
CA MET D 312 15.07 5.19 -1.31
C MET D 312 15.51 6.16 -0.23
N VAL D 313 14.81 7.28 -0.06
CA VAL D 313 15.15 8.20 1.01
C VAL D 313 15.18 7.48 2.35
N GLN D 314 14.09 6.76 2.66
CA GLN D 314 14.04 5.98 3.90
C GLN D 314 15.12 4.91 3.95
N GLY D 315 15.32 4.18 2.85
CA GLY D 315 16.31 3.11 2.85
C GLY D 315 17.74 3.61 3.00
N LEU D 316 18.05 4.76 2.41
CA LEU D 316 19.37 5.36 2.62
C LEU D 316 19.66 5.53 4.10
N GLU D 317 18.65 5.86 4.89
CA GLU D 317 18.84 6.06 6.32
C GLU D 317 18.96 4.72 7.05
N GLU D 318 18.10 3.76 6.71
CA GLU D 318 18.14 2.47 7.38
C GLU D 318 19.40 1.70 7.03
N GLY D 319 19.93 1.90 5.83
CA GLY D 319 21.12 1.18 5.42
C GLY D 319 22.38 1.58 6.17
N THR D 320 22.36 2.71 6.88
CA THR D 320 23.51 3.19 7.63
C THR D 320 23.48 2.82 9.12
N GLU D 321 22.41 2.23 9.62
CA GLU D 321 22.29 1.95 11.04
C GLU D 321 23.23 0.82 11.44
N GLU D 322 24.06 1.07 12.47
CA GLU D 322 25.16 0.16 12.77
C GLU D 322 24.67 -1.16 13.34
N GLU D 323 23.57 -1.16 14.11
CA GLU D 323 23.02 -2.41 14.63
C GLU D 323 22.58 -3.33 13.49
N TYR D 324 22.04 -2.76 12.41
CA TYR D 324 21.66 -3.55 11.24
C TYR D 324 22.89 -4.06 10.49
N LEU D 325 23.85 -3.19 10.20
CA LEU D 325 25.04 -3.63 9.49
C LEU D 325 25.78 -4.71 10.27
N HIS D 326 25.88 -4.54 11.60
CA HIS D 326 26.52 -5.54 12.44
CA HIS D 326 26.53 -5.54 12.43
C HIS D 326 25.90 -6.92 12.23
N TYR D 327 24.55 -6.97 12.26
CA TYR D 327 23.85 -8.24 12.07
CA TYR D 327 23.84 -8.23 12.07
C TYR D 327 24.00 -8.76 10.65
N ARG D 328 23.84 -7.87 9.67
CA ARG D 328 23.87 -8.29 8.26
C ARG D 328 25.21 -8.89 7.91
N ILE D 329 26.28 -8.18 8.22
CA ILE D 329 27.63 -8.66 7.92
C ILE D 329 27.96 -9.86 8.79
N GLY D 330 27.50 -9.87 10.03
CA GLY D 330 27.73 -11.01 10.90
C GLY D 330 27.07 -12.29 10.40
N GLN D 331 25.94 -12.16 9.69
CA GLN D 331 25.26 -13.32 9.12
C GLN D 331 26.05 -13.89 7.94
N VAL D 332 26.55 -13.00 7.07
CA VAL D 332 27.50 -13.42 6.04
C VAL D 332 28.70 -14.09 6.68
N LYS D 333 29.21 -13.51 7.77
CA LYS D 333 30.37 -14.08 8.46
C LYS D 333 30.04 -15.42 9.09
N TYR D 334 28.79 -15.61 9.55
CA TYR D 334 28.39 -16.89 10.13
C TYR D 334 28.40 -17.99 9.07
N LEU D 335 27.82 -17.72 7.90
CA LEU D 335 27.83 -18.72 6.83
C LEU D 335 29.26 -19.02 6.38
N GLY D 336 30.08 -17.98 6.20
CA GLY D 336 31.47 -18.20 5.84
C GLY D 336 32.21 -19.05 6.87
N ASP D 337 31.95 -18.81 8.15
CA ASP D 337 32.65 -19.57 9.18
C ASP D 337 32.21 -21.03 9.18
N ARG D 338 30.92 -21.30 8.99
CA ARG D 338 30.48 -22.69 8.87
C ARG D 338 31.22 -23.41 7.76
N LEU D 339 31.35 -22.76 6.60
CA LEU D 339 32.07 -23.35 5.47
C LEU D 339 33.56 -23.50 5.78
N ARG D 340 34.20 -22.45 6.31
CA ARG D 340 35.63 -22.50 6.55
C ARG D 340 35.99 -23.57 7.57
N GLU D 341 35.18 -23.74 8.61
CA GLU D 341 35.46 -24.75 9.63
C GLU D 341 35.44 -26.16 9.06
N ALA D 342 34.66 -26.40 8.00
CA ALA D 342 34.62 -27.71 7.36
C ALA D 342 35.69 -27.87 6.28
N GLY D 343 36.58 -26.89 6.13
CA GLY D 343 37.67 -27.00 5.19
C GLY D 343 37.40 -26.44 3.81
N ILE D 344 36.25 -25.83 3.59
CA ILE D 344 35.94 -25.22 2.29
C ILE D 344 36.72 -23.92 2.18
N PRO D 345 37.59 -23.77 1.18
CA PRO D 345 38.34 -22.52 1.05
C PRO D 345 37.43 -21.40 0.56
N ILE D 346 37.46 -20.27 1.27
CA ILE D 346 36.68 -19.10 0.94
C ILE D 346 37.61 -17.90 0.96
N GLN D 347 37.18 -16.84 0.29
CA GLN D 347 37.84 -15.56 0.47
C GLN D 347 37.66 -15.17 1.94
N TYR D 348 38.78 -15.03 2.66
CA TYR D 348 38.76 -14.83 4.10
C TYR D 348 39.57 -13.58 4.44
N PRO D 349 39.02 -12.65 5.22
CA PRO D 349 37.71 -12.66 5.88
C PRO D 349 36.54 -12.50 4.90
N THR D 350 35.33 -12.88 5.29
CA THR D 350 34.16 -12.65 4.45
C THR D 350 33.89 -11.15 4.34
N GLY D 351 33.42 -10.75 3.17
CA GLY D 351 33.03 -9.38 2.92
C GLY D 351 31.62 -9.10 3.38
N GLY D 352 31.02 -8.07 2.79
CA GLY D 352 29.80 -7.52 3.35
C GLY D 352 28.52 -8.22 2.93
N HIS D 353 28.48 -8.77 1.72
CA HIS D 353 27.21 -9.18 1.13
C HIS D 353 27.16 -10.63 0.68
N ALA D 354 28.26 -11.38 0.75
CA ALA D 354 28.30 -12.69 0.12
C ALA D 354 29.52 -13.44 0.60
N VAL D 355 29.42 -14.76 0.59
CA VAL D 355 30.54 -15.65 0.82
C VAL D 355 31.03 -16.13 -0.53
N PHE D 356 32.32 -15.97 -0.79
CA PHE D 356 32.93 -16.33 -2.07
C PHE D 356 33.75 -17.60 -1.87
N VAL D 357 33.30 -18.69 -2.44
CA VAL D 357 33.99 -19.96 -2.32
C VAL D 357 35.01 -20.06 -3.44
N ASP D 358 36.27 -20.34 -3.07
CA ASP D 358 37.39 -20.36 -4.01
C ASP D 358 37.39 -21.72 -4.70
N CYS D 359 36.88 -21.75 -5.94
CA CYS D 359 36.74 -23.00 -6.67
C CYS D 359 37.99 -23.38 -7.48
N LYS D 360 38.98 -22.50 -7.57
CA LYS D 360 40.28 -22.94 -8.06
C LYS D 360 40.87 -23.99 -7.13
N LYS D 361 40.60 -23.85 -5.83
CA LYS D 361 41.10 -24.76 -4.81
C LYS D 361 40.14 -25.89 -4.51
N LEU D 362 38.83 -25.66 -4.63
CA LEU D 362 37.86 -26.69 -4.32
C LEU D 362 37.77 -27.74 -5.43
N VAL D 363 37.88 -27.33 -6.69
CA VAL D 363 37.82 -28.28 -7.80
C VAL D 363 39.02 -28.06 -8.72
N PRO D 364 40.23 -28.44 -8.29
CA PRO D 364 41.42 -28.10 -9.09
C PRO D 364 41.51 -28.84 -10.44
N GLN D 365 40.70 -29.88 -10.66
CA GLN D 365 40.76 -30.65 -11.90
C GLN D 365 40.14 -29.93 -13.10
N ILE D 366 39.35 -28.88 -12.89
CA ILE D 366 38.66 -28.19 -13.98
C ILE D 366 39.45 -26.93 -14.32
N PRO D 367 39.95 -26.79 -15.55
CA PRO D 367 40.67 -25.57 -15.92
C PRO D 367 39.76 -24.34 -15.93
N GLY D 368 40.37 -23.18 -15.72
CA GLY D 368 39.60 -21.95 -15.57
C GLY D 368 38.72 -21.63 -16.75
N ASP D 369 39.23 -21.84 -17.97
CA ASP D 369 38.42 -21.61 -19.17
CA ASP D 369 38.43 -21.64 -19.18
C ASP D 369 37.19 -22.52 -19.22
N GLN D 370 37.19 -23.61 -18.45
CA GLN D 370 36.06 -24.53 -18.41
CA GLN D 370 36.09 -24.57 -18.38
C GLN D 370 35.08 -24.24 -17.29
N PHE D 371 35.28 -23.14 -16.53
CA PHE D 371 34.38 -22.60 -15.52
C PHE D 371 34.14 -23.55 -14.35
N PRO D 372 35.14 -23.82 -13.52
CA PRO D 372 34.95 -24.76 -12.39
C PRO D 372 33.94 -24.28 -11.36
N ALA D 373 33.80 -22.97 -11.16
CA ALA D 373 32.81 -22.49 -10.21
C ALA D 373 31.40 -22.81 -10.67
N GLN D 374 31.15 -22.71 -11.99
CA GLN D 374 29.83 -23.04 -12.50
C GLN D 374 29.51 -24.51 -12.32
N ALA D 375 30.54 -25.35 -12.29
CA ALA D 375 30.34 -26.77 -12.03
C ALA D 375 29.90 -27.00 -10.59
N VAL D 376 30.48 -26.26 -9.65
CA VAL D 376 30.09 -26.41 -8.26
C VAL D 376 28.70 -25.84 -8.01
N ILE D 377 28.40 -24.70 -8.64
CA ILE D 377 27.07 -24.10 -8.52
C ILE D 377 25.98 -25.09 -8.92
N ASN D 378 26.14 -25.68 -10.12
CA ASN D 378 25.12 -26.60 -10.64
C ASN D 378 24.95 -27.80 -9.71
N ALA D 379 26.07 -28.37 -9.26
CA ALA D 379 26.00 -29.49 -8.33
C ALA D 379 25.30 -29.10 -7.04
N LEU D 380 25.60 -27.91 -6.52
CA LEU D 380 24.91 -27.47 -5.30
C LEU D 380 23.41 -27.35 -5.54
N TYR D 381 23.01 -26.82 -6.69
CA TYR D 381 21.59 -26.64 -6.96
C TYR D 381 20.87 -27.97 -7.05
N LEU D 382 21.44 -28.92 -7.80
CA LEU D 382 20.84 -30.25 -7.91
C LEU D 382 20.69 -30.93 -6.56
N GLU D 383 21.48 -30.53 -5.57
CA GLU D 383 21.50 -31.16 -4.26
C GLU D 383 20.51 -30.55 -3.27
N SER D 384 20.19 -29.26 -3.41
CA SER D 384 19.55 -28.51 -2.33
C SER D 384 18.49 -27.50 -2.75
N GLY D 385 18.34 -27.19 -4.03
CA GLY D 385 17.46 -26.12 -4.46
C GLY D 385 18.05 -24.74 -4.34
N VAL D 386 19.29 -24.61 -3.86
CA VAL D 386 19.94 -23.32 -3.65
C VAL D 386 20.58 -22.88 -4.96
N ARG D 387 20.34 -21.63 -5.36
CA ARG D 387 20.89 -21.09 -6.59
C ARG D 387 21.95 -20.04 -6.26
N ALA D 388 23.18 -20.30 -6.67
CA ALA D 388 24.31 -19.39 -6.49
C ALA D 388 24.74 -18.86 -7.86
N VAL D 389 25.79 -18.05 -7.87
CA VAL D 389 26.23 -17.40 -9.10
C VAL D 389 27.76 -17.41 -9.20
N GLU D 390 28.25 -17.38 -10.43
CA GLU D 390 29.67 -17.50 -10.70
C GLU D 390 30.33 -16.13 -10.78
N ILE D 391 31.46 -15.97 -10.10
CA ILE D 391 32.28 -14.76 -10.24
C ILE D 391 33.69 -15.18 -10.61
N GLY D 392 33.86 -15.67 -11.84
CA GLY D 392 35.15 -16.10 -12.30
C GLY D 392 35.33 -15.87 -13.78
N SER D 393 35.80 -16.89 -14.51
CA SER D 393 36.06 -16.72 -15.93
C SER D 393 34.78 -16.53 -16.73
N PHE D 394 33.68 -17.12 -16.28
CA PHE D 394 32.40 -16.95 -16.98
C PHE D 394 31.98 -15.48 -16.97
N LEU D 395 31.87 -14.89 -15.78
CA LEU D 395 31.48 -13.48 -15.68
C LEU D 395 32.51 -12.55 -16.34
N LEU D 396 33.80 -12.86 -16.18
CA LEU D 396 34.83 -11.94 -16.68
C LEU D 396 34.77 -11.78 -18.19
N GLY D 397 34.45 -12.85 -18.91
CA GLY D 397 34.21 -12.75 -20.33
C GLY D 397 35.47 -12.51 -21.15
N ARG D 398 35.26 -12.27 -22.44
CA ARG D 398 36.35 -12.09 -23.38
C ARG D 398 36.82 -10.64 -23.42
N ASP D 399 38.05 -10.47 -23.89
CA ASP D 399 38.62 -9.15 -24.06
C ASP D 399 38.20 -8.58 -25.41
N PRO D 400 37.70 -7.34 -25.47
CA PRO D 400 37.26 -6.77 -26.75
C PRO D 400 38.36 -6.73 -27.81
N ALA D 401 39.61 -6.48 -27.42
CA ALA D 401 40.69 -6.38 -28.40
C ALA D 401 41.07 -7.75 -28.93
N THR D 402 41.47 -8.67 -28.04
CA THR D 402 41.93 -10.00 -28.47
C THR D 402 40.78 -10.90 -28.90
N GLY D 403 39.59 -10.74 -28.33
CA GLY D 403 38.50 -11.64 -28.59
C GLY D 403 38.53 -12.93 -27.80
N GLU D 404 39.54 -13.12 -26.95
CA GLU D 404 39.73 -14.33 -26.18
C GLU D 404 39.40 -14.08 -24.72
N GLN D 405 39.32 -15.17 -23.95
CA GLN D 405 39.03 -15.11 -22.52
C GLN D 405 39.94 -14.14 -21.79
N LYS D 406 39.35 -13.24 -21.01
CA LYS D 406 40.14 -12.39 -20.13
C LYS D 406 40.80 -13.25 -19.05
N HIS D 407 42.04 -12.92 -18.71
CA HIS D 407 42.76 -13.69 -17.70
C HIS D 407 42.12 -13.51 -16.33
N ALA D 408 41.62 -14.60 -15.77
CA ALA D 408 40.92 -14.56 -14.48
C ALA D 408 41.88 -15.00 -13.38
N ASP D 409 42.11 -14.12 -12.42
CA ASP D 409 42.95 -14.41 -11.25
C ASP D 409 42.17 -15.05 -10.11
N MET D 410 40.85 -15.14 -10.22
CA MET D 410 39.98 -15.67 -9.16
C MET D 410 38.87 -16.48 -9.82
N GLU D 411 38.47 -17.58 -9.19
CA GLU D 411 37.40 -18.45 -9.70
C GLU D 411 36.43 -18.77 -8.55
N PHE D 412 35.46 -17.88 -8.33
CA PHE D 412 34.59 -17.95 -7.16
C PHE D 412 33.19 -18.44 -7.52
N MET D 413 32.60 -19.20 -6.60
CA MET D 413 31.16 -19.33 -6.49
C MET D 413 30.67 -18.36 -5.42
N ARG D 414 29.78 -17.47 -5.77
CA ARG D 414 29.28 -16.45 -4.87
C ARG D 414 27.96 -16.87 -4.24
N LEU D 415 27.96 -17.02 -2.91
CA LEU D 415 26.73 -17.20 -2.14
C LEU D 415 26.24 -15.84 -1.67
N THR D 416 25.39 -15.19 -2.47
CA THR D 416 24.98 -13.80 -2.26
C THR D 416 23.74 -13.73 -1.36
N ILE D 417 23.81 -12.92 -0.31
CA ILE D 417 22.77 -12.88 0.73
C ILE D 417 21.99 -11.58 0.62
N ALA D 418 20.70 -11.68 0.34
CA ALA D 418 19.81 -10.53 0.40
C ALA D 418 19.71 -9.98 1.83
N ARG D 419 19.32 -8.72 1.94
CA ARG D 419 19.29 -8.05 3.25
C ARG D 419 17.94 -8.30 3.93
N ARG D 420 18.00 -8.85 5.15
CA ARG D 420 16.86 -9.02 6.04
C ARG D 420 15.84 -9.99 5.49
N VAL D 421 16.29 -10.97 4.72
CA VAL D 421 15.42 -11.89 4.01
C VAL D 421 15.47 -13.29 4.61
N TYR D 422 16.67 -13.80 4.88
CA TYR D 422 16.87 -15.16 5.36
C TYR D 422 17.41 -15.14 6.78
N THR D 423 17.08 -16.18 7.55
CA THR D 423 17.58 -16.30 8.92
C THR D 423 18.86 -17.12 8.97
N ASN D 424 19.47 -17.18 10.15
CA ASN D 424 20.66 -18.00 10.31
C ASN D 424 20.36 -19.48 10.19
N ASP D 425 19.09 -19.88 10.32
CA ASP D 425 18.72 -21.26 10.02
C ASP D 425 18.71 -21.53 8.51
N HIS D 426 18.32 -20.54 7.69
CA HIS D 426 18.57 -20.69 6.26
C HIS D 426 20.06 -20.79 5.97
N MET D 427 20.89 -19.99 6.66
CA MET D 427 22.34 -20.09 6.50
C MET D 427 22.86 -21.48 6.85
N ASP D 428 22.35 -22.07 7.93
CA ASP D 428 22.71 -23.45 8.26
C ASP D 428 22.31 -24.41 7.15
N TYR D 429 21.15 -24.20 6.54
CA TYR D 429 20.74 -25.08 5.44
C TYR D 429 21.71 -24.99 4.27
N ILE D 430 22.11 -23.77 3.90
CA ILE D 430 23.08 -23.61 2.82
C ILE D 430 24.40 -24.28 3.19
N ALA D 431 24.86 -24.04 4.42
CA ALA D 431 26.16 -24.57 4.84
C ALA D 431 26.17 -26.08 4.82
N ASP D 432 25.11 -26.72 5.34
CA ASP D 432 25.06 -28.18 5.39
C ASP D 432 24.98 -28.78 3.99
N ALA D 433 24.28 -28.12 3.08
CA ALA D 433 24.22 -28.59 1.70
C ALA D 433 25.62 -28.63 1.08
N LEU D 434 26.35 -27.52 1.14
CA LEU D 434 27.66 -27.48 0.49
C LEU D 434 28.67 -28.36 1.23
N ILE D 435 28.60 -28.41 2.55
CA ILE D 435 29.51 -29.29 3.28
C ILE D 435 29.23 -30.74 2.94
N GLY D 436 27.96 -31.08 2.67
CA GLY D 436 27.60 -32.44 2.34
C GLY D 436 28.12 -32.94 1.02
N LEU D 437 28.69 -32.06 0.18
CA LEU D 437 29.23 -32.43 -1.11
C LEU D 437 30.73 -32.67 -1.08
N LYS D 438 31.29 -32.96 0.10
CA LYS D 438 32.73 -33.10 0.22
C LYS D 438 33.26 -34.18 -0.71
N GLU D 439 32.58 -35.33 -0.77
CA GLU D 439 33.12 -36.46 -1.54
C GLU D 439 33.01 -36.23 -3.05
N LYS D 440 32.03 -35.45 -3.50
CA LYS D 440 31.76 -35.33 -4.93
C LYS D 440 32.61 -34.28 -5.63
N PHE D 441 33.40 -33.49 -4.90
CA PHE D 441 34.01 -32.31 -5.50
C PHE D 441 35.06 -32.67 -6.55
N ALA D 442 35.83 -33.74 -6.34
CA ALA D 442 36.88 -34.10 -7.28
C ALA D 442 36.33 -34.65 -8.59
N THR D 443 35.06 -35.03 -8.64
CA THR D 443 34.47 -35.71 -9.78
C THR D 443 33.83 -34.75 -10.80
N LEU D 444 33.80 -33.46 -10.52
CA LEU D 444 33.06 -32.53 -11.37
C LEU D 444 33.81 -32.23 -12.67
N LYS D 445 33.04 -31.93 -13.72
CA LYS D 445 33.57 -31.60 -15.03
C LYS D 445 32.91 -30.32 -15.55
N GLY D 446 33.71 -29.44 -16.15
CA GLY D 446 33.23 -28.14 -16.60
C GLY D 446 32.29 -28.16 -17.79
N LEU D 447 32.18 -27.01 -18.47
CA LEU D 447 31.12 -26.81 -19.45
C LEU D 447 31.67 -26.16 -20.71
N GLU D 448 30.82 -26.06 -21.72
CA GLU D 448 31.15 -25.46 -23.01
C GLU D 448 30.01 -24.56 -23.46
N PHE D 449 30.28 -23.70 -24.44
CA PHE D 449 29.31 -22.71 -24.91
C PHE D 449 28.48 -23.28 -26.06
N GLU D 450 27.16 -23.30 -25.89
CA GLU D 450 26.24 -23.54 -27.01
C GLU D 450 25.76 -22.24 -27.64
N TYR D 451 25.69 -21.17 -26.84
CA TYR D 451 25.28 -19.86 -27.32
C TYR D 451 26.00 -18.84 -26.45
N GLU D 452 26.82 -17.99 -27.07
CA GLU D 452 27.60 -17.01 -26.33
C GLU D 452 27.26 -15.59 -26.77
N PRO D 453 26.58 -14.81 -25.92
CA PRO D 453 26.37 -13.40 -26.26
C PRO D 453 27.69 -12.67 -26.34
N PRO D 454 27.79 -11.65 -27.20
CA PRO D 454 29.05 -10.89 -27.29
C PRO D 454 29.29 -9.96 -26.11
N VAL D 455 28.24 -9.55 -25.39
CA VAL D 455 28.36 -8.61 -24.28
C VAL D 455 27.61 -9.19 -23.08
N LEU D 456 28.28 -9.24 -21.93
CA LEU D 456 27.72 -9.78 -20.70
C LEU D 456 27.09 -11.17 -20.95
N ARG D 457 27.96 -12.09 -21.36
CA ARG D 457 27.57 -13.41 -21.85
C ARG D 457 27.00 -14.31 -20.75
N HIS D 458 27.37 -14.10 -19.48
CA HIS D 458 27.02 -15.02 -18.40
C HIS D 458 25.54 -14.98 -18.03
N PHE D 459 24.80 -13.96 -18.47
CA PHE D 459 23.39 -13.85 -18.09
C PHE D 459 22.51 -14.78 -18.91
N THR D 460 22.82 -14.97 -20.18
CA THR D 460 21.90 -15.64 -21.08
C THR D 460 22.56 -16.76 -21.86
N ALA D 461 23.84 -17.04 -21.62
CA ALA D 461 24.52 -18.14 -22.31
C ALA D 461 23.90 -19.47 -21.92
N ARG D 462 23.92 -20.41 -22.86
CA ARG D 462 23.44 -21.77 -22.65
CA ARG D 462 23.45 -21.76 -22.63
C ARG D 462 24.62 -22.72 -22.82
N LEU D 463 24.83 -23.56 -21.80
CA LEU D 463 26.01 -24.40 -21.71
C LEU D 463 25.64 -25.88 -21.79
N LYS D 464 26.69 -26.71 -21.89
CA LYS D 464 26.59 -28.15 -22.01
C LYS D 464 27.77 -28.79 -21.29
N PRO D 465 27.54 -29.78 -20.42
CA PRO D 465 28.66 -30.38 -19.66
C PRO D 465 29.68 -31.07 -20.55
N ILE D 466 30.75 -31.59 -19.95
CA ILE D 466 31.83 -32.22 -20.70
C ILE D 466 32.04 -33.65 -20.21
#